data_3UR0
#
_entry.id   3UR0
#
_cell.length_a   120.840
_cell.length_b   196.510
_cell.length_c   109.070
_cell.angle_alpha   90.00
_cell.angle_beta   114.55
_cell.angle_gamma   90.00
#
_symmetry.space_group_name_H-M   'C 1 2 1'
#
loop_
_entity.id
_entity.type
_entity.pdbx_description
1 polymer 'RNA-dependent RNA polymerase'
2 non-polymer 'SULFATE ION'
3 non-polymer "8,8'-[CARBONYLBIS[IMINO-3,1-PHENYLENECARBONYLIMINO(4-METHYL-3,1-PHENYLENE)CARBONYLIMINO]]BIS-1,3,5-NAPHTHALENETRISULFON IC ACID"
4 water water
#
_entity_poly.entity_id   1
_entity_poly.type   'polypeptide(L)'
_entity_poly.pdbx_seq_one_letter_code
;MLPRPSGTYAGLPIADYGDAPPLSTKTMFWRTSPEKLPPGAWEPAYLGSKDERVDGPSLQQVMRDQLKPYSEPRGLLPPQ
EILDAVCDAIENRLENTLEPQKPWTFKKACESLDKNTSSGYPYHKQKSKDWTGSAFIGDLGDQATHANNMYEMGKSMRPI
YTAALKDELVKPDKIYGKIKKRLLWGSDLGTMIRAARAFGPFCDALKETCIFNPIRVGMSMNEDGPFIFARHANFRYHMD
ADYTRWDSTQQRAILKRAGDIMVRLSPEPDLARVVMDDLLAPSLLDVGDYKIVVEEGLPSGCPCTTQLNSLAHWILTLCA
MVEVTRVDPDIVMQESEFSFYGDDEVVSTNLELDMVKYTMALRRYGLLPTRADKEEGPLERRQTLQGISFLRRAIVGDQF
GWYGRLDRASIDRQLLWTKGPNHQNPFETLPGHAQRPSQLMALLGEAAMHGEKYYRTVASRVSKEAAQSGIEMVVPRHRS
VLRWVRFGTMDAETPQERSAVFVNEDELEHHHHHH
;
_entity_poly.pdbx_strand_id   A,B,C
#
loop_
_chem_comp.id
_chem_comp.type
_chem_comp.name
_chem_comp.formula
SO4 non-polymer 'SULFATE ION' 'O4 S -2'
SVR non-polymer '8,8'-[CARBONYLBIS[IMINO-3,1-PHENYLENECARBONYLIMINO(4-METHYL-3,1-PHENYLENE)CARBONYLIMINO]]BIS-1,3,5-NAPHTHALENETRISULFON IC ACID' 'C51 H40 N6 O23 S6'
#
# COMPACT_ATOMS: atom_id res chain seq x y z
N ARG A 4 -39.87 40.54 -25.80
CA ARG A 4 -38.84 40.90 -24.77
C ARG A 4 -39.28 40.44 -23.37
N PRO A 5 -39.76 39.18 -23.25
CA PRO A 5 -40.63 38.79 -22.12
C PRO A 5 -39.92 38.75 -20.78
N SER A 6 -40.68 38.45 -19.73
CA SER A 6 -40.15 38.44 -18.38
C SER A 6 -40.98 37.60 -17.43
N GLY A 7 -40.44 37.38 -16.24
CA GLY A 7 -41.07 36.54 -15.24
C GLY A 7 -40.32 35.24 -15.07
N THR A 8 -40.96 34.30 -14.40
CA THR A 8 -40.38 33.02 -14.09
C THR A 8 -41.08 31.95 -14.93
N TYR A 9 -40.31 30.99 -15.42
CA TYR A 9 -40.82 29.76 -15.98
C TYR A 9 -40.21 28.60 -15.18
N ALA A 10 -41.07 27.80 -14.56
CA ALA A 10 -40.65 26.69 -13.71
C ALA A 10 -39.61 27.10 -12.67
N GLY A 11 -39.86 28.21 -11.99
CA GLY A 11 -38.97 28.70 -10.94
C GLY A 11 -37.73 29.46 -11.44
N LEU A 12 -37.56 29.56 -12.75
CA LEU A 12 -36.33 30.11 -13.32
C LEU A 12 -36.60 31.37 -14.14
N PRO A 13 -35.65 32.31 -14.18
CA PRO A 13 -35.95 33.58 -14.86
C PRO A 13 -36.11 33.41 -16.37
N ILE A 14 -37.12 34.01 -16.95
CA ILE A 14 -37.30 34.01 -18.40
C ILE A 14 -36.38 35.06 -19.06
N ALA A 15 -35.67 34.68 -20.12
CA ALA A 15 -34.76 35.62 -20.79
C ALA A 15 -35.29 36.10 -22.12
N ASP A 16 -35.95 35.20 -22.85
CA ASP A 16 -36.48 35.53 -24.16
C ASP A 16 -37.51 34.48 -24.58
N TYR A 17 -38.15 34.72 -25.74
CA TYR A 17 -39.00 33.73 -26.37
C TYR A 17 -38.06 32.64 -26.84
N GLY A 18 -38.58 31.42 -26.93
CA GLY A 18 -37.80 30.30 -27.39
C GLY A 18 -37.95 30.07 -28.88
N ASP A 19 -37.07 29.24 -29.43
CA ASP A 19 -37.11 28.88 -30.84
C ASP A 19 -37.15 27.38 -30.98
N ALA A 20 -37.11 26.67 -29.85
CA ALA A 20 -37.16 25.22 -29.91
C ALA A 20 -38.42 24.78 -30.62
N PRO A 21 -38.30 23.78 -31.50
CA PRO A 21 -39.49 23.09 -31.97
C PRO A 21 -40.08 22.28 -30.81
N PRO A 22 -41.26 21.67 -31.01
CA PRO A 22 -41.93 21.00 -29.91
C PRO A 22 -41.23 19.70 -29.55
N LEU A 23 -41.34 19.32 -28.29
CA LEU A 23 -40.84 18.05 -27.81
C LEU A 23 -41.41 16.88 -28.59
N SER A 24 -40.56 15.91 -28.89
CA SER A 24 -40.95 14.80 -29.72
C SER A 24 -41.94 13.93 -28.96
N THR A 25 -42.94 13.44 -29.67
CA THR A 25 -43.93 12.57 -29.06
C THR A 25 -43.67 11.14 -29.54
N LYS A 26 -42.47 10.89 -30.04
CA LYS A 26 -42.15 9.61 -30.66
C LYS A 26 -41.06 8.81 -29.96
N THR A 27 -41.13 7.48 -30.05
CA THR A 27 -40.04 6.62 -29.56
C THR A 27 -39.31 5.89 -30.71
N MET A 28 -38.08 5.44 -30.44
CA MET A 28 -37.25 4.69 -31.39
C MET A 28 -37.26 3.20 -31.08
N PHE A 29 -37.84 2.85 -29.93
CA PHE A 29 -37.92 1.48 -29.54
C PHE A 29 -39.16 0.83 -30.14
N TRP A 30 -38.97 -0.40 -30.59
CA TRP A 30 -40.01 -1.22 -31.19
C TRP A 30 -39.93 -2.56 -30.52
N ARG A 31 -41.09 -3.18 -30.32
CA ARG A 31 -41.10 -4.53 -29.79
C ARG A 31 -40.51 -5.45 -30.85
N THR A 32 -39.92 -6.56 -30.41
CA THR A 32 -39.29 -7.55 -31.28
C THR A 32 -40.26 -8.69 -31.64
N SER A 33 -41.33 -8.82 -30.86
CA SER A 33 -42.38 -9.80 -31.11
C SER A 33 -43.78 -9.21 -30.80
N PRO A 34 -44.85 -9.84 -31.29
CA PRO A 34 -46.13 -9.23 -31.00
C PRO A 34 -46.66 -9.60 -29.61
N GLU A 35 -46.15 -10.70 -29.04
CA GLU A 35 -46.64 -11.23 -27.77
C GLU A 35 -46.83 -10.17 -26.70
N LYS A 36 -47.87 -10.33 -25.88
CA LYS A 36 -48.13 -9.40 -24.78
C LYS A 36 -46.95 -9.34 -23.79
N LEU A 37 -47.00 -8.35 -22.92
CA LEU A 37 -45.91 -8.03 -22.01
C LEU A 37 -46.47 -8.01 -20.59
N PRO A 38 -45.80 -8.69 -19.64
CA PRO A 38 -46.21 -8.66 -18.25
C PRO A 38 -46.27 -7.22 -17.69
N PRO A 39 -47.04 -6.99 -16.61
CA PRO A 39 -47.10 -5.64 -15.99
C PRO A 39 -45.79 -5.21 -15.28
N GLY A 40 -44.80 -6.11 -15.21
CA GLY A 40 -43.49 -5.81 -14.64
C GLY A 40 -42.50 -5.14 -15.59
N ALA A 41 -42.71 -5.31 -16.90
CA ALA A 41 -41.71 -4.99 -17.92
C ALA A 41 -41.44 -3.51 -18.23
N TRP A 42 -40.18 -3.17 -18.47
CA TRP A 42 -39.82 -1.84 -18.87
C TRP A 42 -40.36 -1.53 -20.26
N GLU A 43 -40.76 -0.27 -20.45
CA GLU A 43 -41.27 0.24 -21.73
C GLU A 43 -40.64 1.62 -21.99
N PRO A 44 -40.77 2.15 -23.21
CA PRO A 44 -40.15 3.47 -23.37
C PRO A 44 -40.89 4.57 -22.58
N ALA A 45 -40.15 5.59 -22.19
CA ALA A 45 -40.69 6.64 -21.34
C ALA A 45 -41.87 7.36 -22.02
N TYR A 46 -42.64 8.07 -21.20
CA TYR A 46 -43.90 8.68 -21.59
C TYR A 46 -43.79 9.53 -22.84
N LEU A 47 -44.80 9.39 -23.70
CA LEU A 47 -44.78 9.99 -25.02
C LEU A 47 -45.74 11.17 -25.17
N GLY A 48 -46.36 11.58 -24.07
CA GLY A 48 -47.11 12.84 -24.03
C GLY A 48 -48.62 12.71 -24.16
N SER A 49 -49.27 13.81 -24.54
CA SER A 49 -50.71 13.81 -24.83
C SER A 49 -51.20 12.66 -25.72
N LYS A 50 -50.48 12.39 -26.83
CA LYS A 50 -50.80 11.32 -27.78
C LYS A 50 -50.49 9.88 -27.31
N ASP A 51 -49.86 9.74 -26.14
CA ASP A 51 -49.46 8.42 -25.68
C ASP A 51 -50.65 7.57 -25.28
N GLU A 52 -50.93 6.55 -26.09
CA GLU A 52 -52.08 5.68 -25.90
C GLU A 52 -52.04 4.87 -24.63
N ARG A 53 -50.85 4.58 -24.09
CA ARG A 53 -50.76 3.70 -22.89
C ARG A 53 -51.42 4.30 -21.64
N VAL A 54 -51.38 5.62 -21.54
CA VAL A 54 -51.88 6.35 -20.38
C VAL A 54 -52.17 7.80 -20.74
N ASP A 55 -53.34 8.26 -20.30
CA ASP A 55 -53.66 9.66 -20.43
C ASP A 55 -53.04 10.33 -19.21
N GLY A 56 -51.98 11.09 -19.44
CA GLY A 56 -51.26 11.79 -18.37
C GLY A 56 -51.06 13.25 -18.68
N PRO A 57 -50.09 13.90 -18.04
CA PRO A 57 -49.91 15.33 -18.25
C PRO A 57 -49.21 15.66 -19.59
N SER A 58 -49.12 16.95 -19.90
CA SER A 58 -48.44 17.39 -21.10
C SER A 58 -46.92 17.19 -20.96
N LEU A 59 -46.22 17.05 -22.09
CA LEU A 59 -44.76 16.98 -22.08
C LEU A 59 -44.15 18.23 -21.44
N GLN A 60 -44.71 19.40 -21.75
CA GLN A 60 -44.19 20.63 -21.18
C GLN A 60 -44.28 20.56 -19.66
N GLN A 61 -45.39 20.02 -19.17
CA GLN A 61 -45.54 19.85 -17.73
C GLN A 61 -44.42 18.94 -17.18
N VAL A 62 -44.19 17.81 -17.84
CA VAL A 62 -43.13 16.90 -17.43
C VAL A 62 -41.75 17.57 -17.38
N MET A 63 -41.46 18.42 -18.36
CA MET A 63 -40.21 19.14 -18.35
C MET A 63 -40.11 20.16 -17.19
N ARG A 64 -41.20 20.86 -16.93
CA ARG A 64 -41.26 21.75 -15.79
C ARG A 64 -40.88 20.99 -14.53
N ASP A 65 -41.44 19.79 -14.35
CA ASP A 65 -41.15 19.03 -13.14
C ASP A 65 -39.64 18.73 -13.07
N GLN A 66 -39.02 18.50 -14.22
CA GLN A 66 -37.58 18.28 -14.28
C GLN A 66 -36.78 19.54 -13.99
N LEU A 67 -37.31 20.72 -14.30
CA LEU A 67 -36.54 21.96 -14.16
C LEU A 67 -36.49 22.52 -12.73
N LYS A 68 -37.38 22.08 -11.87
CA LYS A 68 -37.50 22.63 -10.52
C LYS A 68 -36.29 22.52 -9.63
N PRO A 69 -35.71 21.34 -9.53
CA PRO A 69 -34.47 21.18 -8.76
C PRO A 69 -33.38 22.22 -9.04
N TYR A 70 -33.32 22.78 -10.25
CA TYR A 70 -32.35 23.82 -10.56
C TYR A 70 -32.68 25.17 -9.90
N SER A 71 -33.91 25.32 -9.40
CA SER A 71 -34.33 26.57 -8.73
C SER A 71 -33.96 26.50 -7.28
N GLU A 72 -33.69 25.27 -6.81
CA GLU A 72 -33.49 24.99 -5.40
C GLU A 72 -32.19 25.60 -4.92
N PRO A 73 -32.12 26.01 -3.63
CA PRO A 73 -30.90 26.59 -3.06
C PRO A 73 -29.76 25.61 -3.11
N ARG A 74 -28.57 26.08 -3.52
CA ARG A 74 -27.33 25.32 -3.41
C ARG A 74 -27.00 24.85 -1.98
N GLY A 75 -26.29 23.72 -1.89
CA GLY A 75 -25.66 23.31 -0.65
C GLY A 75 -24.43 24.16 -0.39
N LEU A 76 -23.62 23.78 0.59
CA LEU A 76 -22.43 24.54 0.93
C LEU A 76 -21.21 24.05 0.14
N LEU A 77 -20.27 24.96 -0.05
CA LEU A 77 -18.93 24.62 -0.50
C LEU A 77 -18.10 23.95 0.60
N PRO A 78 -17.24 23.01 0.24
CA PRO A 78 -16.25 22.52 1.20
C PRO A 78 -15.37 23.68 1.69
N PRO A 79 -14.80 23.56 2.91
CA PRO A 79 -13.92 24.62 3.42
C PRO A 79 -12.84 24.92 2.40
N GLN A 80 -12.63 26.21 2.13
CA GLN A 80 -11.73 26.67 1.08
C GLN A 80 -10.39 25.90 1.03
N GLU A 81 -9.75 25.73 2.18
CA GLU A 81 -8.42 25.15 2.20
C GLU A 81 -8.47 23.72 1.69
N ILE A 82 -9.56 23.01 2.00
CA ILE A 82 -9.76 21.67 1.46
C ILE A 82 -10.01 21.67 -0.07
N LEU A 83 -10.94 22.48 -0.53
CA LEU A 83 -11.18 22.67 -1.95
C LEU A 83 -9.85 22.98 -2.67
N ASP A 84 -9.09 23.92 -2.14
CA ASP A 84 -7.80 24.24 -2.75
C ASP A 84 -6.80 23.08 -2.84
N ALA A 85 -6.65 22.36 -1.73
CA ALA A 85 -5.72 21.24 -1.67
C ALA A 85 -6.21 20.05 -2.48
N VAL A 86 -7.51 19.97 -2.71
CA VAL A 86 -8.03 18.87 -3.48
C VAL A 86 -7.85 19.11 -4.97
N CYS A 87 -8.22 20.32 -5.41
CA CYS A 87 -8.04 20.79 -6.78
C CYS A 87 -6.57 20.62 -7.19
N ASP A 88 -5.63 21.11 -6.36
CA ASP A 88 -4.19 20.99 -6.68
C ASP A 88 -3.73 19.53 -6.79
N ALA A 89 -4.06 18.74 -5.77
CA ALA A 89 -3.75 17.32 -5.77
C ALA A 89 -4.29 16.59 -7.02
N ILE A 90 -5.51 16.92 -7.42
CA ILE A 90 -6.09 16.28 -8.57
C ILE A 90 -5.31 16.67 -9.82
N GLU A 91 -5.03 17.96 -9.98
CA GLU A 91 -4.44 18.39 -11.21
C GLU A 91 -2.96 18.03 -11.23
N ASN A 92 -2.37 17.92 -10.04
CA ASN A 92 -1.00 17.42 -9.92
C ASN A 92 -0.94 15.99 -10.47
N ARG A 93 -1.82 15.13 -9.93
CA ARG A 93 -1.96 13.77 -10.41
C ARG A 93 -2.09 13.66 -11.94
N LEU A 94 -2.89 14.56 -12.51
CA LEU A 94 -3.13 14.56 -13.95
C LEU A 94 -1.93 15.06 -14.76
N GLU A 95 -1.23 16.06 -14.26
CA GLU A 95 0.02 16.50 -14.87
C GLU A 95 1.03 15.35 -14.95
N ASN A 96 1.05 14.50 -13.91
CA ASN A 96 1.94 13.34 -13.84
C ASN A 96 1.58 12.24 -14.79
N THR A 97 0.29 12.04 -15.07
CA THR A 97 -0.07 10.88 -15.85
C THR A 97 -0.41 11.19 -17.30
N LEU A 98 -0.88 12.41 -17.58
CA LEU A 98 -1.40 12.69 -18.90
C LEU A 98 -0.32 13.01 -19.93
N GLU A 99 -0.42 12.33 -21.07
CA GLU A 99 0.45 12.57 -22.21
C GLU A 99 0.08 13.91 -22.88
N PRO A 100 1.02 14.86 -22.92
CA PRO A 100 0.79 16.15 -23.58
C PRO A 100 0.27 15.97 -25.02
N GLN A 101 -0.64 16.85 -25.43
CA GLN A 101 -1.33 16.74 -26.72
C GLN A 101 -1.14 17.89 -27.69
N LYS A 102 -1.18 17.56 -28.98
CA LYS A 102 -1.38 18.54 -30.04
C LYS A 102 -2.77 19.18 -29.91
N PRO A 103 -2.87 20.49 -30.16
CA PRO A 103 -4.16 21.17 -30.23
C PRO A 103 -5.05 20.55 -31.29
N TRP A 104 -6.37 20.61 -31.14
CA TRP A 104 -7.24 20.14 -32.22
C TRP A 104 -7.41 21.18 -33.31
N THR A 105 -7.49 20.70 -34.54
CA THR A 105 -7.83 21.56 -35.67
C THR A 105 -9.33 21.61 -35.77
N PHE A 106 -9.82 22.49 -36.63
CA PHE A 106 -11.24 22.64 -36.92
C PHE A 106 -11.73 21.36 -37.59
N LYS A 107 -10.85 20.71 -38.35
CA LYS A 107 -11.18 19.48 -39.09
C LYS A 107 -11.46 18.32 -38.13
N LYS A 108 -10.56 18.14 -37.17
CA LYS A 108 -10.73 17.14 -36.12
C LYS A 108 -11.99 17.42 -35.29
N ALA A 109 -12.17 18.67 -34.88
CA ALA A 109 -13.35 19.03 -34.09
C ALA A 109 -14.62 18.60 -34.79
N CYS A 110 -14.72 18.97 -36.06
CA CYS A 110 -15.89 18.66 -36.89
C CYS A 110 -16.04 17.16 -37.12
N GLU A 111 -14.94 16.44 -37.33
CA GLU A 111 -15.04 14.99 -37.38
C GLU A 111 -15.64 14.40 -36.11
N SER A 112 -15.14 14.82 -34.97
CA SER A 112 -15.50 14.21 -33.70
C SER A 112 -16.97 14.30 -33.34
N LEU A 113 -17.67 15.26 -33.94
CA LEU A 113 -19.11 15.44 -33.68
C LEU A 113 -19.95 14.27 -34.14
N ASP A 114 -20.94 13.91 -33.32
CA ASP A 114 -21.93 12.89 -33.66
C ASP A 114 -22.90 13.42 -34.73
N LYS A 115 -22.79 12.90 -35.95
CA LYS A 115 -23.57 13.44 -37.06
C LYS A 115 -25.06 13.07 -37.02
N ASN A 116 -25.43 12.14 -36.12
CA ASN A 116 -26.80 11.61 -36.07
C ASN A 116 -27.70 12.35 -35.08
N THR A 117 -27.18 13.42 -34.47
CA THR A 117 -27.98 14.20 -33.53
C THR A 117 -28.22 15.60 -34.07
N SER A 118 -29.17 16.30 -33.47
CA SER A 118 -29.57 17.62 -33.92
C SER A 118 -28.50 18.67 -33.64
N SER A 119 -28.34 19.59 -34.59
CA SER A 119 -27.35 20.65 -34.47
C SER A 119 -27.79 21.75 -33.51
N GLY A 120 -28.98 21.60 -32.91
CA GLY A 120 -29.52 22.55 -31.94
C GLY A 120 -29.78 23.91 -32.53
N TYR A 121 -29.79 24.94 -31.68
CA TYR A 121 -30.00 26.29 -32.13
C TYR A 121 -28.96 26.73 -33.19
N PRO A 122 -29.37 27.49 -34.22
CA PRO A 122 -30.74 27.92 -34.52
C PRO A 122 -31.48 26.96 -35.47
N TYR A 123 -30.73 26.13 -36.20
CA TYR A 123 -31.25 25.38 -37.33
C TYR A 123 -31.97 24.08 -36.92
N HIS A 124 -31.73 23.64 -35.70
CA HIS A 124 -32.35 22.40 -35.19
C HIS A 124 -32.42 21.29 -36.23
N LYS A 125 -31.29 20.98 -36.87
CA LYS A 125 -31.30 19.96 -37.89
C LYS A 125 -30.27 18.86 -37.65
N GLN A 126 -30.59 17.64 -38.07
CA GLN A 126 -29.65 16.54 -37.97
C GLN A 126 -28.34 16.96 -38.61
N LYS A 127 -27.22 16.71 -37.93
CA LYS A 127 -25.91 17.18 -38.40
C LYS A 127 -25.50 16.63 -39.76
N SER A 128 -25.87 15.39 -40.06
CA SER A 128 -25.50 14.74 -41.30
C SER A 128 -25.95 15.55 -42.51
N LYS A 129 -27.11 16.20 -42.36
CA LYS A 129 -27.83 16.87 -43.45
C LYS A 129 -27.00 17.94 -44.13
N ASP A 130 -25.97 18.43 -43.45
CA ASP A 130 -25.02 19.40 -44.03
C ASP A 130 -23.57 18.89 -44.02
N TRP A 131 -23.41 17.59 -43.82
CA TRP A 131 -22.10 16.93 -43.78
C TRP A 131 -21.67 16.29 -45.12
N THR A 132 -20.52 16.71 -45.63
CA THR A 132 -19.97 16.22 -46.89
C THR A 132 -19.23 14.90 -46.73
N GLY A 133 -19.06 14.48 -45.48
CA GLY A 133 -18.21 13.33 -45.19
C GLY A 133 -16.90 13.78 -44.57
N SER A 134 -16.49 15.01 -44.88
CA SER A 134 -15.28 15.56 -44.27
C SER A 134 -15.35 17.04 -43.89
N ALA A 135 -16.45 17.72 -44.20
CA ALA A 135 -16.61 19.15 -43.84
C ALA A 135 -18.08 19.50 -43.65
N PHE A 136 -18.37 20.63 -43.04
CA PHE A 136 -19.76 21.07 -42.98
C PHE A 136 -19.97 22.02 -44.13
N ILE A 137 -21.17 22.00 -44.71
CA ILE A 137 -21.55 22.94 -45.77
C ILE A 137 -22.91 23.58 -45.46
N GLY A 138 -23.28 24.59 -46.26
CA GLY A 138 -24.50 25.37 -46.06
C GLY A 138 -24.60 25.97 -44.66
N ASP A 139 -25.78 25.83 -44.07
CA ASP A 139 -26.14 26.46 -42.79
C ASP A 139 -25.18 26.11 -41.65
N LEU A 140 -24.98 24.82 -41.45
CA LEU A 140 -24.11 24.32 -40.38
C LEU A 140 -22.70 24.74 -40.66
N GLY A 141 -22.33 24.73 -41.95
CA GLY A 141 -21.04 25.24 -42.40
C GLY A 141 -20.76 26.66 -41.95
N ASP A 142 -21.74 27.56 -42.09
CA ASP A 142 -21.63 28.94 -41.60
C ASP A 142 -21.51 29.01 -40.08
N GLN A 143 -22.51 28.48 -39.38
CA GLN A 143 -22.49 28.38 -37.92
C GLN A 143 -21.16 27.83 -37.40
N ALA A 144 -20.71 26.71 -37.97
CA ALA A 144 -19.43 26.11 -37.61
C ALA A 144 -18.22 26.98 -37.95
N THR A 145 -18.23 27.64 -39.12
CA THR A 145 -17.12 28.50 -39.54
C THR A 145 -17.07 29.73 -38.62
N HIS A 146 -18.25 30.28 -38.33
CA HIS A 146 -18.34 31.39 -37.38
C HIS A 146 -17.78 31.03 -35.98
N ALA A 147 -18.27 29.94 -35.42
CA ALA A 147 -17.87 29.49 -34.08
C ALA A 147 -16.36 29.26 -33.98
N ASN A 148 -15.78 28.75 -35.06
CA ASN A 148 -14.35 28.50 -35.12
C ASN A 148 -13.52 29.80 -35.14
N ASN A 149 -14.01 30.84 -35.83
CA ASN A 149 -13.31 32.11 -35.85
C ASN A 149 -13.29 32.70 -34.45
N MET A 150 -14.45 32.70 -33.79
CA MET A 150 -14.57 33.24 -32.43
C MET A 150 -13.65 32.49 -31.46
N TYR A 151 -13.55 31.18 -31.68
CA TYR A 151 -12.70 30.36 -30.83
C TYR A 151 -11.23 30.71 -31.03
N GLU A 152 -10.81 30.85 -32.28
CA GLU A 152 -9.41 31.24 -32.57
C GLU A 152 -9.07 32.68 -32.15
N MET A 153 -10.09 33.53 -32.06
CA MET A 153 -9.92 34.93 -31.65
C MET A 153 -10.01 35.14 -30.14
N GLY A 154 -10.29 34.07 -29.39
CA GLY A 154 -10.53 34.19 -27.96
C GLY A 154 -11.74 35.07 -27.65
N LYS A 155 -12.73 35.10 -28.54
CA LYS A 155 -13.95 35.86 -28.27
C LYS A 155 -15.07 34.99 -27.73
N SER A 156 -15.76 35.54 -26.74
CA SER A 156 -16.87 34.91 -26.09
C SER A 156 -18.13 34.73 -26.97
N MET A 157 -18.84 33.61 -26.79
CA MET A 157 -20.14 33.37 -27.41
C MET A 157 -21.05 32.71 -26.40
N ARG A 158 -22.31 33.14 -26.32
CA ARG A 158 -23.26 32.56 -25.36
C ARG A 158 -23.81 31.28 -25.91
N PRO A 159 -23.64 30.15 -25.17
CA PRO A 159 -24.24 28.88 -25.58
C PRO A 159 -25.76 29.01 -25.51
N ILE A 160 -26.48 28.29 -26.37
CA ILE A 160 -27.91 28.20 -26.27
C ILE A 160 -28.26 26.72 -26.34
N TYR A 161 -28.67 26.17 -25.20
CA TYR A 161 -29.08 24.76 -25.13
C TYR A 161 -30.55 24.60 -25.52
N THR A 162 -30.88 23.44 -26.08
CA THR A 162 -32.26 23.11 -26.41
C THR A 162 -32.71 21.98 -25.50
N ALA A 163 -33.70 22.25 -24.67
CA ALA A 163 -34.26 21.25 -23.76
C ALA A 163 -34.95 20.14 -24.53
N ALA A 164 -34.80 18.91 -24.03
CA ALA A 164 -35.42 17.72 -24.62
C ALA A 164 -35.66 16.73 -23.51
N LEU A 165 -36.39 15.66 -23.81
CA LEU A 165 -36.60 14.60 -22.83
C LEU A 165 -36.13 13.24 -23.36
N LYS A 166 -35.45 12.46 -22.53
CA LYS A 166 -34.78 11.27 -23.02
C LYS A 166 -35.73 10.16 -23.41
N ASP A 167 -35.65 9.74 -24.67
CA ASP A 167 -36.34 8.55 -25.13
C ASP A 167 -35.49 7.36 -24.80
N GLU A 168 -35.95 6.55 -23.83
CA GLU A 168 -35.22 5.39 -23.29
C GLU A 168 -36.21 4.43 -22.58
N LEU A 169 -35.78 3.21 -22.25
CA LEU A 169 -36.61 2.27 -21.47
C LEU A 169 -36.63 2.66 -20.02
N VAL A 170 -37.81 2.62 -19.42
CA VAL A 170 -37.92 2.95 -18.00
C VAL A 170 -38.77 1.89 -17.32
N LYS A 171 -38.72 1.84 -15.99
CA LYS A 171 -39.49 0.84 -15.28
C LYS A 171 -40.93 1.31 -15.21
N PRO A 172 -41.89 0.37 -15.15
CA PRO A 172 -43.31 0.68 -15.36
C PRO A 172 -43.91 1.85 -14.58
N ASP A 173 -43.49 2.05 -13.31
CA ASP A 173 -44.13 3.08 -12.48
C ASP A 173 -43.80 4.49 -12.97
N LYS A 174 -42.76 4.63 -13.78
CA LYS A 174 -42.41 5.90 -14.40
C LYS A 174 -43.37 6.28 -15.54
N ILE A 175 -44.10 5.27 -16.04
CA ILE A 175 -45.11 5.47 -17.07
C ILE A 175 -46.51 5.39 -16.48
N TYR A 176 -46.73 4.42 -15.61
CA TYR A 176 -48.08 4.17 -15.08
C TYR A 176 -48.38 4.68 -13.66
N GLY A 177 -47.34 5.15 -12.96
CA GLY A 177 -47.52 5.83 -11.69
C GLY A 177 -47.22 7.32 -11.88
N LYS A 178 -46.33 7.84 -11.05
CA LYS A 178 -45.81 9.19 -11.21
C LYS A 178 -44.91 9.25 -12.46
N ILE A 179 -45.41 9.90 -13.51
CA ILE A 179 -44.72 9.99 -14.80
C ILE A 179 -43.51 10.91 -14.71
N LYS A 180 -42.36 10.41 -15.11
CA LYS A 180 -41.09 11.13 -15.07
C LYS A 180 -40.34 10.88 -16.38
N LYS A 181 -39.52 11.84 -16.82
CA LYS A 181 -38.72 11.70 -18.06
C LYS A 181 -37.45 12.52 -17.92
N ARG A 182 -36.30 11.98 -18.30
CA ARG A 182 -35.06 12.73 -18.09
C ARG A 182 -34.85 13.95 -19.00
N LEU A 183 -34.56 15.09 -18.37
CA LEU A 183 -34.17 16.30 -19.09
C LEU A 183 -32.82 16.17 -19.85
N LEU A 184 -32.82 16.46 -21.14
CA LEU A 184 -31.58 16.55 -21.91
C LEU A 184 -31.27 17.99 -22.32
N TRP A 185 -30.01 18.40 -22.25
CA TRP A 185 -29.60 19.72 -22.71
C TRP A 185 -28.89 19.53 -24.02
N GLY A 186 -29.48 20.05 -25.11
CA GLY A 186 -28.85 19.89 -26.42
C GLY A 186 -28.07 21.16 -26.75
N SER A 187 -26.77 21.04 -26.76
CA SER A 187 -25.87 22.16 -27.06
C SER A 187 -26.13 22.69 -28.48
N ASP A 188 -25.72 23.93 -28.76
CA ASP A 188 -25.73 24.40 -30.17
C ASP A 188 -24.43 23.99 -30.87
N LEU A 189 -24.43 23.98 -32.21
CA LEU A 189 -23.29 23.50 -33.00
C LEU A 189 -22.04 24.29 -32.69
N GLY A 190 -22.17 25.62 -32.69
CA GLY A 190 -21.06 26.50 -32.41
C GLY A 190 -20.39 26.13 -31.11
N THR A 191 -21.22 25.83 -30.11
CA THR A 191 -20.68 25.47 -28.83
C THR A 191 -19.93 24.14 -28.97
N MET A 192 -20.54 23.14 -29.64
CA MET A 192 -19.94 21.84 -29.78
C MET A 192 -18.56 21.99 -30.41
N ILE A 193 -18.46 22.84 -31.42
CA ILE A 193 -17.20 23.03 -32.16
C ILE A 193 -16.13 23.69 -31.28
N ARG A 194 -16.56 24.65 -30.48
CA ARG A 194 -15.64 25.40 -29.64
C ARG A 194 -15.17 24.54 -28.47
N ALA A 195 -16.10 23.79 -27.87
CA ALA A 195 -15.79 22.88 -26.78
C ALA A 195 -14.87 21.75 -27.27
N ALA A 196 -15.18 21.17 -28.43
CA ALA A 196 -14.32 20.12 -28.98
C ALA A 196 -12.93 20.62 -29.36
N ARG A 197 -12.80 21.83 -29.91
CA ARG A 197 -11.43 22.31 -30.05
C ARG A 197 -10.74 22.54 -28.70
N ALA A 198 -11.47 23.10 -27.75
CA ALA A 198 -10.82 23.49 -26.52
C ALA A 198 -10.36 22.26 -25.77
N PHE A 199 -11.19 21.22 -25.75
CA PHE A 199 -11.08 20.19 -24.73
C PHE A 199 -10.96 18.78 -25.25
N GLY A 200 -11.15 18.59 -26.55
CA GLY A 200 -10.92 17.30 -27.17
C GLY A 200 -9.55 16.71 -26.82
N PRO A 201 -8.49 17.56 -26.80
CA PRO A 201 -7.18 17.09 -26.34
C PRO A 201 -7.23 16.48 -24.93
N PHE A 202 -7.71 17.25 -23.96
CA PHE A 202 -7.89 16.71 -22.61
C PHE A 202 -8.59 15.35 -22.67
N CYS A 203 -9.66 15.23 -23.43
CA CYS A 203 -10.42 13.98 -23.50
C CYS A 203 -9.61 12.80 -24.05
N ASP A 204 -8.86 13.02 -25.13
CA ASP A 204 -8.00 11.96 -25.65
C ASP A 204 -7.02 11.59 -24.55
N ALA A 205 -6.32 12.60 -24.03
CA ALA A 205 -5.32 12.34 -23.00
C ALA A 205 -5.97 11.57 -21.85
N LEU A 206 -7.16 11.99 -21.44
CA LEU A 206 -7.83 11.35 -20.31
C LEU A 206 -8.26 9.94 -20.66
N LYS A 207 -8.66 9.72 -21.91
CA LYS A 207 -9.07 8.40 -22.36
C LYS A 207 -7.93 7.39 -22.27
N GLU A 208 -6.71 7.84 -22.60
CA GLU A 208 -5.51 6.99 -22.55
C GLU A 208 -5.20 6.46 -21.16
N THR A 209 -5.67 7.15 -20.13
CA THR A 209 -5.36 6.81 -18.74
C THR A 209 -6.55 6.29 -17.92
N CYS A 210 -7.59 5.81 -18.60
CA CYS A 210 -8.81 5.32 -17.94
C CYS A 210 -8.56 4.18 -16.93
N ILE A 211 -7.40 3.53 -17.00
CA ILE A 211 -7.06 2.50 -16.01
C ILE A 211 -6.32 3.08 -14.81
N PHE A 212 -5.39 4.00 -15.09
CA PHE A 212 -4.58 4.61 -14.04
C PHE A 212 -5.27 5.75 -13.26
N ASN A 213 -6.20 6.44 -13.92
CA ASN A 213 -6.94 7.51 -13.25
C ASN A 213 -8.41 7.15 -13.03
N PRO A 214 -9.05 7.76 -12.03
CA PRO A 214 -10.43 7.43 -11.66
C PRO A 214 -11.54 7.87 -12.63
N ILE A 215 -11.23 8.78 -13.55
CA ILE A 215 -12.21 9.11 -14.59
C ILE A 215 -12.27 7.97 -15.63
N ARG A 216 -13.30 7.15 -15.47
CA ARG A 216 -13.37 5.85 -16.13
C ARG A 216 -13.96 5.92 -17.55
N VAL A 217 -14.12 7.13 -18.07
CA VAL A 217 -14.62 7.35 -19.43
C VAL A 217 -13.63 6.81 -20.45
N GLY A 218 -14.17 6.05 -21.40
CA GLY A 218 -13.40 5.39 -22.44
C GLY A 218 -13.20 3.90 -22.18
N MET A 219 -13.47 3.47 -20.95
CA MET A 219 -13.18 2.09 -20.56
C MET A 219 -14.05 1.07 -21.28
N SER A 220 -13.44 -0.04 -21.68
CA SER A 220 -14.18 -1.17 -22.22
C SER A 220 -14.45 -2.10 -21.07
N MET A 221 -15.72 -2.32 -20.75
CA MET A 221 -16.10 -3.15 -19.60
C MET A 221 -15.43 -4.53 -19.63
N ASN A 222 -15.38 -5.13 -20.81
CA ASN A 222 -14.82 -6.46 -20.95
C ASN A 222 -13.28 -6.57 -20.86
N GLU A 223 -12.57 -5.71 -21.60
CA GLU A 223 -11.09 -5.72 -21.60
C GLU A 223 -10.51 -5.02 -20.36
N ASP A 224 -11.09 -3.86 -20.00
CA ASP A 224 -10.59 -3.01 -18.93
C ASP A 224 -11.20 -3.32 -17.56
N GLY A 225 -12.42 -3.85 -17.53
CA GLY A 225 -13.08 -4.22 -16.28
C GLY A 225 -12.25 -4.97 -15.25
N PRO A 226 -11.74 -6.16 -15.61
CA PRO A 226 -11.02 -7.00 -14.63
C PRO A 226 -9.74 -6.38 -14.02
N PHE A 227 -9.06 -5.53 -14.77
CA PHE A 227 -7.93 -4.80 -14.21
C PHE A 227 -8.40 -3.71 -13.24
N ILE A 228 -9.39 -2.92 -13.67
CA ILE A 228 -9.93 -1.85 -12.87
C ILE A 228 -10.49 -2.42 -11.56
N PHE A 229 -11.19 -3.53 -11.64
CA PHE A 229 -11.72 -4.14 -10.44
C PHE A 229 -10.64 -4.73 -9.56
N ALA A 230 -9.66 -5.41 -10.16
CA ALA A 230 -8.55 -5.94 -9.36
C ALA A 230 -7.85 -4.83 -8.57
N ARG A 231 -7.63 -3.68 -9.21
CA ARG A 231 -7.07 -2.51 -8.55
C ARG A 231 -7.88 -2.15 -7.30
N HIS A 232 -9.19 -2.02 -7.46
CA HIS A 232 -10.08 -1.70 -6.36
C HIS A 232 -10.04 -2.76 -5.25
N ALA A 233 -9.71 -4.00 -5.62
CA ALA A 233 -9.80 -5.12 -4.67
C ALA A 233 -8.63 -5.13 -3.71
N ASN A 234 -7.60 -4.34 -4.03
CA ASN A 234 -6.44 -4.14 -3.16
C ASN A 234 -6.79 -3.34 -1.90
N PHE A 235 -7.95 -2.69 -1.87
CA PHE A 235 -8.28 -1.78 -0.77
C PHE A 235 -9.31 -2.37 0.18
N ARG A 236 -9.13 -2.13 1.47
CA ARG A 236 -9.93 -2.78 2.47
C ARG A 236 -11.44 -2.51 2.41
N TYR A 237 -11.84 -1.25 2.18
CA TYR A 237 -13.27 -0.90 2.22
C TYR A 237 -13.77 -0.32 0.92
N HIS A 238 -15.01 -0.65 0.57
CA HIS A 238 -15.58 -0.34 -0.76
C HIS A 238 -16.96 0.22 -0.56
N MET A 239 -17.37 1.18 -1.41
CA MET A 239 -18.68 1.82 -1.28
C MET A 239 -19.18 2.46 -2.56
N ASP A 240 -20.50 2.67 -2.62
CA ASP A 240 -21.14 3.37 -3.73
C ASP A 240 -22.20 4.37 -3.27
N ALA A 241 -21.97 5.65 -3.52
CA ALA A 241 -22.83 6.69 -2.97
C ALA A 241 -24.17 6.82 -3.69
N ASP A 242 -24.21 6.35 -4.96
CA ASP A 242 -25.45 6.20 -5.71
C ASP A 242 -26.31 7.47 -5.60
N TYR A 243 -25.94 8.51 -6.33
CA TYR A 243 -26.59 9.82 -6.15
C TYR A 243 -27.89 9.99 -6.92
N THR A 244 -28.80 10.71 -6.28
CA THR A 244 -30.07 11.14 -6.84
C THR A 244 -29.92 12.57 -7.37
N ARG A 245 -30.34 12.81 -8.62
CA ARG A 245 -30.34 14.16 -9.17
C ARG A 245 -28.98 14.87 -9.06
N TRP A 246 -27.95 14.17 -9.52
CA TRP A 246 -26.57 14.66 -9.50
C TRP A 246 -26.46 15.99 -10.21
N ASP A 247 -26.86 15.98 -11.49
CA ASP A 247 -26.73 17.12 -12.41
C ASP A 247 -27.32 18.41 -11.91
N SER A 248 -28.56 18.34 -11.42
CA SER A 248 -29.25 19.53 -10.95
C SER A 248 -28.82 19.97 -9.52
N THR A 249 -28.02 19.16 -8.83
CA THR A 249 -27.48 19.60 -7.52
C THR A 249 -26.04 20.15 -7.59
N GLN A 250 -25.40 20.14 -8.76
CA GLN A 250 -24.04 20.66 -8.90
C GLN A 250 -23.97 22.13 -8.57
N GLN A 251 -22.81 22.58 -8.08
CA GLN A 251 -22.58 23.99 -7.79
C GLN A 251 -21.65 24.53 -8.84
N ARG A 252 -21.93 25.70 -9.38
CA ARG A 252 -21.07 26.30 -10.40
C ARG A 252 -19.67 26.56 -9.86
N ALA A 253 -19.60 26.74 -8.56
CA ALA A 253 -18.32 27.04 -7.92
C ALA A 253 -17.42 25.82 -7.94
N ILE A 254 -18.00 24.64 -7.77
CA ILE A 254 -17.29 23.38 -7.93
C ILE A 254 -17.00 23.08 -9.42
N LEU A 255 -17.93 23.41 -10.31
CA LEU A 255 -17.69 23.13 -11.71
C LEU A 255 -16.58 24.03 -12.25
N LYS A 256 -16.52 25.27 -11.76
CA LYS A 256 -15.45 26.20 -12.11
C LYS A 256 -14.07 25.63 -11.72
N ARG A 257 -14.00 24.90 -10.60
CA ARG A 257 -12.73 24.33 -10.20
C ARG A 257 -12.38 23.17 -11.11
N ALA A 258 -13.37 22.31 -11.38
CA ALA A 258 -13.17 21.30 -12.38
C ALA A 258 -12.67 21.93 -13.69
N GLY A 259 -13.22 23.08 -14.05
CA GLY A 259 -12.94 23.65 -15.34
C GLY A 259 -11.57 24.30 -15.35
N ASP A 260 -11.12 24.77 -14.20
CA ASP A 260 -9.75 25.28 -14.12
C ASP A 260 -8.79 24.17 -14.46
N ILE A 261 -9.08 22.96 -13.98
CA ILE A 261 -8.22 21.81 -14.21
C ILE A 261 -8.16 21.50 -15.72
N MET A 262 -9.32 21.28 -16.32
CA MET A 262 -9.38 21.02 -17.78
C MET A 262 -8.59 22.07 -18.57
N VAL A 263 -8.82 23.34 -18.27
CA VAL A 263 -8.15 24.45 -18.96
C VAL A 263 -6.63 24.39 -18.84
N ARG A 264 -6.18 24.29 -17.59
CA ARG A 264 -4.76 24.26 -17.27
C ARG A 264 -4.08 23.12 -18.05
N LEU A 265 -4.75 21.98 -18.17
CA LEU A 265 -4.21 20.79 -18.85
C LEU A 265 -4.55 20.72 -20.36
N SER A 266 -4.86 21.87 -20.95
CA SER A 266 -5.18 21.90 -22.37
C SER A 266 -4.03 22.54 -23.15
N PRO A 267 -3.84 22.16 -24.40
CA PRO A 267 -2.73 22.79 -25.15
C PRO A 267 -2.94 24.28 -25.58
N GLU A 268 -4.18 24.75 -25.65
CA GLU A 268 -4.40 26.18 -25.93
C GLU A 268 -5.22 26.82 -24.78
N PRO A 269 -4.60 26.96 -23.59
CA PRO A 269 -5.28 27.31 -22.33
C PRO A 269 -5.97 28.67 -22.31
N ASP A 270 -5.45 29.64 -23.04
CA ASP A 270 -6.10 30.92 -23.14
C ASP A 270 -7.34 30.82 -23.99
N LEU A 271 -7.27 30.03 -25.05
CA LEU A 271 -8.40 29.81 -25.93
C LEU A 271 -9.50 29.00 -25.22
N ALA A 272 -9.09 28.01 -24.41
CA ALA A 272 -10.02 27.12 -23.72
C ALA A 272 -10.68 27.80 -22.56
N ARG A 273 -9.97 28.76 -21.96
CA ARG A 273 -10.47 29.55 -20.86
C ARG A 273 -11.77 30.25 -21.24
N VAL A 274 -11.76 30.90 -22.40
CA VAL A 274 -12.90 31.61 -22.92
C VAL A 274 -14.06 30.64 -23.12
N VAL A 275 -13.79 29.47 -23.69
CA VAL A 275 -14.85 28.52 -23.95
C VAL A 275 -15.39 28.07 -22.62
N MET A 276 -14.48 27.77 -21.69
CA MET A 276 -14.84 27.27 -20.39
C MET A 276 -15.72 28.25 -19.65
N ASP A 277 -15.31 29.53 -19.66
CA ASP A 277 -16.06 30.56 -18.98
C ASP A 277 -17.44 30.67 -19.61
N ASP A 278 -17.51 30.54 -20.93
CA ASP A 278 -18.80 30.55 -21.64
C ASP A 278 -19.70 29.41 -21.20
N LEU A 279 -19.14 28.22 -21.06
CA LEU A 279 -19.87 27.03 -20.58
C LEU A 279 -20.34 27.14 -19.11
N LEU A 280 -19.67 27.95 -18.29
CA LEU A 280 -20.04 28.02 -16.88
C LEU A 280 -20.91 29.23 -16.53
N ALA A 281 -20.94 30.22 -17.42
CA ALA A 281 -21.80 31.38 -17.24
C ALA A 281 -23.28 30.96 -17.21
N PRO A 282 -24.16 31.80 -16.64
CA PRO A 282 -25.51 31.31 -16.51
C PRO A 282 -26.00 30.77 -17.83
N SER A 283 -26.63 29.59 -17.77
CA SER A 283 -26.96 28.87 -18.99
C SER A 283 -28.29 29.32 -19.56
N LEU A 284 -28.27 29.60 -20.86
CA LEU A 284 -29.46 29.90 -21.63
C LEU A 284 -30.15 28.63 -22.19
N LEU A 285 -31.28 28.24 -21.59
CA LEU A 285 -31.98 27.03 -22.00
C LEU A 285 -33.31 27.33 -22.73
N ASP A 286 -33.49 26.74 -23.92
CA ASP A 286 -34.70 26.95 -24.72
C ASP A 286 -35.69 25.86 -24.44
N VAL A 287 -36.73 26.17 -23.67
CA VAL A 287 -37.78 25.19 -23.34
C VAL A 287 -38.94 25.21 -24.30
N GLY A 288 -38.79 25.95 -25.40
CA GLY A 288 -39.84 26.02 -26.42
C GLY A 288 -40.52 27.38 -26.44
N ASP A 289 -41.34 27.61 -25.41
CA ASP A 289 -42.05 28.88 -25.24
C ASP A 289 -41.11 30.02 -24.98
N TYR A 290 -40.07 29.73 -24.22
CA TYR A 290 -39.13 30.73 -23.72
C TYR A 290 -37.74 30.14 -23.70
N LYS A 291 -36.75 31.02 -23.67
CA LYS A 291 -35.41 30.66 -23.26
C LYS A 291 -35.27 31.17 -21.83
N ILE A 292 -34.89 30.28 -20.92
CA ILE A 292 -34.79 30.59 -19.49
C ILE A 292 -33.33 30.57 -19.13
N VAL A 293 -33.00 31.26 -18.03
CA VAL A 293 -31.62 31.38 -17.58
C VAL A 293 -31.48 30.47 -16.39
N VAL A 294 -30.50 29.56 -16.46
CA VAL A 294 -30.30 28.67 -15.33
C VAL A 294 -28.89 28.77 -14.84
N GLU A 295 -28.79 29.39 -13.66
CA GLU A 295 -27.53 29.95 -13.13
C GLU A 295 -26.71 28.90 -12.42
N GLU A 296 -27.38 27.81 -12.05
CA GLU A 296 -26.75 26.77 -11.26
C GLU A 296 -26.97 25.37 -11.81
N GLY A 297 -26.19 24.43 -11.31
CA GLY A 297 -26.31 23.04 -11.74
C GLY A 297 -25.48 22.78 -12.99
N LEU A 298 -25.53 21.54 -13.41
CA LEU A 298 -24.77 21.15 -14.58
C LEU A 298 -25.68 21.11 -15.83
N PRO A 299 -25.19 21.69 -16.94
CA PRO A 299 -25.74 21.54 -18.30
C PRO A 299 -25.31 20.23 -18.97
N SER A 300 -26.26 19.35 -19.28
CA SER A 300 -25.99 18.05 -19.96
C SER A 300 -25.46 18.09 -21.43
N GLY A 301 -24.89 19.23 -21.85
CA GLY A 301 -24.65 19.49 -23.27
C GLY A 301 -23.22 19.74 -23.68
N CYS A 302 -22.70 18.79 -24.45
CA CYS A 302 -21.33 18.76 -25.00
C CYS A 302 -20.47 17.74 -24.26
N CYS A 304 -17.78 16.91 -23.88
CA CYS A 304 -16.84 17.28 -22.81
C CYS A 304 -17.49 17.17 -21.43
N THR A 305 -18.75 17.63 -21.33
CA THR A 305 -19.46 17.76 -20.05
C THR A 305 -19.42 16.49 -19.19
N THR A 306 -19.16 15.35 -19.81
CA THR A 306 -19.07 14.09 -19.09
C THR A 306 -17.79 14.04 -18.24
N GLN A 307 -16.74 14.65 -18.76
CA GLN A 307 -15.45 14.72 -18.07
C GLN A 307 -15.48 15.80 -17.00
N LEU A 308 -16.04 16.97 -17.34
CA LEU A 308 -16.22 18.06 -16.39
C LEU A 308 -17.02 17.58 -15.18
N ASN A 309 -18.02 16.76 -15.44
CA ASN A 309 -18.86 16.18 -14.41
C ASN A 309 -18.17 15.09 -13.59
N SER A 310 -17.23 14.37 -14.20
CA SER A 310 -16.43 13.38 -13.47
C SER A 310 -15.36 14.03 -12.61
N LEU A 311 -14.71 15.06 -13.17
CA LEU A 311 -13.78 15.88 -12.40
C LEU A 311 -14.47 16.40 -11.14
N ALA A 312 -15.68 16.93 -11.33
CA ALA A 312 -16.40 17.57 -10.25
C ALA A 312 -16.70 16.52 -9.22
N HIS A 313 -17.02 15.32 -9.70
CA HIS A 313 -17.34 14.24 -8.82
C HIS A 313 -16.11 13.85 -7.97
N TRP A 314 -14.97 13.79 -8.62
CA TRP A 314 -13.72 13.45 -8.01
C TRP A 314 -13.42 14.52 -6.95
N ILE A 315 -13.66 15.78 -7.29
CA ILE A 315 -13.43 16.86 -6.36
C ILE A 315 -14.34 16.70 -5.13
N LEU A 316 -15.62 16.48 -5.38
CA LEU A 316 -16.56 16.38 -4.27
C LEU A 316 -16.20 15.22 -3.36
N THR A 317 -16.03 14.03 -3.93
CA THR A 317 -15.70 12.84 -3.16
C THR A 317 -14.46 13.01 -2.30
N LEU A 318 -13.43 13.62 -2.90
CA LEU A 318 -12.18 13.75 -2.19
C LEU A 318 -12.31 14.78 -1.04
N CYS A 319 -13.16 15.79 -1.21
CA CYS A 319 -13.41 16.78 -0.21
C CYS A 319 -14.07 16.16 1.04
N ALA A 320 -15.13 15.39 0.82
CA ALA A 320 -15.77 14.68 1.93
C ALA A 320 -14.76 13.77 2.64
N MET A 321 -13.96 13.06 1.86
CA MET A 321 -12.97 12.17 2.46
C MET A 321 -11.93 12.93 3.29
N VAL A 322 -11.40 14.01 2.72
CA VAL A 322 -10.39 14.81 3.42
C VAL A 322 -11.01 15.45 4.68
N GLU A 323 -12.25 15.92 4.57
CA GLU A 323 -12.92 16.52 5.70
C GLU A 323 -13.06 15.59 6.87
N VAL A 324 -13.41 14.34 6.60
CA VAL A 324 -13.80 13.44 7.67
C VAL A 324 -12.54 12.80 8.28
N THR A 325 -11.66 12.31 7.43
CA THR A 325 -10.46 11.60 7.87
C THR A 325 -9.33 12.57 8.23
N ARG A 326 -9.39 13.81 7.75
CA ARG A 326 -8.30 14.80 7.92
C ARG A 326 -6.95 14.45 7.22
N VAL A 327 -6.98 13.48 6.31
CA VAL A 327 -5.77 13.05 5.62
C VAL A 327 -5.62 13.91 4.37
N ASP A 328 -4.39 14.35 4.09
CA ASP A 328 -4.12 15.17 2.90
C ASP A 328 -4.66 14.46 1.65
N PRO A 329 -5.27 15.22 0.73
CA PRO A 329 -5.80 14.68 -0.53
C PRO A 329 -4.86 13.73 -1.30
N ASP A 330 -3.57 14.06 -1.41
CA ASP A 330 -2.73 13.14 -2.18
C ASP A 330 -2.48 11.88 -1.42
N ILE A 331 -2.48 11.96 -0.09
CA ILE A 331 -2.38 10.74 0.73
C ILE A 331 -3.67 9.90 0.64
N VAL A 332 -4.84 10.56 0.67
CA VAL A 332 -6.11 9.85 0.46
C VAL A 332 -6.00 9.11 -0.87
N MET A 333 -5.33 9.72 -1.84
CA MET A 333 -5.24 9.07 -3.14
C MET A 333 -4.26 7.91 -3.15
N GLN A 334 -3.20 7.99 -2.35
CA GLN A 334 -2.32 6.86 -2.11
C GLN A 334 -3.05 5.64 -1.52
N GLU A 335 -4.03 5.89 -0.66
CA GLU A 335 -4.70 4.81 0.08
C GLU A 335 -6.06 4.51 -0.49
N SER A 336 -6.28 4.85 -1.75
CA SER A 336 -7.62 4.75 -2.26
C SER A 336 -7.69 4.47 -3.74
N GLU A 337 -8.76 3.80 -4.17
CA GLU A 337 -9.05 3.68 -5.59
C GLU A 337 -10.47 4.17 -5.88
N PHE A 338 -10.57 5.04 -6.87
CA PHE A 338 -11.82 5.71 -7.19
C PHE A 338 -12.23 5.30 -8.61
N SER A 339 -13.54 5.18 -8.87
CA SER A 339 -14.00 5.08 -10.25
C SER A 339 -15.15 6.01 -10.48
N PHE A 340 -15.01 6.86 -11.49
CA PHE A 340 -16.01 7.84 -11.81
C PHE A 340 -16.40 7.80 -13.29
N TYR A 341 -17.71 7.94 -13.52
CA TYR A 341 -18.27 8.21 -14.84
C TYR A 341 -19.49 9.08 -14.57
N GLY A 342 -19.26 10.39 -14.61
CA GLY A 342 -20.28 11.37 -14.24
C GLY A 342 -20.81 11.12 -12.83
N ASP A 343 -22.09 10.80 -12.73
CA ASP A 343 -22.68 10.61 -11.42
C ASP A 343 -22.33 9.25 -10.79
N ASP A 344 -21.86 8.32 -11.63
CA ASP A 344 -21.55 6.92 -11.23
C ASP A 344 -20.17 6.77 -10.56
N GLU A 345 -20.14 6.06 -9.43
CA GLU A 345 -18.91 5.96 -8.64
C GLU A 345 -18.66 4.61 -7.94
N VAL A 346 -17.41 4.20 -7.90
CA VAL A 346 -16.96 3.24 -6.89
C VAL A 346 -15.77 3.86 -6.18
N VAL A 347 -15.83 3.82 -4.84
CA VAL A 347 -14.77 4.33 -3.97
C VAL A 347 -14.29 3.20 -3.07
N SER A 348 -13.01 2.87 -3.17
CA SER A 348 -12.39 1.88 -2.31
C SER A 348 -11.28 2.55 -1.55
N THR A 349 -11.14 2.19 -0.28
CA THR A 349 -10.14 2.85 0.57
C THR A 349 -9.58 1.97 1.70
N ASN A 350 -8.36 2.26 2.13
CA ASN A 350 -7.80 1.59 3.29
C ASN A 350 -8.01 2.44 4.52
N LEU A 351 -8.47 3.67 4.31
CA LEU A 351 -8.64 4.60 5.42
C LEU A 351 -9.90 4.27 6.21
N GLU A 352 -9.83 4.48 7.52
CA GLU A 352 -10.96 4.28 8.40
C GLU A 352 -12.04 5.38 8.30
N LEU A 353 -12.71 5.46 7.16
CA LEU A 353 -13.72 6.48 6.93
C LEU A 353 -15.04 6.29 7.71
N ASP A 354 -15.40 7.28 8.56
CA ASP A 354 -16.68 7.29 9.30
C ASP A 354 -17.81 7.56 8.33
N MET A 355 -18.65 6.54 8.13
CA MET A 355 -19.75 6.61 7.16
C MET A 355 -20.85 7.63 7.46
N VAL A 356 -21.23 7.76 8.73
CA VAL A 356 -22.21 8.78 9.10
C VAL A 356 -21.72 10.16 8.69
N LYS A 357 -20.49 10.50 9.09
CA LYS A 357 -19.90 11.82 8.80
C LYS A 357 -19.60 12.03 7.32
N TYR A 358 -19.29 10.95 6.61
CA TYR A 358 -19.03 11.02 5.18
C TYR A 358 -20.31 11.39 4.46
N THR A 359 -21.40 10.76 4.87
CA THR A 359 -22.71 11.04 4.32
C THR A 359 -23.14 12.48 4.70
N MET A 360 -23.01 12.85 5.98
CA MET A 360 -23.31 14.21 6.45
CA MET A 360 -23.40 14.20 6.37
C MET A 360 -22.64 15.19 5.51
N ALA A 361 -21.35 14.94 5.26
CA ALA A 361 -20.57 15.86 4.44
C ALA A 361 -21.08 15.95 2.99
N LEU A 362 -21.45 14.82 2.40
CA LEU A 362 -21.90 14.86 1.01
C LEU A 362 -23.24 15.60 0.90
N ARG A 363 -24.16 15.34 1.84
CA ARG A 363 -25.40 16.09 1.93
C ARG A 363 -25.18 17.59 2.18
N ARG A 364 -24.16 17.93 2.96
CA ARG A 364 -23.84 19.31 3.24
C ARG A 364 -23.45 20.00 1.93
N TYR A 365 -22.75 19.32 1.04
CA TYR A 365 -22.44 19.92 -0.26
C TYR A 365 -23.65 20.01 -1.19
N GLY A 366 -24.82 19.60 -0.69
CA GLY A 366 -26.06 19.64 -1.46
C GLY A 366 -26.29 18.44 -2.37
N LEU A 367 -25.40 17.44 -2.30
CA LEU A 367 -25.60 16.19 -3.03
C LEU A 367 -26.63 15.33 -2.31
N LEU A 368 -27.22 14.38 -3.03
CA LEU A 368 -28.23 13.52 -2.41
C LEU A 368 -27.78 12.07 -2.50
N PRO A 369 -26.86 11.65 -1.60
CA PRO A 369 -26.51 10.23 -1.66
C PRO A 369 -27.70 9.38 -1.27
N THR A 370 -27.76 8.13 -1.75
CA THR A 370 -28.86 7.26 -1.36
C THR A 370 -28.37 5.88 -0.98
N ARG A 371 -29.05 5.28 0.01
CA ARG A 371 -28.68 3.93 0.47
C ARG A 371 -29.16 2.86 -0.51
N ALA A 372 -28.66 1.65 -0.37
CA ALA A 372 -29.18 0.59 -1.20
C ALA A 372 -30.63 0.34 -0.86
N ASP A 373 -30.94 0.29 0.42
CA ASP A 373 -32.28 -0.01 0.88
C ASP A 373 -33.27 1.08 0.57
N LYS A 374 -32.80 2.30 0.40
CA LYS A 374 -33.71 3.38 0.10
C LYS A 374 -34.22 4.02 1.38
N GLU A 375 -33.61 3.63 2.49
CA GLU A 375 -33.92 4.17 3.81
C GLU A 375 -32.94 5.27 4.16
N GLU A 376 -33.41 6.28 4.88
CA GLU A 376 -32.55 7.37 5.30
C GLU A 376 -31.52 6.88 6.32
N GLY A 377 -30.34 7.48 6.31
CA GLY A 377 -29.24 7.09 7.18
C GLY A 377 -27.87 7.23 6.57
N PRO A 378 -26.86 6.83 7.31
CA PRO A 378 -25.46 6.91 6.86
C PRO A 378 -25.12 5.92 5.75
N LEU A 379 -24.17 6.29 4.91
CA LEU A 379 -23.73 5.43 3.80
C LEU A 379 -23.09 4.16 4.35
N GLU A 380 -23.25 3.05 3.62
CA GLU A 380 -22.72 1.78 4.08
C GLU A 380 -21.48 1.31 3.32
N ARG A 381 -20.45 0.95 4.07
CA ARG A 381 -19.18 0.46 3.53
C ARG A 381 -19.12 -1.06 3.74
N ARG A 382 -18.57 -1.79 2.77
CA ARG A 382 -18.42 -3.25 2.90
C ARG A 382 -16.95 -3.64 2.82
N GLN A 383 -16.64 -4.87 3.26
CA GLN A 383 -15.28 -5.42 3.15
C GLN A 383 -15.08 -6.33 1.94
N THR A 384 -16.13 -6.51 1.16
CA THR A 384 -16.06 -7.12 -0.17
C THR A 384 -16.54 -6.16 -1.27
N LEU A 385 -15.98 -6.33 -2.47
CA LEU A 385 -16.29 -5.49 -3.61
C LEU A 385 -17.51 -6.06 -4.33
N GLN A 386 -17.68 -7.37 -4.21
CA GLN A 386 -18.85 -8.05 -4.76
C GLN A 386 -20.12 -7.49 -4.14
N GLY A 387 -21.02 -7.06 -5.00
CA GLY A 387 -22.26 -6.41 -4.59
C GLY A 387 -22.36 -5.00 -5.13
N ILE A 388 -21.24 -4.29 -5.11
CA ILE A 388 -21.14 -2.94 -5.66
C ILE A 388 -21.30 -3.01 -7.17
N SER A 389 -21.96 -2.00 -7.75
CA SER A 389 -22.20 -1.93 -9.18
C SER A 389 -21.54 -0.68 -9.81
N PHE A 390 -21.41 -0.66 -11.14
CA PHE A 390 -20.76 0.42 -11.87
C PHE A 390 -21.06 0.23 -13.35
N LEU A 391 -21.52 1.29 -14.02
CA LEU A 391 -21.90 1.27 -15.44
C LEU A 391 -22.94 0.21 -15.81
N ARG A 392 -23.87 -0.04 -14.88
CA ARG A 392 -24.97 -1.00 -15.07
C ARG A 392 -24.58 -2.48 -14.98
N ARG A 393 -23.28 -2.77 -14.88
CA ARG A 393 -22.84 -4.13 -14.54
C ARG A 393 -22.66 -4.27 -13.03
N ALA A 394 -22.99 -5.46 -12.53
CA ALA A 394 -22.66 -5.87 -11.17
C ALA A 394 -21.24 -6.45 -11.15
N ILE A 395 -20.43 -6.02 -10.19
CA ILE A 395 -19.05 -6.49 -10.08
C ILE A 395 -18.99 -7.83 -9.34
N VAL A 396 -18.51 -8.84 -10.06
CA VAL A 396 -18.37 -10.21 -9.53
C VAL A 396 -16.91 -10.68 -9.48
N GLY A 397 -16.60 -11.47 -8.45
CA GLY A 397 -15.27 -12.07 -8.31
C GLY A 397 -15.39 -13.59 -8.32
N ASP A 398 -14.54 -14.25 -9.11
CA ASP A 398 -14.48 -15.70 -9.10
C ASP A 398 -13.03 -16.14 -9.11
N GLN A 399 -12.81 -17.46 -9.18
CA GLN A 399 -11.48 -18.06 -9.09
C GLN A 399 -10.52 -17.44 -10.09
N PHE A 400 -11.06 -16.98 -11.23
CA PHE A 400 -10.24 -16.41 -12.32
C PHE A 400 -10.04 -14.89 -12.24
N GLY A 401 -10.92 -14.18 -11.53
CA GLY A 401 -10.77 -12.73 -11.32
C GLY A 401 -12.06 -11.96 -11.14
N TRP A 402 -11.98 -10.66 -11.38
CA TRP A 402 -13.10 -9.76 -11.21
C TRP A 402 -13.69 -9.40 -12.54
N TYR A 403 -15.01 -9.29 -12.63
CA TYR A 403 -15.66 -8.88 -13.87
C TYR A 403 -16.97 -8.13 -13.65
N GLY A 404 -17.44 -7.48 -14.70
CA GLY A 404 -18.71 -6.77 -14.67
C GLY A 404 -19.77 -7.58 -15.36
N ARG A 405 -20.76 -7.99 -14.59
CA ARG A 405 -21.88 -8.77 -15.13
C ARG A 405 -23.18 -7.97 -15.16
N LEU A 406 -23.63 -7.64 -16.36
CA LEU A 406 -24.94 -7.05 -16.57
C LEU A 406 -26.04 -7.96 -16.01
N ASP A 407 -27.05 -7.37 -15.36
CA ASP A 407 -28.09 -8.18 -14.71
C ASP A 407 -29.08 -8.77 -15.72
N ARG A 408 -29.84 -9.77 -15.25
CA ARG A 408 -30.80 -10.50 -16.08
C ARG A 408 -31.81 -9.59 -16.79
N ALA A 409 -32.43 -8.69 -16.03
CA ALA A 409 -33.48 -7.83 -16.57
C ALA A 409 -33.00 -6.94 -17.73
N SER A 410 -31.74 -6.48 -17.65
CA SER A 410 -31.14 -5.70 -18.74
C SER A 410 -31.03 -6.56 -20.00
N ILE A 411 -30.62 -7.81 -19.81
CA ILE A 411 -30.50 -8.76 -20.92
C ILE A 411 -31.87 -9.12 -21.50
N ASP A 412 -32.86 -9.34 -20.63
CA ASP A 412 -34.20 -9.67 -21.08
C ASP A 412 -34.71 -8.52 -21.95
N ARG A 413 -34.48 -7.30 -21.47
CA ARG A 413 -34.91 -6.08 -22.15
C ARG A 413 -34.40 -5.98 -23.57
N GLN A 414 -33.11 -6.20 -23.73
CA GLN A 414 -32.51 -6.16 -25.06
C GLN A 414 -33.08 -7.22 -26.01
N LEU A 415 -33.79 -8.21 -25.47
CA LEU A 415 -34.48 -9.23 -26.28
C LEU A 415 -35.85 -8.72 -26.69
N LEU A 416 -36.49 -8.02 -25.76
CA LEU A 416 -37.85 -7.56 -25.90
C LEU A 416 -37.98 -6.33 -26.80
N TRP A 417 -36.92 -5.53 -26.87
CA TRP A 417 -36.97 -4.27 -27.60
C TRP A 417 -35.82 -4.15 -28.57
N THR A 418 -36.04 -3.37 -29.63
CA THR A 418 -34.99 -3.05 -30.57
C THR A 418 -35.19 -1.62 -31.08
N LYS A 419 -34.12 -1.01 -31.59
CA LYS A 419 -34.19 0.34 -32.14
C LYS A 419 -34.57 0.33 -33.63
N GLY A 420 -35.27 1.39 -34.06
CA GLY A 420 -35.74 1.55 -35.44
C GLY A 420 -36.14 3.00 -35.61
N PRO A 421 -36.79 3.34 -36.72
CA PRO A 421 -37.25 4.72 -36.90
C PRO A 421 -38.30 5.13 -35.86
N ASN A 422 -38.46 6.44 -35.67
CA ASN A 422 -39.36 6.97 -34.67
C ASN A 422 -40.81 6.67 -35.00
N HIS A 423 -41.55 6.23 -33.99
CA HIS A 423 -42.98 5.99 -34.16
C HIS A 423 -43.75 6.22 -32.86
N GLN A 424 -45.07 6.30 -33.01
CA GLN A 424 -45.95 6.77 -31.96
C GLN A 424 -46.32 5.70 -30.96
N ASN A 425 -46.49 4.46 -31.41
CA ASN A 425 -46.89 3.37 -30.54
C ASN A 425 -45.77 2.35 -30.32
N PRO A 426 -45.21 2.29 -29.09
CA PRO A 426 -44.04 1.41 -28.86
C PRO A 426 -44.28 -0.07 -29.11
N PHE A 427 -45.52 -0.52 -29.14
CA PHE A 427 -45.79 -1.96 -29.22
C PHE A 427 -45.85 -2.47 -30.66
N GLU A 428 -45.99 -1.56 -31.62
CA GLU A 428 -45.93 -1.97 -33.01
C GLU A 428 -44.58 -2.63 -33.19
N THR A 429 -44.57 -3.76 -33.90
CA THR A 429 -43.32 -4.49 -34.11
C THR A 429 -42.73 -4.08 -35.44
N LEU A 430 -41.43 -4.27 -35.56
CA LEU A 430 -40.69 -3.87 -36.75
C LEU A 430 -40.67 -4.98 -37.80
N PRO A 431 -41.34 -4.79 -38.96
CA PRO A 431 -41.33 -5.86 -39.99
C PRO A 431 -39.92 -6.14 -40.57
N GLY A 432 -39.59 -7.41 -40.79
CA GLY A 432 -38.25 -7.76 -41.29
C GLY A 432 -37.36 -8.51 -40.31
N HIS A 433 -37.27 -9.82 -40.49
CA HIS A 433 -36.50 -10.73 -39.64
C HIS A 433 -35.79 -11.79 -40.49
N ARG A 436 -30.56 -7.89 -36.79
CA ARG A 436 -29.61 -7.38 -35.81
C ARG A 436 -28.74 -8.50 -35.15
N PRO A 437 -27.70 -8.97 -35.86
CA PRO A 437 -26.85 -10.02 -35.29
C PRO A 437 -25.72 -9.49 -34.40
N SER A 438 -25.25 -8.27 -34.70
CA SER A 438 -24.21 -7.62 -33.92
C SER A 438 -24.63 -7.47 -32.46
N GLN A 439 -25.86 -7.03 -32.25
CA GLN A 439 -26.43 -6.93 -30.90
C GLN A 439 -26.69 -8.31 -30.31
N LEU A 440 -27.21 -9.23 -31.14
CA LEU A 440 -27.55 -10.61 -30.71
C LEU A 440 -26.35 -11.42 -30.18
N MET A 441 -25.16 -11.13 -30.72
CA MET A 441 -23.93 -11.77 -30.28
C MET A 441 -23.61 -11.35 -28.83
N ALA A 442 -23.57 -10.04 -28.59
CA ALA A 442 -23.19 -9.48 -27.29
C ALA A 442 -24.14 -9.89 -26.16
N LEU A 443 -25.36 -10.24 -26.52
CA LEU A 443 -26.37 -10.71 -25.57
C LEU A 443 -26.00 -12.06 -25.05
N LEU A 444 -25.76 -12.97 -25.98
CA LEU A 444 -25.34 -14.33 -25.69
C LEU A 444 -24.12 -14.28 -24.76
N GLY A 445 -23.21 -13.35 -25.05
CA GLY A 445 -22.06 -13.08 -24.18
C GLY A 445 -22.48 -12.77 -22.75
N GLU A 446 -23.32 -11.75 -22.60
CA GLU A 446 -23.79 -11.33 -21.28
C GLU A 446 -24.57 -12.41 -20.53
N ALA A 447 -25.31 -13.24 -21.27
CA ALA A 447 -26.08 -14.33 -20.68
C ALA A 447 -25.18 -15.43 -20.13
N ALA A 448 -24.06 -15.65 -20.81
CA ALA A 448 -23.04 -16.63 -20.42
C ALA A 448 -22.59 -16.50 -18.95
N MET A 449 -22.35 -15.27 -18.51
CA MET A 449 -21.83 -15.01 -17.16
C MET A 449 -22.79 -15.37 -16.02
N HIS A 450 -23.97 -15.91 -16.37
CA HIS A 450 -25.05 -16.16 -15.42
C HIS A 450 -25.32 -17.63 -15.13
N GLY A 451 -24.45 -18.51 -15.60
CA GLY A 451 -24.58 -19.93 -15.32
C GLY A 451 -25.43 -20.72 -16.31
N GLU A 452 -25.74 -21.96 -15.92
CA GLU A 452 -26.29 -22.97 -16.82
C GLU A 452 -27.73 -22.70 -17.28
N LYS A 453 -28.66 -22.71 -16.33
CA LYS A 453 -30.10 -22.60 -16.61
C LYS A 453 -30.52 -21.36 -17.42
N TYR A 454 -29.94 -20.20 -17.09
CA TYR A 454 -30.34 -18.92 -17.68
C TYR A 454 -29.92 -18.76 -19.15
N TYR A 455 -28.66 -19.09 -19.45
CA TYR A 455 -28.16 -19.02 -20.82
C TYR A 455 -28.99 -19.88 -21.77
N ARG A 456 -29.41 -21.06 -21.27
CA ARG A 456 -30.13 -22.05 -22.07
C ARG A 456 -31.55 -21.58 -22.43
N THR A 457 -32.10 -20.67 -21.64
CA THR A 457 -33.42 -20.11 -21.95
C THR A 457 -33.31 -18.84 -22.80
N VAL A 458 -32.16 -18.17 -22.73
CA VAL A 458 -31.86 -17.01 -23.60
C VAL A 458 -31.53 -17.49 -25.02
N ALA A 459 -30.53 -18.36 -25.13
CA ALA A 459 -30.10 -18.93 -26.41
C ALA A 459 -31.26 -19.60 -27.16
N SER A 460 -32.27 -20.03 -26.41
CA SER A 460 -33.50 -20.60 -26.98
C SER A 460 -34.30 -19.50 -27.67
N ARG A 461 -34.64 -18.45 -26.93
CA ARG A 461 -35.27 -17.24 -27.50
C ARG A 461 -34.52 -16.71 -28.71
N VAL A 462 -33.21 -16.55 -28.57
CA VAL A 462 -32.36 -16.01 -29.65
C VAL A 462 -32.49 -16.85 -30.92
N SER A 463 -32.42 -18.17 -30.74
CA SER A 463 -32.57 -19.15 -31.81
C SER A 463 -33.89 -19.00 -32.58
N LYS A 464 -34.96 -18.70 -31.86
CA LYS A 464 -36.28 -18.50 -32.46
C LYS A 464 -36.29 -17.30 -33.41
N GLU A 465 -35.51 -16.26 -33.07
CA GLU A 465 -35.33 -15.10 -33.95
C GLU A 465 -34.55 -15.48 -35.22
N ALA A 466 -35.30 -15.93 -36.23
CA ALA A 466 -34.76 -16.39 -37.51
C ALA A 466 -35.64 -15.94 -38.69
N VAL A 474 -25.38 -20.41 -35.98
CA VAL A 474 -24.09 -20.16 -35.32
C VAL A 474 -24.31 -19.79 -33.84
N VAL A 475 -24.89 -20.73 -33.09
CA VAL A 475 -25.19 -20.54 -31.65
C VAL A 475 -24.53 -21.65 -30.79
N PRO A 476 -23.29 -21.40 -30.29
CA PRO A 476 -22.45 -22.43 -29.64
C PRO A 476 -22.83 -22.81 -28.20
N ARG A 477 -22.03 -23.68 -27.58
CA ARG A 477 -22.25 -24.14 -26.20
C ARG A 477 -21.92 -23.10 -25.14
N HIS A 478 -22.44 -23.31 -23.93
CA HIS A 478 -22.35 -22.36 -22.80
C HIS A 478 -20.93 -21.92 -22.42
N ARG A 479 -20.05 -22.88 -22.11
CA ARG A 479 -18.67 -22.56 -21.71
C ARG A 479 -17.79 -22.09 -22.89
N SER A 480 -18.23 -22.39 -24.11
CA SER A 480 -17.48 -22.01 -25.30
C SER A 480 -17.53 -20.52 -25.63
N VAL A 481 -18.51 -19.81 -25.05
CA VAL A 481 -18.65 -18.36 -25.22
C VAL A 481 -18.27 -17.63 -23.92
N LEU A 482 -18.40 -18.32 -22.80
CA LEU A 482 -18.01 -17.79 -21.48
C LEU A 482 -16.53 -17.50 -21.46
N ARG A 483 -15.77 -18.43 -22.02
CA ARG A 483 -14.32 -18.34 -22.10
C ARG A 483 -13.91 -17.27 -23.10
N TRP A 484 -14.70 -17.16 -24.18
CA TRP A 484 -14.49 -16.13 -25.19
C TRP A 484 -14.64 -14.74 -24.58
N VAL A 485 -15.74 -14.52 -23.85
CA VAL A 485 -16.06 -13.18 -23.33
C VAL A 485 -15.22 -12.77 -22.11
N ARG A 486 -14.81 -13.77 -21.32
CA ARG A 486 -13.97 -13.55 -20.14
C ARG A 486 -12.48 -13.34 -20.47
N PHE A 487 -11.97 -14.13 -21.43
CA PHE A 487 -10.53 -14.14 -21.66
C PHE A 487 -10.06 -13.68 -23.06
N GLY A 488 -10.01 -14.59 -24.03
CA GLY A 488 -9.38 -14.34 -25.35
C GLY A 488 -10.11 -13.36 -26.25
N LEU B 2 35.25 -48.92 -36.21
CA LEU B 2 34.87 -48.16 -34.97
C LEU B 2 33.63 -48.77 -34.28
N PRO B 3 33.84 -49.45 -33.13
CA PRO B 3 32.69 -49.70 -32.24
C PRO B 3 32.40 -48.46 -31.40
N ARG B 4 31.18 -48.33 -30.89
CA ARG B 4 30.79 -47.14 -30.12
C ARG B 4 31.50 -47.18 -28.78
N PRO B 5 31.92 -46.01 -28.25
CA PRO B 5 32.69 -46.04 -27.01
C PRO B 5 31.83 -46.40 -25.81
N SER B 6 32.44 -46.41 -24.63
CA SER B 6 31.75 -46.66 -23.39
C SER B 6 32.60 -46.18 -22.21
N GLY B 7 32.14 -46.51 -21.00
CA GLY B 7 32.70 -45.92 -19.80
C GLY B 7 31.84 -44.75 -19.34
N THR B 8 32.46 -43.84 -18.57
CA THR B 8 31.75 -42.76 -17.88
C THR B 8 32.44 -41.42 -18.06
N TYR B 9 31.62 -40.37 -18.10
CA TYR B 9 32.07 -39.01 -18.25
C TYR B 9 31.24 -38.21 -17.28
N ALA B 10 31.92 -37.57 -16.33
CA ALA B 10 31.27 -36.85 -15.24
C ALA B 10 30.06 -37.57 -14.66
N GLY B 11 30.25 -38.81 -14.21
CA GLY B 11 29.23 -39.58 -13.49
C GLY B 11 28.13 -40.18 -14.37
N LEU B 12 28.24 -39.99 -15.69
CA LEU B 12 27.18 -40.32 -16.64
C LEU B 12 27.64 -41.25 -17.76
N PRO B 13 26.74 -42.11 -18.25
CA PRO B 13 27.12 -43.09 -19.28
C PRO B 13 27.48 -42.47 -20.66
N ILE B 14 28.54 -43.00 -21.25
CA ILE B 14 28.95 -42.61 -22.59
C ILE B 14 28.20 -43.49 -23.54
N ALA B 15 27.54 -42.87 -24.51
CA ALA B 15 26.79 -43.62 -25.50
C ALA B 15 27.46 -43.57 -26.87
N ASP B 16 28.22 -42.52 -27.15
CA ASP B 16 28.80 -42.35 -28.48
C ASP B 16 29.86 -41.24 -28.54
N TYR B 17 30.57 -41.19 -29.66
CA TYR B 17 31.45 -40.07 -29.97
C TYR B 17 30.65 -38.81 -30.22
N GLY B 18 31.24 -37.66 -29.85
CA GLY B 18 30.54 -36.39 -29.95
C GLY B 18 30.87 -35.70 -31.26
N ASP B 19 30.06 -34.68 -31.57
CA ASP B 19 30.24 -33.89 -32.80
C ASP B 19 30.22 -32.42 -32.44
N ALA B 20 29.95 -32.12 -31.18
CA ALA B 20 29.96 -30.74 -30.71
C ALA B 20 31.29 -30.07 -31.00
N PRO B 21 31.25 -28.80 -31.41
CA PRO B 21 32.53 -28.11 -31.62
C PRO B 21 33.01 -27.54 -30.28
N PRO B 22 34.25 -27.02 -30.23
CA PRO B 22 34.84 -26.61 -28.94
C PRO B 22 34.00 -25.58 -28.18
N LEU B 23 34.00 -25.67 -26.85
CA LEU B 23 33.45 -24.61 -26.04
C LEU B 23 34.15 -23.29 -26.36
N SER B 24 33.34 -22.24 -26.53
CA SER B 24 33.79 -20.90 -26.87
C SER B 24 34.61 -20.29 -25.76
N THR B 25 35.74 -19.71 -26.12
CA THR B 25 36.64 -19.06 -25.16
C THR B 25 36.48 -17.54 -25.22
N LYS B 26 35.35 -17.10 -25.75
CA LYS B 26 35.11 -15.68 -25.96
C LYS B 26 33.82 -15.18 -25.31
N THR B 27 33.71 -13.86 -25.23
CA THR B 27 32.53 -13.23 -24.64
C THR B 27 32.00 -12.19 -25.60
N MET B 28 30.71 -11.89 -25.47
CA MET B 28 30.08 -10.84 -26.26
C MET B 28 30.11 -9.49 -25.57
N PHE B 29 30.58 -9.47 -24.31
CA PHE B 29 30.61 -8.23 -23.50
C PHE B 29 31.87 -7.41 -23.65
N TRP B 30 31.68 -6.10 -23.58
CA TRP B 30 32.73 -5.11 -23.84
C TRP B 30 32.51 -3.99 -22.86
N ARG B 31 33.57 -3.50 -22.24
CA ARG B 31 33.49 -2.28 -21.49
C ARG B 31 33.17 -1.12 -22.45
N THR B 32 32.45 -0.14 -21.90
CA THR B 32 32.09 1.07 -22.63
C THR B 32 33.04 2.21 -22.27
N SER B 33 33.85 1.98 -21.24
CA SER B 33 34.80 2.92 -20.70
C SER B 33 36.07 2.14 -20.34
N PRO B 34 37.25 2.76 -20.50
CA PRO B 34 38.47 2.03 -20.15
C PRO B 34 38.84 2.09 -18.67
N GLU B 35 38.24 2.99 -17.89
CA GLU B 35 38.57 3.16 -16.47
C GLU B 35 38.49 1.82 -15.73
N LYS B 36 39.48 1.58 -14.89
CA LYS B 36 39.55 0.40 -14.00
C LYS B 36 38.21 0.16 -13.29
N LEU B 37 37.89 -1.11 -13.11
CA LEU B 37 36.61 -1.48 -12.53
C LEU B 37 36.83 -1.75 -11.07
N PRO B 38 35.83 -1.42 -10.22
CA PRO B 38 36.07 -1.75 -8.80
C PRO B 38 35.94 -3.27 -8.56
N PRO B 39 36.70 -3.82 -7.60
CA PRO B 39 36.50 -5.23 -7.26
C PRO B 39 35.08 -5.43 -6.71
N GLY B 40 34.45 -6.54 -7.03
CA GLY B 40 33.06 -6.73 -6.63
C GLY B 40 32.08 -6.38 -7.73
N ALA B 41 32.54 -5.62 -8.73
CA ALA B 41 31.74 -5.34 -9.92
C ALA B 41 31.62 -6.61 -10.76
N TRP B 42 30.43 -6.84 -11.33
CA TRP B 42 30.23 -8.00 -12.22
C TRP B 42 31.10 -7.95 -13.47
N GLU B 43 31.48 -9.14 -13.94
CA GLU B 43 32.29 -9.35 -15.13
C GLU B 43 31.70 -10.55 -15.86
N PRO B 44 32.02 -10.70 -17.15
CA PRO B 44 31.54 -11.86 -17.90
C PRO B 44 32.14 -13.12 -17.30
N ALA B 45 31.40 -14.22 -17.41
CA ALA B 45 31.83 -15.52 -16.95
C ALA B 45 33.15 -15.94 -17.56
N TYR B 46 33.80 -16.88 -16.89
CA TYR B 46 35.15 -17.36 -17.19
C TYR B 46 35.32 -17.91 -18.62
N LEU B 47 36.49 -17.68 -19.20
CA LEU B 47 36.69 -17.97 -20.61
C LEU B 47 37.68 -19.10 -20.89
N GLY B 48 38.00 -19.89 -19.87
CA GLY B 48 38.91 -21.04 -20.03
C GLY B 48 40.40 -20.75 -19.97
N SER B 49 41.18 -21.64 -20.59
CA SER B 49 42.63 -21.63 -20.47
C SER B 49 43.29 -20.30 -20.80
N LYS B 50 42.78 -19.60 -21.81
CA LYS B 50 43.42 -18.37 -22.28
C LYS B 50 42.84 -17.11 -21.61
N ASP B 51 42.01 -17.31 -20.59
CA ASP B 51 41.44 -16.18 -19.85
C ASP B 51 42.53 -15.45 -19.05
N GLU B 52 42.95 -14.30 -19.57
CA GLU B 52 43.98 -13.48 -18.96
C GLU B 52 43.69 -13.07 -17.51
N ARG B 53 42.46 -13.23 -17.04
CA ARG B 53 42.09 -12.68 -15.73
C ARG B 53 42.43 -13.57 -14.56
N VAL B 54 42.56 -14.87 -14.81
CA VAL B 54 42.82 -15.81 -13.72
C VAL B 54 43.29 -17.13 -14.30
N ASP B 55 44.08 -17.87 -13.53
CA ASP B 55 44.38 -19.26 -13.88
C ASP B 55 43.24 -20.14 -13.37
N GLY B 56 42.63 -20.90 -14.27
CA GLY B 56 41.52 -21.78 -13.90
C GLY B 56 41.51 -23.08 -14.72
N PRO B 57 40.58 -24.00 -14.39
CA PRO B 57 40.50 -25.27 -15.08
C PRO B 57 40.06 -25.07 -16.52
N SER B 58 40.11 -26.12 -17.33
CA SER B 58 39.71 -26.02 -18.71
C SER B 58 38.20 -25.83 -18.71
N LEU B 59 37.66 -25.19 -19.74
CA LEU B 59 36.20 -25.06 -19.85
C LEU B 59 35.52 -26.44 -19.76
N GLN B 60 36.15 -27.45 -20.37
CA GLN B 60 35.67 -28.83 -20.35
C GLN B 60 35.51 -29.41 -18.94
N GLN B 61 36.40 -29.05 -18.03
CA GLN B 61 36.29 -29.44 -16.63
C GLN B 61 35.14 -28.69 -15.95
N VAL B 62 35.03 -27.39 -16.23
CA VAL B 62 33.95 -26.55 -15.72
C VAL B 62 32.61 -27.14 -16.14
N MET B 63 32.53 -27.57 -17.41
CA MET B 63 31.35 -28.31 -17.87
C MET B 63 31.07 -29.57 -17.04
N ARG B 64 32.10 -30.38 -16.82
CA ARG B 64 31.97 -31.56 -15.96
C ARG B 64 31.40 -31.25 -14.56
N ASP B 65 31.70 -30.07 -14.03
CA ASP B 65 31.21 -29.70 -12.69
C ASP B 65 29.74 -29.37 -12.71
N GLN B 66 29.28 -28.90 -13.88
CA GLN B 66 27.88 -28.50 -14.02
C GLN B 66 26.98 -29.71 -14.25
N LEU B 67 27.58 -30.80 -14.74
CA LEU B 67 26.86 -32.06 -14.97
C LEU B 67 26.77 -32.95 -13.73
N LYS B 68 27.60 -32.68 -12.73
CA LYS B 68 27.64 -33.52 -11.52
C LYS B 68 26.24 -33.69 -10.90
N PRO B 69 25.50 -32.58 -10.69
CA PRO B 69 24.19 -32.77 -10.06
C PRO B 69 23.18 -33.60 -10.87
N TYR B 70 23.43 -33.80 -12.16
CA TYR B 70 22.59 -34.68 -12.97
C TYR B 70 22.82 -36.17 -12.64
N SER B 71 23.78 -36.45 -11.76
CA SER B 71 24.07 -37.82 -11.31
C SER B 71 23.44 -38.03 -9.96
N GLU B 72 23.05 -36.93 -9.32
CA GLU B 72 22.45 -36.98 -8.00
C GLU B 72 21.18 -37.83 -8.00
N PRO B 73 20.94 -38.52 -6.88
CA PRO B 73 19.65 -39.15 -6.66
C PRO B 73 18.57 -38.07 -6.67
N ARG B 74 17.40 -38.40 -7.19
CA ARG B 74 16.25 -37.52 -7.08
C ARG B 74 15.72 -37.50 -5.66
N GLY B 75 15.10 -36.38 -5.28
CA GLY B 75 14.21 -36.35 -4.12
C GLY B 75 12.96 -37.20 -4.39
N LEU B 76 12.02 -37.19 -3.46
CA LEU B 76 10.86 -38.06 -3.58
C LEU B 76 9.70 -37.38 -4.26
N LEU B 77 8.78 -38.19 -4.74
CA LEU B 77 7.52 -37.69 -5.26
C LEU B 77 6.58 -37.23 -4.14
N PRO B 78 5.71 -36.24 -4.44
CA PRO B 78 4.62 -35.94 -3.54
C PRO B 78 3.70 -37.16 -3.45
N PRO B 79 2.97 -37.32 -2.33
CA PRO B 79 2.10 -38.49 -2.21
C PRO B 79 1.22 -38.60 -3.45
N GLN B 80 1.06 -39.82 -3.93
CA GLN B 80 0.36 -40.05 -5.20
C GLN B 80 -1.03 -39.41 -5.21
N GLU B 81 -1.76 -39.55 -4.10
CA GLU B 81 -3.11 -39.00 -4.02
C GLU B 81 -3.15 -37.48 -4.15
N ILE B 82 -2.11 -36.82 -3.64
CA ILE B 82 -2.01 -35.37 -3.76
C ILE B 82 -1.59 -34.95 -5.18
N LEU B 83 -0.56 -35.60 -5.70
CA LEU B 83 -0.07 -35.32 -7.04
C LEU B 83 -1.19 -35.41 -8.09
N ASP B 84 -2.04 -36.43 -7.95
CA ASP B 84 -3.17 -36.63 -8.86
C ASP B 84 -4.22 -35.52 -8.80
N ALA B 85 -4.71 -35.20 -7.60
CA ALA B 85 -5.68 -34.11 -7.40
C ALA B 85 -5.10 -32.77 -7.85
N VAL B 86 -3.80 -32.58 -7.62
CA VAL B 86 -3.09 -31.40 -8.15
C VAL B 86 -3.11 -31.41 -9.69
N CYS B 87 -2.55 -32.45 -10.30
CA CYS B 87 -2.54 -32.51 -11.77
CA CYS B 87 -2.53 -32.55 -11.77
C CYS B 87 -3.92 -32.27 -12.35
N ASP B 88 -4.93 -32.92 -11.76
CA ASP B 88 -6.32 -32.72 -12.15
C ASP B 88 -6.76 -31.25 -12.10
N ALA B 89 -6.39 -30.55 -11.05
CA ALA B 89 -6.91 -29.20 -10.83
C ALA B 89 -6.32 -28.24 -11.83
N ILE B 90 -5.00 -28.35 -12.00
CA ILE B 90 -4.28 -27.60 -13.02
C ILE B 90 -4.82 -27.97 -14.39
N GLU B 91 -5.18 -29.23 -14.55
CA GLU B 91 -5.83 -29.65 -15.78
C GLU B 91 -7.14 -28.87 -15.95
N ASN B 92 -8.00 -28.90 -14.94
CA ASN B 92 -9.29 -28.21 -15.04
C ASN B 92 -9.09 -26.75 -15.35
N ARG B 93 -8.19 -26.11 -14.62
CA ARG B 93 -8.04 -24.67 -14.73
C ARG B 93 -7.65 -24.23 -16.15
N LEU B 94 -6.72 -24.96 -16.75
CA LEU B 94 -6.23 -24.61 -18.08
C LEU B 94 -7.28 -24.96 -19.12
N GLU B 95 -7.98 -26.05 -18.88
CA GLU B 95 -9.10 -26.45 -19.71
C GLU B 95 -10.23 -25.39 -19.66
N ASN B 96 -10.38 -24.74 -18.51
CA ASN B 96 -11.40 -23.73 -18.30
C ASN B 96 -11.02 -22.36 -18.85
N THR B 97 -9.74 -22.17 -19.17
CA THR B 97 -9.24 -20.84 -19.52
C THR B 97 -8.64 -20.71 -20.90
N LEU B 98 -8.04 -21.78 -21.40
CA LEU B 98 -7.34 -21.71 -22.67
C LEU B 98 -8.29 -21.79 -23.87
N GLU B 99 -8.08 -20.89 -24.82
CA GLU B 99 -8.84 -20.91 -26.06
C GLU B 99 -8.20 -21.92 -27.03
N PRO B 100 -8.96 -22.98 -27.42
CA PRO B 100 -8.51 -24.02 -28.37
C PRO B 100 -7.79 -23.43 -29.59
N GLN B 101 -6.81 -24.14 -30.14
CA GLN B 101 -6.05 -23.61 -31.27
C GLN B 101 -6.12 -24.45 -32.54
N LYS B 102 -5.83 -23.81 -33.65
CA LYS B 102 -5.61 -24.50 -34.93
C LYS B 102 -4.19 -25.03 -34.90
N PRO B 103 -3.97 -26.25 -35.44
CA PRO B 103 -2.64 -26.86 -35.57
C PRO B 103 -1.63 -25.91 -36.18
N TRP B 104 -0.41 -25.95 -35.66
CA TRP B 104 0.67 -25.16 -36.19
C TRP B 104 1.20 -25.85 -37.43
N THR B 105 1.33 -25.09 -38.51
CA THR B 105 1.90 -25.62 -39.74
C THR B 105 3.40 -25.82 -39.62
N PHE B 106 3.97 -26.42 -40.65
CA PHE B 106 5.41 -26.51 -40.79
C PHE B 106 6.00 -25.13 -41.03
N LYS B 107 5.27 -24.32 -41.80
CA LYS B 107 5.69 -22.96 -42.13
C LYS B 107 5.82 -22.11 -40.87
N LYS B 108 4.83 -22.20 -39.98
CA LYS B 108 4.81 -21.41 -38.75
C LYS B 108 5.96 -21.83 -37.84
N ALA B 109 6.09 -23.14 -37.65
CA ALA B 109 7.09 -23.71 -36.75
C ALA B 109 8.47 -23.29 -37.17
N CYS B 110 8.71 -23.25 -38.48
CA CYS B 110 9.94 -22.71 -39.06
C CYS B 110 10.09 -21.20 -38.77
N GLU B 111 9.04 -20.45 -39.07
CA GLU B 111 9.00 -19.03 -38.76
C GLU B 111 9.39 -18.79 -37.29
N SER B 112 8.80 -19.55 -36.35
CA SER B 112 8.97 -19.28 -34.92
C SER B 112 10.39 -19.38 -34.35
N LEU B 113 11.27 -20.07 -35.06
CA LEU B 113 12.58 -20.38 -34.52
C LEU B 113 13.48 -19.14 -34.46
N ASP B 114 14.23 -19.01 -33.37
CA ASP B 114 15.23 -17.95 -33.24
C ASP B 114 16.31 -18.23 -34.28
N LYS B 115 16.54 -17.29 -35.18
CA LYS B 115 17.44 -17.56 -36.31
C LYS B 115 18.88 -17.19 -36.00
N ASN B 116 19.08 -16.53 -34.87
CA ASN B 116 20.39 -16.09 -34.45
C ASN B 116 21.18 -17.22 -33.81
N THR B 117 20.47 -18.08 -33.09
CA THR B 117 21.09 -19.23 -32.45
C THR B 117 21.48 -20.34 -33.45
N SER B 118 22.37 -21.23 -33.00
CA SER B 118 22.77 -22.46 -33.70
C SER B 118 21.65 -23.49 -34.00
N SER B 119 21.84 -24.25 -35.09
CA SER B 119 20.96 -25.39 -35.42
C SER B 119 21.24 -26.67 -34.62
N GLY B 120 22.36 -26.69 -33.88
CA GLY B 120 22.78 -27.86 -33.10
C GLY B 120 23.13 -29.06 -33.97
N TYR B 121 23.01 -30.25 -33.39
CA TYR B 121 23.26 -31.50 -34.11
C TYR B 121 22.43 -31.58 -35.38
N PRO B 122 23.04 -31.98 -36.51
CA PRO B 122 24.46 -32.28 -36.68
C PRO B 122 25.26 -31.21 -37.42
N TYR B 123 24.60 -30.14 -37.87
CA TYR B 123 25.28 -29.08 -38.68
C TYR B 123 25.90 -27.91 -37.86
N HIS B 124 25.35 -27.64 -36.67
CA HIS B 124 25.89 -26.60 -35.80
C HIS B 124 26.16 -25.24 -36.50
N LYS B 125 25.21 -24.76 -37.30
CA LYS B 125 25.35 -23.45 -37.94
C LYS B 125 24.23 -22.55 -37.49
N GLN B 126 24.48 -21.25 -37.57
CA GLN B 126 23.44 -20.28 -37.30
C GLN B 126 22.27 -20.59 -38.20
N LYS B 127 21.12 -20.86 -37.59
CA LYS B 127 19.88 -21.10 -38.34
C LYS B 127 19.71 -20.18 -39.55
N SER B 128 20.09 -18.92 -39.37
CA SER B 128 19.97 -17.93 -40.42
C SER B 128 20.75 -18.27 -41.70
N LYS B 129 21.86 -18.98 -41.56
CA LYS B 129 22.71 -19.24 -42.73
C LYS B 129 21.98 -20.04 -43.82
N ASP B 130 20.87 -20.66 -43.46
CA ASP B 130 20.15 -21.50 -44.38
C ASP B 130 18.72 -20.98 -44.49
N TRP B 131 18.50 -19.75 -44.04
CA TRP B 131 17.15 -19.19 -44.05
C TRP B 131 16.98 -18.14 -45.15
N THR B 132 15.86 -18.22 -45.85
CA THR B 132 15.59 -17.38 -47.01
C THR B 132 14.70 -16.20 -46.67
N GLY B 133 14.18 -16.20 -45.45
CA GLY B 133 13.13 -15.27 -45.05
C GLY B 133 11.81 -16.01 -44.93
N SER B 134 11.61 -17.00 -45.79
CA SER B 134 10.38 -17.79 -45.79
C SER B 134 10.58 -19.22 -45.27
N ALA B 135 11.69 -19.83 -45.67
CA ALA B 135 11.88 -21.27 -45.52
C ALA B 135 13.34 -21.60 -45.25
N PHE B 136 13.62 -22.83 -44.80
CA PHE B 136 14.99 -23.28 -44.71
C PHE B 136 15.35 -23.96 -46.01
N ILE B 137 16.56 -23.73 -46.48
CA ILE B 137 17.07 -24.39 -47.67
C ILE B 137 18.29 -25.14 -47.22
N GLY B 138 18.97 -25.81 -48.16
CA GLY B 138 20.23 -26.49 -47.87
C GLY B 138 20.15 -27.64 -46.87
N ASP B 139 21.08 -27.66 -45.93
CA ASP B 139 21.14 -28.69 -44.92
C ASP B 139 19.98 -28.57 -43.97
N LEU B 140 19.76 -27.36 -43.49
CA LEU B 140 18.75 -27.13 -42.51
C LEU B 140 17.37 -27.34 -43.11
N GLY B 141 17.26 -27.08 -44.41
CA GLY B 141 16.10 -27.45 -45.17
C GLY B 141 15.84 -28.94 -45.05
N ASP B 142 16.84 -29.77 -45.40
CA ASP B 142 16.71 -31.23 -45.35
C ASP B 142 16.38 -31.71 -43.93
N GLN B 143 17.04 -31.12 -42.94
CA GLN B 143 16.85 -31.52 -41.54
C GLN B 143 15.43 -31.26 -41.05
N ALA B 144 14.91 -30.08 -41.31
CA ALA B 144 13.59 -29.71 -40.86
C ALA B 144 12.51 -30.57 -41.54
N THR B 145 12.60 -30.69 -42.87
CA THR B 145 11.68 -31.47 -43.69
C THR B 145 11.59 -32.90 -43.18
N HIS B 146 12.73 -33.60 -43.08
CA HIS B 146 12.73 -34.92 -42.46
C HIS B 146 11.98 -34.91 -41.14
N ALA B 147 12.33 -33.98 -40.25
CA ALA B 147 11.74 -33.92 -38.93
C ALA B 147 10.23 -33.76 -38.99
N ASN B 148 9.80 -32.90 -39.91
CA ASN B 148 8.39 -32.67 -40.12
C ASN B 148 7.64 -33.92 -40.57
N ASN B 149 8.26 -34.63 -41.50
CA ASN B 149 7.74 -35.93 -41.94
C ASN B 149 7.52 -36.87 -40.76
N MET B 150 8.50 -36.97 -39.87
CA MET B 150 8.39 -37.84 -38.68
C MET B 150 7.29 -37.37 -37.72
N TYR B 151 7.09 -36.06 -37.66
CA TYR B 151 6.03 -35.52 -36.83
C TYR B 151 4.70 -35.93 -37.42
N GLU B 152 4.49 -35.62 -38.70
CA GLU B 152 3.23 -35.95 -39.37
C GLU B 152 2.93 -37.46 -39.30
N MET B 153 3.95 -38.29 -39.49
CA MET B 153 3.81 -39.76 -39.34
C MET B 153 3.74 -40.32 -37.89
N GLY B 154 3.86 -39.46 -36.89
CA GLY B 154 3.91 -39.91 -35.50
C GLY B 154 5.07 -40.86 -35.21
N LYS B 155 6.20 -40.68 -35.89
CA LYS B 155 7.35 -41.55 -35.66
C LYS B 155 8.42 -40.92 -34.78
N SER B 156 9.11 -41.77 -34.04
CA SER B 156 9.97 -41.36 -32.94
C SER B 156 11.33 -40.88 -33.42
N MET B 157 11.81 -39.78 -32.89
CA MET B 157 13.18 -39.33 -33.15
C MET B 157 13.87 -39.02 -31.85
N ARG B 158 15.11 -39.47 -31.75
CA ARG B 158 15.92 -39.23 -30.58
C ARG B 158 16.57 -37.83 -30.63
N PRO B 159 16.10 -36.90 -29.75
CA PRO B 159 16.70 -35.57 -29.66
C PRO B 159 18.19 -35.70 -29.33
N ILE B 160 19.01 -34.87 -29.96
CA ILE B 160 20.42 -34.78 -29.57
C ILE B 160 20.75 -33.36 -29.16
N TYR B 161 21.07 -33.19 -27.87
CA TYR B 161 21.44 -31.88 -27.31
C TYR B 161 22.95 -31.67 -27.39
N THR B 162 23.35 -30.39 -27.42
CA THR B 162 24.72 -30.00 -27.61
C THR B 162 25.05 -29.03 -26.52
N ALA B 163 26.02 -29.39 -25.70
CA ALA B 163 26.29 -28.64 -24.48
C ALA B 163 27.07 -27.37 -24.77
N ALA B 164 26.76 -26.32 -24.04
CA ALA B 164 27.56 -25.11 -24.11
C ALA B 164 27.61 -24.50 -22.72
N LEU B 165 28.36 -23.43 -22.57
CA LEU B 165 28.40 -22.76 -21.29
C LEU B 165 28.01 -21.30 -21.49
N LYS B 166 27.16 -20.77 -20.59
CA LYS B 166 26.54 -19.44 -20.76
C LYS B 166 27.51 -18.26 -20.72
N ASP B 167 27.56 -17.49 -21.79
CA ASP B 167 28.29 -16.25 -21.77
C ASP B 167 27.43 -15.18 -21.13
N GLU B 168 27.74 -14.78 -19.91
CA GLU B 168 26.92 -13.81 -19.18
C GLU B 168 27.69 -13.11 -18.07
N LEU B 169 27.23 -11.92 -17.71
CA LEU B 169 27.75 -11.20 -16.57
C LEU B 169 27.43 -11.93 -15.27
N VAL B 170 28.43 -12.04 -14.38
CA VAL B 170 28.27 -12.71 -13.08
C VAL B 170 28.97 -11.98 -11.94
N LYS B 171 28.58 -12.27 -10.70
CA LYS B 171 29.28 -11.72 -9.53
C LYS B 171 30.74 -12.24 -9.45
N PRO B 172 31.70 -11.34 -9.18
CA PRO B 172 33.13 -11.65 -9.36
C PRO B 172 33.59 -12.91 -8.64
N ASP B 173 32.83 -13.29 -7.60
CA ASP B 173 33.10 -14.51 -6.83
C ASP B 173 33.19 -15.73 -7.76
N LYS B 174 32.39 -15.72 -8.83
CA LYS B 174 32.33 -16.84 -9.76
C LYS B 174 33.44 -16.86 -10.81
N ILE B 175 34.33 -15.88 -10.76
CA ILE B 175 35.47 -15.75 -11.68
C ILE B 175 36.78 -15.93 -10.91
N TYR B 176 36.83 -15.38 -9.70
CA TYR B 176 38.07 -15.39 -8.96
C TYR B 176 38.05 -16.42 -7.84
N GLY B 177 36.86 -16.63 -7.28
CA GLY B 177 36.67 -17.66 -6.27
C GLY B 177 36.46 -19.02 -6.91
N LYS B 178 35.41 -19.71 -6.47
CA LYS B 178 35.06 -20.98 -7.07
C LYS B 178 34.41 -20.70 -8.43
N ILE B 179 35.05 -21.19 -9.49
CA ILE B 179 34.64 -20.89 -10.86
C ILE B 179 33.42 -21.69 -11.29
N LYS B 180 32.42 -20.98 -11.81
CA LYS B 180 31.18 -21.58 -12.31
C LYS B 180 30.73 -20.84 -13.56
N LYS B 181 30.07 -21.57 -14.45
CA LYS B 181 29.53 -21.03 -15.67
C LYS B 181 28.34 -21.93 -15.97
N ARG B 182 27.20 -21.35 -16.33
CA ARG B 182 25.99 -22.15 -16.43
C ARG B 182 25.97 -23.02 -17.68
N LEU B 183 25.60 -24.29 -17.46
CA LEU B 183 25.43 -25.25 -18.55
C LEU B 183 24.16 -24.95 -19.34
N LEU B 184 24.27 -24.99 -20.67
CA LEU B 184 23.13 -24.84 -21.58
C LEU B 184 22.95 -26.08 -22.42
N TRP B 185 21.70 -26.43 -22.72
CA TRP B 185 21.41 -27.58 -23.61
C TRP B 185 20.90 -27.12 -24.98
N GLY B 186 21.77 -27.12 -25.98
CA GLY B 186 21.41 -26.71 -27.34
C GLY B 186 20.73 -27.86 -28.05
N SER B 187 19.47 -27.63 -28.39
CA SER B 187 18.63 -28.63 -28.99
C SER B 187 18.95 -28.65 -30.46
N ASP B 188 18.58 -29.73 -31.14
CA ASP B 188 18.82 -29.85 -32.58
C ASP B 188 17.60 -29.38 -33.38
N LEU B 189 17.84 -28.91 -34.60
CA LEU B 189 16.76 -28.29 -35.37
C LEU B 189 15.54 -29.21 -35.46
N GLY B 190 15.75 -30.46 -35.84
CA GLY B 190 14.68 -31.44 -35.92
C GLY B 190 13.75 -31.45 -34.74
N THR B 191 14.32 -31.67 -33.55
CA THR B 191 13.56 -31.55 -32.31
C THR B 191 12.85 -30.19 -32.20
N MET B 192 13.58 -29.09 -32.39
CA MET B 192 12.95 -27.77 -32.38
C MET B 192 11.70 -27.74 -33.23
N ILE B 193 11.82 -28.23 -34.46
CA ILE B 193 10.70 -28.28 -35.38
C ILE B 193 9.54 -29.09 -34.83
N ARG B 194 9.83 -30.31 -34.42
CA ARG B 194 8.78 -31.19 -33.93
C ARG B 194 8.10 -30.60 -32.69
N ALA B 195 8.89 -29.99 -31.80
CA ALA B 195 8.35 -29.36 -30.55
C ALA B 195 7.53 -28.13 -30.90
N ALA B 196 8.01 -27.40 -31.90
CA ALA B 196 7.33 -26.19 -32.35
C ALA B 196 5.93 -26.56 -32.81
N ARG B 197 5.85 -27.51 -33.75
CA ARG B 197 4.54 -27.95 -34.25
C ARG B 197 3.70 -28.50 -33.14
N ALA B 198 4.26 -29.43 -32.36
CA ALA B 198 3.49 -30.12 -31.33
C ALA B 198 2.88 -29.15 -30.33
N PHE B 199 3.70 -28.22 -29.84
CA PHE B 199 3.32 -27.47 -28.63
C PHE B 199 3.13 -25.96 -28.81
N GLY B 200 3.57 -25.41 -29.95
CA GLY B 200 3.40 -24.00 -30.25
C GLY B 200 1.98 -23.50 -29.99
N PRO B 201 0.98 -24.24 -30.51
CA PRO B 201 -0.38 -23.90 -30.19
C PRO B 201 -0.61 -23.79 -28.68
N PHE B 202 -0.26 -24.81 -27.92
CA PHE B 202 -0.42 -24.72 -26.47
C PHE B 202 0.35 -23.54 -25.90
N CYS B 203 1.57 -23.30 -26.41
CA CYS B 203 2.38 -22.18 -25.94
CA CYS B 203 2.36 -22.17 -25.94
C CYS B 203 1.67 -20.85 -26.24
N ASP B 204 1.08 -20.75 -27.44
CA ASP B 204 0.26 -19.61 -27.90
C ASP B 204 -0.89 -19.31 -26.96
N ALA B 205 -1.70 -20.34 -26.69
CA ALA B 205 -2.92 -20.19 -25.90
C ALA B 205 -2.57 -19.76 -24.50
N LEU B 206 -1.56 -20.43 -23.95
CA LEU B 206 -1.04 -20.12 -22.64
C LEU B 206 -0.62 -18.66 -22.59
N LYS B 207 0.13 -18.23 -23.60
CA LYS B 207 0.60 -16.85 -23.69
C LYS B 207 -0.54 -15.82 -23.61
N GLU B 208 -1.64 -16.10 -24.31
CA GLU B 208 -2.85 -15.28 -24.27
C GLU B 208 -3.54 -15.21 -22.90
N THR B 209 -3.13 -16.09 -21.97
CA THR B 209 -3.65 -16.09 -20.60
C THR B 209 -2.55 -15.85 -19.55
N CYS B 210 -1.48 -15.15 -19.95
CA CYS B 210 -0.33 -14.85 -19.08
C CYS B 210 -0.71 -14.02 -17.85
N ILE B 211 -1.93 -13.46 -17.85
CA ILE B 211 -2.49 -12.70 -16.73
C ILE B 211 -3.42 -13.56 -15.88
N PHE B 212 -4.40 -14.19 -16.53
CA PHE B 212 -5.40 -15.00 -15.82
C PHE B 212 -4.82 -16.29 -15.26
N ASN B 213 -3.71 -16.74 -15.84
CA ASN B 213 -3.04 -17.94 -15.39
C ASN B 213 -1.63 -17.66 -14.89
N PRO B 214 -1.10 -18.55 -14.04
CA PRO B 214 0.15 -18.25 -13.35
C PRO B 214 1.39 -18.37 -14.19
N ILE B 215 1.31 -19.05 -15.32
CA ILE B 215 2.48 -19.16 -16.22
C ILE B 215 2.68 -17.84 -16.97
N ARG B 216 3.67 -17.08 -16.54
CA ARG B 216 3.82 -15.71 -16.98
C ARG B 216 4.63 -15.56 -18.27
N VAL B 217 5.10 -16.67 -18.86
CA VAL B 217 5.86 -16.59 -20.14
C VAL B 217 5.16 -15.65 -21.15
N GLY B 218 5.93 -14.77 -21.79
CA GLY B 218 5.42 -13.89 -22.84
C GLY B 218 4.92 -12.55 -22.31
N MET B 219 4.82 -12.44 -20.99
CA MET B 219 4.35 -11.21 -20.36
C MET B 219 5.28 -10.02 -20.66
N SER B 220 4.68 -8.86 -20.92
CA SER B 220 5.43 -7.62 -21.00
C SER B 220 5.47 -7.05 -19.60
N MET B 221 6.68 -6.87 -19.06
CA MET B 221 6.84 -6.34 -17.70
C MET B 221 6.11 -5.01 -17.56
N ASN B 222 6.20 -4.21 -18.62
CA ASN B 222 5.83 -2.80 -18.60
C ASN B 222 4.34 -2.58 -18.66
N GLU B 223 3.64 -3.40 -19.45
CA GLU B 223 2.18 -3.30 -19.50
C GLU B 223 1.39 -4.42 -18.83
N ASP B 224 2.06 -5.53 -18.51
CA ASP B 224 1.38 -6.64 -17.86
C ASP B 224 1.69 -6.72 -16.36
N GLY B 225 2.86 -6.21 -15.98
CA GLY B 225 3.25 -6.15 -14.56
C GLY B 225 2.18 -5.54 -13.66
N PRO B 226 1.73 -4.30 -13.97
CA PRO B 226 0.73 -3.64 -13.13
C PRO B 226 -0.47 -4.50 -12.82
N PHE B 227 -0.93 -5.25 -13.81
CA PHE B 227 -2.14 -6.04 -13.67
C PHE B 227 -1.83 -7.32 -12.90
N ILE B 228 -0.76 -8.02 -13.31
CA ILE B 228 -0.25 -9.19 -12.60
C ILE B 228 -0.05 -8.95 -11.09
N PHE B 229 0.74 -7.93 -10.75
CA PHE B 229 1.00 -7.64 -9.35
C PHE B 229 -0.26 -7.20 -8.59
N ALA B 230 -1.19 -6.52 -9.27
CA ALA B 230 -2.43 -6.10 -8.63
C ALA B 230 -3.26 -7.30 -8.23
N ARG B 231 -3.23 -8.33 -9.06
CA ARG B 231 -3.89 -9.57 -8.70
C ARG B 231 -3.19 -10.19 -7.48
N HIS B 232 -1.86 -10.22 -7.49
CA HIS B 232 -1.09 -10.72 -6.34
C HIS B 232 -1.41 -9.94 -5.06
N ALA B 233 -1.48 -8.62 -5.18
CA ALA B 233 -1.77 -7.72 -4.07
C ALA B 233 -3.12 -7.99 -3.36
N ASN B 234 -3.99 -8.81 -3.95
CA ASN B 234 -5.31 -9.06 -3.37
C ASN B 234 -5.33 -10.16 -2.33
N PHE B 235 -4.14 -10.59 -1.89
CA PHE B 235 -3.97 -11.72 -0.99
C PHE B 235 -3.03 -11.36 0.16
N ARG B 236 -3.28 -11.97 1.32
CA ARG B 236 -2.61 -11.57 2.56
C ARG B 236 -1.10 -11.71 2.49
N TYR B 237 -0.65 -12.91 2.13
CA TYR B 237 0.74 -13.30 2.35
C TYR B 237 1.41 -13.49 1.02
N HIS B 238 2.68 -13.12 0.96
CA HIS B 238 3.46 -13.19 -0.26
C HIS B 238 4.83 -13.76 0.03
N MET B 239 5.29 -14.65 -0.84
CA MET B 239 6.60 -15.29 -0.70
C MET B 239 7.26 -15.60 -2.03
N ASP B 240 8.57 -15.61 -1.96
CA ASP B 240 9.41 -15.96 -3.08
C ASP B 240 10.31 -17.06 -2.55
N ALA B 241 10.24 -18.22 -3.16
CA ALA B 241 11.32 -19.18 -2.98
C ALA B 241 12.32 -18.80 -4.07
N ASP B 242 13.58 -18.70 -3.68
CA ASP B 242 14.63 -18.48 -4.65
C ASP B 242 15.39 -19.82 -4.76
N TYR B 243 15.07 -20.57 -5.80
CA TYR B 243 15.64 -21.90 -6.01
C TYR B 243 17.01 -21.85 -6.65
N THR B 244 17.88 -22.74 -6.17
CA THR B 244 19.23 -22.96 -6.66
C THR B 244 19.20 -24.25 -7.46
N ARG B 245 19.82 -24.24 -8.64
CA ARG B 245 19.90 -25.43 -9.53
C ARG B 245 18.56 -26.11 -9.82
N TRP B 246 17.56 -25.31 -10.21
CA TRP B 246 16.23 -25.79 -10.51
C TRP B 246 16.24 -27.00 -11.43
N ASP B 247 16.94 -26.83 -12.57
CA ASP B 247 16.86 -27.79 -13.67
C ASP B 247 17.50 -29.13 -13.34
N SER B 248 18.72 -29.10 -12.78
CA SER B 248 19.38 -30.36 -12.42
C SER B 248 18.64 -31.12 -11.33
N THR B 249 17.84 -30.42 -10.50
CA THR B 249 17.12 -31.07 -9.41
C THR B 249 15.71 -31.49 -9.80
N GLN B 250 15.38 -31.42 -11.08
CA GLN B 250 14.04 -31.81 -11.50
C GLN B 250 13.89 -33.32 -11.55
N GLN B 251 12.66 -33.78 -11.41
CA GLN B 251 12.33 -35.19 -11.54
C GLN B 251 11.64 -35.42 -12.88
N ARG B 252 12.08 -36.42 -13.61
CA ARG B 252 11.42 -36.79 -14.84
C ARG B 252 9.99 -37.28 -14.59
N ALA B 253 9.72 -37.82 -13.40
CA ALA B 253 8.36 -38.25 -13.11
C ALA B 253 7.42 -37.05 -13.00
N ILE B 254 7.93 -35.96 -12.45
CA ILE B 254 7.15 -34.74 -12.29
C ILE B 254 6.96 -34.12 -13.67
N LEU B 255 8.08 -33.98 -14.38
CA LEU B 255 8.10 -33.52 -15.77
C LEU B 255 7.13 -34.26 -16.70
N LYS B 256 7.03 -35.58 -16.52
CA LYS B 256 6.11 -36.39 -17.32
C LYS B 256 4.67 -35.94 -17.11
N ARG B 257 4.34 -35.62 -15.85
CA ARG B 257 3.02 -35.13 -15.49
C ARG B 257 2.70 -33.79 -16.14
N ALA B 258 3.67 -32.88 -16.12
CA ALA B 258 3.50 -31.60 -16.78
C ALA B 258 3.32 -31.79 -18.28
N GLY B 259 4.06 -32.77 -18.84
CA GLY B 259 3.98 -33.11 -20.26
C GLY B 259 2.65 -33.71 -20.66
N ASP B 260 2.07 -34.53 -19.79
CA ASP B 260 0.72 -35.07 -20.00
C ASP B 260 -0.28 -33.95 -20.20
N ILE B 261 -0.18 -32.92 -19.39
CA ILE B 261 -1.10 -31.82 -19.44
C ILE B 261 -0.97 -31.12 -20.80
N MET B 262 0.26 -30.83 -21.21
CA MET B 262 0.51 -30.15 -22.47
C MET B 262 0.07 -31.00 -23.65
N VAL B 263 0.29 -32.31 -23.55
CA VAL B 263 -0.15 -33.18 -24.61
C VAL B 263 -1.67 -33.18 -24.74
N ARG B 264 -2.36 -33.29 -23.59
CA ARG B 264 -3.81 -33.46 -23.57
C ARG B 264 -4.51 -32.19 -24.03
N LEU B 265 -3.84 -31.05 -23.90
CA LEU B 265 -4.40 -29.77 -24.31
C LEU B 265 -3.78 -29.27 -25.63
N SER B 266 -3.34 -30.21 -26.46
CA SER B 266 -2.85 -29.85 -27.78
C SER B 266 -3.86 -30.17 -28.87
N PRO B 267 -3.84 -29.42 -29.98
CA PRO B 267 -4.74 -29.74 -31.10
C PRO B 267 -4.47 -31.11 -31.72
N GLU B 268 -3.21 -31.55 -31.77
CA GLU B 268 -2.88 -32.88 -32.29
C GLU B 268 -2.21 -33.70 -31.18
N PRO B 269 -3.03 -34.28 -30.27
CA PRO B 269 -2.46 -34.91 -29.08
C PRO B 269 -1.72 -36.22 -29.34
N ASP B 270 -2.20 -37.02 -30.29
CA ASP B 270 -1.48 -38.22 -30.69
C ASP B 270 -0.10 -37.86 -31.22
N LEU B 271 -0.01 -36.78 -31.99
CA LEU B 271 1.29 -36.37 -32.54
C LEU B 271 2.19 -35.74 -31.47
N ALA B 272 1.58 -34.96 -30.58
CA ALA B 272 2.33 -34.33 -29.49
C ALA B 272 2.87 -35.37 -28.51
N ARG B 273 2.05 -36.37 -28.20
CA ARG B 273 2.43 -37.50 -27.34
C ARG B 273 3.76 -38.10 -27.75
N VAL B 274 3.92 -38.33 -29.04
CA VAL B 274 5.16 -38.91 -29.56
C VAL B 274 6.32 -38.00 -29.24
N VAL B 275 6.13 -36.71 -29.48
CA VAL B 275 7.16 -35.72 -29.28
C VAL B 275 7.48 -35.61 -27.79
N MET B 276 6.45 -35.67 -26.95
CA MET B 276 6.68 -35.49 -25.54
C MET B 276 7.51 -36.66 -24.95
N ASP B 277 7.14 -37.90 -25.28
CA ASP B 277 7.94 -39.04 -24.81
C ASP B 277 9.39 -38.92 -25.25
N ASP B 278 9.65 -38.65 -26.54
CA ASP B 278 11.03 -38.36 -26.99
C ASP B 278 11.73 -37.31 -26.13
N LEU B 279 11.05 -36.21 -25.84
CA LEU B 279 11.65 -35.19 -25.01
C LEU B 279 12.03 -35.72 -23.64
N LEU B 280 11.22 -36.62 -23.07
CA LEU B 280 11.42 -37.13 -21.69
C LEU B 280 12.21 -38.43 -21.53
N ALA B 281 12.42 -39.14 -22.64
CA ALA B 281 13.32 -40.29 -22.67
C ALA B 281 14.71 -39.82 -22.28
N PRO B 282 15.51 -40.72 -21.70
CA PRO B 282 16.86 -40.34 -21.32
C PRO B 282 17.56 -39.49 -22.37
N SER B 283 18.12 -38.36 -21.95
CA SER B 283 18.59 -37.35 -22.88
C SER B 283 20.00 -37.62 -23.34
N LEU B 284 20.21 -37.60 -24.64
CA LEU B 284 21.52 -37.75 -25.24
C LEU B 284 22.16 -36.35 -25.29
N LEU B 285 23.29 -36.18 -24.61
CA LEU B 285 23.94 -34.88 -24.57
C LEU B 285 25.34 -34.95 -25.14
N ASP B 286 25.62 -34.09 -26.11
CA ASP B 286 26.90 -34.06 -26.80
C ASP B 286 27.86 -33.05 -26.14
N VAL B 287 28.90 -33.56 -25.49
CA VAL B 287 29.84 -32.71 -24.76
C VAL B 287 31.14 -32.53 -25.52
N GLY B 288 31.11 -32.88 -26.81
CA GLY B 288 32.29 -32.78 -27.67
C GLY B 288 32.89 -34.12 -28.07
N ASP B 289 33.72 -34.64 -27.20
CA ASP B 289 34.36 -35.94 -27.38
C ASP B 289 33.32 -37.05 -27.39
N TYR B 290 32.32 -36.93 -26.51
CA TYR B 290 31.33 -37.97 -26.37
C TYR B 290 29.94 -37.39 -26.41
N LYS B 291 28.97 -38.25 -26.69
CA LYS B 291 27.59 -37.99 -26.34
C LYS B 291 27.29 -38.86 -25.14
N ILE B 292 26.73 -38.26 -24.10
CA ILE B 292 26.41 -38.95 -22.85
C ILE B 292 24.92 -39.03 -22.69
N VAL B 293 24.45 -40.00 -21.91
CA VAL B 293 23.02 -40.17 -21.67
C VAL B 293 22.72 -39.62 -20.30
N VAL B 294 21.82 -38.66 -20.24
CA VAL B 294 21.47 -38.14 -18.93
C VAL B 294 20.00 -38.37 -18.68
N GLU B 295 19.72 -39.15 -17.64
CA GLU B 295 18.36 -39.69 -17.42
C GLU B 295 17.43 -38.81 -16.61
N GLU B 296 17.97 -37.88 -15.83
CA GLU B 296 17.11 -37.09 -14.96
C GLU B 296 17.36 -35.60 -15.11
N GLY B 297 16.55 -34.83 -14.37
CA GLY B 297 16.64 -33.39 -14.42
C GLY B 297 16.18 -32.87 -15.76
N LEU B 298 15.91 -31.58 -15.82
CA LEU B 298 15.38 -31.00 -17.02
C LEU B 298 16.53 -30.51 -17.88
N PRO B 299 16.48 -30.87 -19.17
CA PRO B 299 17.35 -30.25 -20.17
C PRO B 299 17.22 -28.70 -20.12
N SER B 300 18.32 -28.02 -19.79
CA SER B 300 18.38 -26.55 -19.60
C SER B 300 18.36 -25.72 -20.90
N GLY B 301 17.16 -25.44 -21.40
CA GLY B 301 16.96 -24.68 -22.64
C GLY B 301 17.65 -23.32 -22.63
N PRO B 303 14.04 -24.13 -25.71
CA PRO B 303 13.01 -24.70 -26.56
C PRO B 303 11.59 -24.33 -26.11
N CYS B 304 10.75 -25.36 -25.92
CA CYS B 304 9.41 -25.26 -25.34
C CYS B 304 9.48 -25.41 -23.81
N THR B 305 10.67 -25.74 -23.35
CA THR B 305 10.86 -26.27 -22.00
C THR B 305 10.49 -25.28 -20.89
N THR B 306 10.50 -23.98 -21.20
CA THR B 306 10.03 -22.95 -20.25
C THR B 306 8.58 -23.15 -19.85
N GLN B 307 7.75 -23.54 -20.82
CA GLN B 307 6.35 -23.85 -20.57
C GLN B 307 6.29 -25.08 -19.69
N LEU B 308 7.03 -26.11 -20.06
CA LEU B 308 7.07 -27.34 -19.29
C LEU B 308 7.63 -27.12 -17.89
N ASN B 309 8.65 -26.27 -17.80
CA ASN B 309 9.34 -26.04 -16.56
C ASN B 309 8.46 -25.28 -15.57
N SER B 310 7.78 -24.25 -16.05
CA SER B 310 6.86 -23.46 -15.24
C SER B 310 5.73 -24.35 -14.74
N LEU B 311 5.29 -25.25 -15.61
CA LEU B 311 4.21 -26.17 -15.33
C LEU B 311 4.62 -27.22 -14.28
N ALA B 312 5.84 -27.77 -14.42
CA ALA B 312 6.43 -28.58 -13.34
C ALA B 312 6.39 -27.73 -12.09
N HIS B 313 6.87 -26.50 -12.22
CA HIS B 313 6.91 -25.56 -11.11
C HIS B 313 5.55 -25.51 -10.43
N TRP B 314 4.53 -25.07 -11.18
CA TRP B 314 3.14 -25.04 -10.74
C TRP B 314 2.73 -26.30 -9.96
N ILE B 315 3.01 -27.45 -10.55
CA ILE B 315 2.76 -28.74 -9.90
C ILE B 315 3.46 -28.90 -8.54
N LEU B 316 4.72 -28.48 -8.43
CA LEU B 316 5.45 -28.67 -7.17
C LEU B 316 4.90 -27.75 -6.05
N THR B 317 4.84 -26.46 -6.35
CA THR B 317 4.34 -25.49 -5.40
C THR B 317 2.97 -25.90 -4.90
N LEU B 318 2.07 -26.22 -5.83
CA LEU B 318 0.68 -26.43 -5.47
C LEU B 318 0.61 -27.71 -4.66
N CYS B 319 1.35 -28.74 -5.08
CA CYS B 319 1.54 -29.95 -4.28
C CYS B 319 1.98 -29.63 -2.85
N ALA B 320 3.05 -28.86 -2.72
CA ALA B 320 3.65 -28.58 -1.42
C ALA B 320 2.73 -27.76 -0.51
N MET B 321 1.87 -26.94 -1.10
CA MET B 321 0.88 -26.23 -0.30
C MET B 321 -0.23 -27.19 0.14
N VAL B 322 -0.71 -28.01 -0.80
CA VAL B 322 -1.79 -28.97 -0.51
C VAL B 322 -1.36 -29.97 0.55
N GLU B 323 -0.05 -30.21 0.64
CA GLU B 323 0.49 -31.17 1.61
C GLU B 323 0.41 -30.58 3.01
N VAL B 324 1.01 -29.41 3.18
CA VAL B 324 1.02 -28.70 4.46
C VAL B 324 -0.41 -28.40 4.97
N THR B 325 -1.20 -27.77 4.11
CA THR B 325 -2.47 -27.20 4.55
C THR B 325 -3.63 -28.17 4.47
N ARG B 326 -3.42 -29.29 3.80
CA ARG B 326 -4.47 -30.31 3.71
C ARG B 326 -5.81 -29.65 3.34
N VAL B 327 -5.71 -28.70 2.44
CA VAL B 327 -6.84 -28.07 1.78
C VAL B 327 -6.76 -28.58 0.34
N ASP B 328 -7.91 -28.76 -0.32
CA ASP B 328 -7.94 -29.20 -1.72
C ASP B 328 -7.20 -28.22 -2.65
N PRO B 329 -6.60 -28.76 -3.73
CA PRO B 329 -5.87 -27.95 -4.68
C PRO B 329 -6.71 -26.82 -5.27
N ASP B 330 -7.89 -27.14 -5.80
CA ASP B 330 -8.76 -26.14 -6.41
C ASP B 330 -9.17 -25.05 -5.44
N ILE B 331 -9.37 -25.41 -4.17
CA ILE B 331 -9.66 -24.42 -3.14
C ILE B 331 -8.42 -23.54 -2.91
N VAL B 332 -7.24 -24.16 -2.89
CA VAL B 332 -5.99 -23.40 -2.71
C VAL B 332 -5.82 -22.33 -3.79
N MET B 333 -6.18 -22.67 -5.02
CA MET B 333 -6.10 -21.73 -6.14
C MET B 333 -7.11 -20.58 -6.05
N GLN B 334 -8.27 -20.89 -5.50
CA GLN B 334 -9.29 -19.89 -5.25
C GLN B 334 -8.77 -18.89 -4.22
N GLU B 335 -7.86 -19.37 -3.36
CA GLU B 335 -7.30 -18.56 -2.28
C GLU B 335 -5.87 -18.07 -2.54
N SER B 336 -5.44 -18.12 -3.80
CA SER B 336 -4.05 -17.82 -4.16
C SER B 336 -3.88 -17.13 -5.51
N GLU B 337 -2.70 -16.57 -5.73
CA GLU B 337 -2.28 -16.09 -7.03
C GLU B 337 -0.81 -16.42 -7.19
N PHE B 338 -0.48 -17.06 -8.31
CA PHE B 338 0.87 -17.51 -8.61
C PHE B 338 1.48 -16.82 -9.84
N SER B 339 2.81 -16.79 -9.87
CA SER B 339 3.53 -16.42 -11.08
C SER B 339 4.73 -17.32 -11.23
N PHE B 340 4.82 -17.96 -12.38
CA PHE B 340 5.90 -18.89 -12.66
C PHE B 340 6.51 -18.50 -13.97
N TYR B 341 7.83 -18.45 -13.97
CA TYR B 341 8.60 -18.35 -15.21
C TYR B 341 9.82 -19.23 -15.05
N GLY B 342 9.73 -20.48 -15.50
CA GLY B 342 10.79 -21.44 -15.25
C GLY B 342 11.04 -21.65 -13.76
N ASP B 343 12.23 -21.26 -13.32
CA ASP B 343 12.59 -21.42 -11.91
C ASP B 343 12.06 -20.28 -11.03
N ASP B 344 11.50 -19.24 -11.66
CA ASP B 344 11.17 -18.02 -10.95
C ASP B 344 9.72 -18.05 -10.50
N GLU B 345 9.49 -17.65 -9.26
CA GLU B 345 8.16 -17.76 -8.64
C GLU B 345 7.78 -16.57 -7.77
N VAL B 346 6.49 -16.23 -7.81
CA VAL B 346 5.89 -15.45 -6.73
C VAL B 346 4.67 -16.22 -6.29
N VAL B 347 4.57 -16.47 -5.00
CA VAL B 347 3.39 -17.12 -4.47
C VAL B 347 2.61 -16.15 -3.58
N SER B 348 1.32 -16.01 -3.85
CA SER B 348 0.50 -15.18 -2.98
C SER B 348 -0.68 -16.00 -2.53
N THR B 349 -1.02 -15.86 -1.25
CA THR B 349 -2.03 -16.69 -0.64
C THR B 349 -2.68 -16.04 0.59
N ASN B 350 -3.89 -16.48 0.89
CA ASN B 350 -4.54 -16.10 2.15
C ASN B 350 -4.33 -17.15 3.23
N LEU B 351 -4.06 -18.37 2.77
CA LEU B 351 -3.93 -19.51 3.67
C LEU B 351 -2.75 -19.37 4.63
N GLU B 352 -3.01 -19.72 5.90
CA GLU B 352 -1.98 -19.74 6.94
C GLU B 352 -1.02 -20.89 6.63
N LEU B 353 0.05 -20.59 5.92
CA LEU B 353 1.01 -21.63 5.58
C LEU B 353 2.06 -21.74 6.66
N ASP B 354 2.16 -22.95 7.21
CA ASP B 354 3.24 -23.32 8.10
C ASP B 354 4.52 -23.33 7.27
N MET B 355 5.19 -22.18 7.22
CA MET B 355 6.41 -22.00 6.42
C MET B 355 7.54 -22.99 6.71
N VAL B 356 7.51 -23.63 7.87
CA VAL B 356 8.48 -24.67 8.25
C VAL B 356 8.22 -25.92 7.39
N LYS B 357 7.02 -26.47 7.54
CA LYS B 357 6.51 -27.59 6.76
C LYS B 357 6.48 -27.38 5.24
N TYR B 358 6.54 -26.12 4.79
CA TYR B 358 6.53 -25.84 3.35
C TYR B 358 7.92 -26.04 2.77
N THR B 359 8.94 -25.50 3.45
CA THR B 359 10.34 -25.61 3.01
C THR B 359 10.76 -27.07 3.13
N MET B 360 10.22 -27.72 4.17
CA MET B 360 10.39 -29.14 4.42
C MET B 360 10.02 -29.91 3.14
N ALA B 361 8.80 -29.66 2.66
CA ALA B 361 8.21 -30.45 1.59
C ALA B 361 8.95 -30.26 0.26
N LEU B 362 9.37 -29.02 -0.02
CA LEU B 362 10.09 -28.71 -1.26
C LEU B 362 11.46 -29.35 -1.26
N ARG B 363 12.16 -29.27 -0.14
CA ARG B 363 13.48 -29.91 0.00
C ARG B 363 13.36 -31.43 -0.20
N ARG B 364 12.26 -31.99 0.31
CA ARG B 364 11.98 -33.41 0.14
C ARG B 364 11.86 -33.77 -1.33
N TYR B 365 11.23 -32.89 -2.11
CA TYR B 365 11.04 -33.13 -3.53
C TYR B 365 12.34 -33.00 -4.33
N GLY B 366 13.45 -32.74 -3.64
CA GLY B 366 14.75 -32.56 -4.29
C GLY B 366 15.03 -31.13 -4.70
N LEU B 367 14.07 -30.24 -4.45
CA LEU B 367 14.23 -28.81 -4.68
C LEU B 367 15.16 -28.13 -3.67
N LEU B 368 15.76 -27.02 -4.08
CA LEU B 368 16.70 -26.28 -3.23
C LEU B 368 16.30 -24.82 -3.03
N PRO B 369 15.28 -24.57 -2.19
CA PRO B 369 14.90 -23.18 -1.95
C PRO B 369 15.95 -22.48 -1.09
N THR B 370 16.19 -21.20 -1.37
CA THR B 370 17.13 -20.42 -0.59
C THR B 370 16.45 -19.16 -0.03
N ARG B 371 16.48 -19.02 1.30
CA ARG B 371 16.03 -17.82 2.03
C ARG B 371 16.68 -16.52 1.53
N ALA B 372 15.97 -15.40 1.68
CA ALA B 372 16.49 -14.10 1.23
C ALA B 372 17.91 -13.82 1.76
N ASP B 373 18.15 -14.23 3.01
CA ASP B 373 19.42 -14.01 3.72
C ASP B 373 20.38 -15.22 3.71
N LYS B 374 20.09 -16.20 2.86
CA LYS B 374 20.95 -17.38 2.60
C LYS B 374 21.40 -18.21 3.82
N GLU B 375 20.56 -18.30 4.86
CA GLU B 375 20.85 -19.19 6.01
C GLU B 375 19.81 -20.30 6.17
N GLU B 376 20.15 -21.33 6.95
CA GLU B 376 19.32 -22.53 7.07
C GLU B 376 18.01 -22.30 7.84
N GLY B 377 17.03 -23.16 7.60
CA GLY B 377 15.74 -23.11 8.27
C GLY B 377 14.57 -23.04 7.29
N PRO B 378 13.58 -22.18 7.58
CA PRO B 378 12.37 -22.10 6.76
C PRO B 378 12.32 -20.85 5.85
N LEU B 379 11.53 -20.92 4.77
CA LEU B 379 11.30 -19.75 3.91
C LEU B 379 10.37 -18.77 4.62
N GLU B 380 10.45 -17.50 4.25
CA GLU B 380 9.70 -16.46 4.93
C GLU B 380 8.61 -15.83 4.07
N ARG B 381 7.46 -15.60 4.69
CA ARG B 381 6.36 -14.88 4.03
C ARG B 381 6.09 -13.51 4.66
N ARG B 382 6.18 -12.45 3.85
CA ARG B 382 5.82 -11.12 4.31
C ARG B 382 4.31 -10.89 4.21
N GLN B 383 3.82 -9.84 4.87
CA GLN B 383 2.42 -9.41 4.74
C GLN B 383 2.29 -8.30 3.67
N THR B 384 3.44 -7.86 3.15
CA THR B 384 3.47 -6.92 2.04
C THR B 384 4.08 -7.54 0.76
N LEU B 385 3.40 -7.28 -0.35
CA LEU B 385 3.83 -7.69 -1.69
C LEU B 385 5.04 -6.89 -2.17
N GLN B 386 5.24 -5.70 -1.61
CA GLN B 386 6.42 -4.91 -1.90
C GLN B 386 7.66 -5.56 -1.30
N GLY B 387 8.71 -5.67 -2.12
CA GLY B 387 9.95 -6.31 -1.69
C GLY B 387 10.26 -7.55 -2.49
N ILE B 388 9.24 -8.38 -2.71
CA ILE B 388 9.36 -9.57 -3.55
C ILE B 388 9.79 -9.20 -4.97
N SER B 389 10.77 -9.93 -5.51
CA SER B 389 11.25 -9.74 -6.89
C SER B 389 10.55 -10.67 -7.86
N PHE B 390 10.62 -10.33 -9.15
CA PHE B 390 10.18 -11.20 -10.22
C PHE B 390 10.85 -10.77 -11.51
N LEU B 391 11.54 -11.71 -12.16
CA LEU B 391 12.24 -11.46 -13.44
C LEU B 391 13.26 -10.31 -13.44
N ARG B 392 14.07 -10.26 -12.36
CA ARG B 392 15.15 -9.28 -12.14
C ARG B 392 14.66 -7.96 -11.58
N ARG B 393 13.34 -7.84 -11.45
CA ARG B 393 12.69 -6.60 -11.08
C ARG B 393 12.21 -6.67 -9.64
N ALA B 394 12.35 -5.58 -8.90
CA ALA B 394 11.73 -5.44 -7.59
C ALA B 394 10.32 -4.86 -7.76
N ILE B 395 9.36 -5.46 -7.08
CA ILE B 395 7.94 -5.10 -7.22
C ILE B 395 7.60 -3.92 -6.32
N VAL B 396 7.36 -2.76 -6.96
CA VAL B 396 7.02 -1.53 -6.27
C VAL B 396 5.55 -1.12 -6.41
N GLY B 397 4.94 -0.72 -5.29
CA GLY B 397 3.61 -0.13 -5.27
C GLY B 397 3.61 1.37 -4.95
N ASP B 398 2.78 2.13 -5.67
CA ASP B 398 2.60 3.54 -5.36
C ASP B 398 1.19 3.99 -5.70
N GLN B 399 1.01 5.30 -5.71
CA GLN B 399 -0.29 5.95 -5.92
C GLN B 399 -0.96 5.58 -7.25
N PHE B 400 -0.18 5.06 -8.19
CA PHE B 400 -0.66 4.81 -9.53
C PHE B 400 -0.95 3.34 -9.77
N GLY B 401 -0.13 2.49 -9.15
CA GLY B 401 -0.28 1.04 -9.24
C GLY B 401 1.01 0.33 -8.86
N TRP B 402 1.12 -0.91 -9.32
CA TRP B 402 2.31 -1.69 -9.09
C TRP B 402 3.10 -1.73 -10.38
N TYR B 403 4.41 -1.62 -10.25
CA TYR B 403 5.28 -1.84 -11.41
C TYR B 403 6.44 -2.72 -10.98
N GLY B 404 7.16 -3.25 -11.96
CA GLY B 404 8.43 -3.89 -11.72
C GLY B 404 9.53 -2.91 -11.99
N ARG B 405 10.41 -2.74 -11.00
CA ARG B 405 11.57 -1.84 -11.10
C ARG B 405 12.87 -2.64 -11.06
N LEU B 406 13.76 -2.37 -12.02
CA LEU B 406 15.09 -2.94 -12.06
C LEU B 406 15.97 -2.30 -11.00
N ASP B 407 16.70 -3.13 -10.25
CA ASP B 407 17.59 -2.63 -9.21
C ASP B 407 18.68 -1.74 -9.78
N ARG B 408 19.35 -0.99 -8.91
CA ARG B 408 20.35 -0.04 -9.32
C ARG B 408 21.59 -0.71 -9.97
N ALA B 409 22.04 -1.82 -9.38
CA ALA B 409 23.21 -2.57 -9.89
C ALA B 409 23.02 -3.03 -11.34
N SER B 410 21.87 -3.64 -11.61
CA SER B 410 21.45 -4.00 -12.96
C SER B 410 21.54 -2.81 -13.90
N ILE B 411 21.08 -1.65 -13.46
CA ILE B 411 21.09 -0.44 -14.27
C ILE B 411 22.52 0.03 -14.40
N ASP B 412 23.26 -0.02 -13.30
CA ASP B 412 24.69 0.34 -13.30
C ASP B 412 25.44 -0.49 -14.30
N ARG B 413 25.24 -1.80 -14.24
CA ARG B 413 25.90 -2.73 -15.14
C ARG B 413 25.73 -2.34 -16.61
N GLN B 414 24.50 -2.11 -17.03
CA GLN B 414 24.21 -1.74 -18.40
C GLN B 414 24.91 -0.45 -18.85
N LEU B 415 25.50 0.28 -17.90
CA LEU B 415 26.27 1.48 -18.24
C LEU B 415 27.70 1.12 -18.60
N LEU B 416 28.25 0.19 -17.80
CA LEU B 416 29.63 -0.26 -17.91
C LEU B 416 29.87 -1.27 -19.03
N TRP B 417 28.85 -2.07 -19.34
CA TRP B 417 28.97 -3.13 -20.33
C TRP B 417 28.01 -2.93 -21.50
N THR B 418 28.49 -3.25 -22.70
CA THR B 418 27.64 -3.40 -23.87
C THR B 418 27.97 -4.65 -24.68
N LYS B 419 27.17 -4.91 -25.72
CA LYS B 419 27.23 -6.16 -26.48
C LYS B 419 27.85 -5.95 -27.86
N GLY B 420 28.72 -6.87 -28.26
CA GLY B 420 29.44 -6.73 -29.51
C GLY B 420 29.85 -8.10 -30.01
N PRO B 421 30.73 -8.13 -31.04
CA PRO B 421 31.28 -9.40 -31.52
C PRO B 421 32.10 -10.08 -30.44
N ASN B 422 32.17 -11.40 -30.50
CA ASN B 422 32.93 -12.19 -29.57
C ASN B 422 34.38 -11.78 -29.60
N HIS B 423 34.99 -11.64 -28.42
CA HIS B 423 36.41 -11.37 -28.27
C HIS B 423 37.00 -12.02 -27.02
N GLN B 424 38.33 -12.01 -26.89
CA GLN B 424 38.99 -12.71 -25.78
C GLN B 424 39.04 -11.91 -24.48
N ASN B 425 39.34 -10.61 -24.57
CA ASN B 425 39.54 -9.80 -23.38
C ASN B 425 38.31 -8.94 -23.08
N PRO B 426 37.56 -9.28 -22.01
CA PRO B 426 36.35 -8.52 -21.80
C PRO B 426 36.59 -7.04 -21.51
N PHE B 427 37.83 -6.68 -21.17
CA PHE B 427 38.14 -5.31 -20.74
C PHE B 427 38.46 -4.31 -21.88
N GLU B 428 38.50 -4.79 -23.13
CA GLU B 428 38.57 -3.91 -24.31
C GLU B 428 37.29 -3.09 -24.41
N THR B 429 37.40 -1.87 -24.91
CA THR B 429 36.20 -1.07 -25.18
C THR B 429 35.86 -1.15 -26.68
N LEU B 430 34.57 -1.09 -26.98
CA LEU B 430 34.10 -1.25 -28.34
C LEU B 430 34.23 0.09 -29.00
N PRO B 431 34.99 0.19 -30.10
CA PRO B 431 35.24 1.50 -30.71
C PRO B 431 34.00 2.18 -31.29
N GLY B 432 32.88 1.45 -31.41
CA GLY B 432 31.57 2.08 -31.71
C GLY B 432 30.65 2.32 -30.49
N ARG B 436 24.87 2.27 -30.08
CA ARG B 436 23.77 1.60 -29.38
C ARG B 436 22.63 2.57 -29.02
N PRO B 437 21.52 2.53 -29.79
CA PRO B 437 20.39 3.43 -29.55
C PRO B 437 19.35 2.86 -28.57
N SER B 438 19.04 1.57 -28.71
CA SER B 438 18.04 0.87 -27.93
C SER B 438 18.37 0.91 -26.43
N GLN B 439 19.48 0.24 -26.07
CA GLN B 439 19.94 0.14 -24.69
C GLN B 439 19.98 1.51 -23.99
N LEU B 440 20.60 2.49 -24.64
CA LEU B 440 20.68 3.87 -24.15
C LEU B 440 19.34 4.33 -23.57
N MET B 441 18.28 4.17 -24.37
CA MET B 441 16.92 4.62 -24.02
C MET B 441 16.31 3.93 -22.76
N ALA B 442 15.94 2.65 -22.89
CA ALA B 442 15.22 1.93 -21.81
C ALA B 442 15.96 1.95 -20.48
N LEU B 443 17.28 2.08 -20.58
CA LEU B 443 18.18 2.25 -19.46
C LEU B 443 17.83 3.52 -18.71
N LEU B 444 17.76 4.60 -19.47
CA LEU B 444 17.34 5.89 -18.95
C LEU B 444 15.91 5.80 -18.40
N GLY B 445 15.04 5.04 -19.08
CA GLY B 445 13.70 4.73 -18.59
C GLY B 445 13.68 3.98 -17.26
N GLU B 446 14.57 3.00 -17.12
CA GLU B 446 14.69 2.24 -15.89
C GLU B 446 15.25 3.03 -14.71
N ALA B 447 16.11 4.00 -15.01
CA ALA B 447 16.64 4.87 -13.99
C ALA B 447 15.56 5.82 -13.47
N ALA B 448 14.67 6.24 -14.37
CA ALA B 448 13.61 7.20 -14.06
C ALA B 448 12.71 6.76 -12.91
N MET B 449 12.73 5.46 -12.61
CA MET B 449 11.88 4.89 -11.58
C MET B 449 12.51 4.83 -10.18
N HIS B 450 13.69 5.44 -10.03
CA HIS B 450 14.40 5.47 -8.76
C HIS B 450 14.45 6.86 -8.11
N GLY B 451 13.86 7.86 -8.80
CA GLY B 451 13.79 9.22 -8.27
C GLY B 451 14.96 10.11 -8.66
N GLU B 452 14.67 11.41 -8.75
CA GLU B 452 15.63 12.50 -9.09
C GLU B 452 17.06 12.27 -8.56
N LYS B 453 17.15 11.94 -7.27
CA LYS B 453 18.38 11.52 -6.60
C LYS B 453 19.24 10.64 -7.53
N TYR B 454 18.67 9.53 -8.01
CA TYR B 454 19.39 8.57 -8.87
C TYR B 454 19.30 8.86 -10.37
N TYR B 455 18.28 9.58 -10.83
CA TYR B 455 18.11 9.79 -12.27
C TYR B 455 19.23 10.61 -12.93
N ARG B 456 19.61 11.74 -12.34
CA ARG B 456 20.62 12.60 -12.97
C ARG B 456 22.03 11.98 -12.94
N THR B 457 22.30 11.13 -11.94
CA THR B 457 23.57 10.41 -11.87
C THR B 457 23.72 9.58 -13.14
N VAL B 458 22.69 8.80 -13.44
CA VAL B 458 22.59 8.04 -14.69
C VAL B 458 22.54 8.96 -15.92
N ALA B 459 21.83 10.09 -15.81
CA ALA B 459 21.72 11.06 -16.90
C ALA B 459 23.04 11.76 -17.21
N SER B 460 23.85 11.99 -16.18
CA SER B 460 25.21 12.49 -16.35
C SER B 460 26.03 11.45 -17.12
N ARG B 461 26.09 10.22 -16.60
CA ARG B 461 26.79 9.13 -17.26
C ARG B 461 26.45 9.02 -18.74
N VAL B 462 25.15 9.01 -19.05
CA VAL B 462 24.67 8.82 -20.43
C VAL B 462 25.16 9.89 -21.41
N SER B 463 24.92 11.16 -21.10
CA SER B 463 25.32 12.29 -21.97
C SER B 463 26.75 12.15 -22.49
N LYS B 464 27.67 11.78 -21.60
CA LYS B 464 29.06 11.53 -21.98
C LYS B 464 29.22 10.17 -22.69
N GLU B 465 28.70 10.13 -23.91
CA GLU B 465 28.87 9.00 -24.82
C GLU B 465 28.58 9.49 -26.25
N ALA B 466 28.21 10.78 -26.36
CA ALA B 466 27.83 11.41 -27.62
C ALA B 466 28.90 11.33 -28.69
N VAL B 474 19.82 14.68 -27.10
CA VAL B 474 19.35 15.27 -25.85
C VAL B 474 18.87 14.19 -24.88
N VAL B 475 18.93 14.49 -23.59
CA VAL B 475 18.39 13.65 -22.53
C VAL B 475 17.17 14.36 -21.91
N PRO B 476 15.98 13.72 -21.92
CA PRO B 476 14.73 14.30 -21.42
C PRO B 476 14.75 14.61 -19.92
N ARG B 477 13.72 15.31 -19.44
CA ARG B 477 13.59 15.63 -18.02
C ARG B 477 13.12 14.39 -17.26
N HIS B 478 13.24 14.41 -15.93
CA HIS B 478 12.87 13.26 -15.10
C HIS B 478 11.38 12.90 -15.18
N ARG B 479 10.51 13.92 -15.26
CA ARG B 479 9.06 13.71 -15.26
C ARG B 479 8.51 13.15 -16.58
N SER B 480 9.06 13.62 -17.70
CA SER B 480 8.57 13.24 -19.03
C SER B 480 8.81 11.77 -19.32
N VAL B 481 10.01 11.27 -19.02
CA VAL B 481 10.37 9.88 -19.32
C VAL B 481 9.74 8.93 -18.30
N LEU B 482 9.64 9.38 -17.06
CA LEU B 482 8.95 8.64 -16.01
C LEU B 482 7.49 8.34 -16.41
N ARG B 483 6.81 9.35 -16.95
CA ARG B 483 5.43 9.20 -17.44
C ARG B 483 5.36 8.24 -18.62
N TRP B 484 6.29 8.39 -19.56
CA TRP B 484 6.41 7.50 -20.72
C TRP B 484 6.44 6.01 -20.31
N VAL B 485 7.34 5.67 -19.40
CA VAL B 485 7.62 4.29 -19.03
C VAL B 485 6.56 3.69 -18.09
N ARG B 486 6.03 4.49 -17.17
CA ARG B 486 4.93 4.05 -16.30
C ARG B 486 3.59 3.82 -17.04
N PHE B 487 3.20 4.76 -17.91
CA PHE B 487 1.83 4.78 -18.43
C PHE B 487 1.72 4.70 -19.97
N GLY B 488 1.70 5.87 -20.62
CA GLY B 488 1.56 5.96 -22.09
C GLY B 488 2.69 5.31 -22.87
N ARG C 4 40.54 -1.22 29.22
CA ARG C 4 39.05 -1.08 29.26
C ARG C 4 38.54 -0.23 28.07
N PRO C 5 37.26 -0.42 27.66
CA PRO C 5 36.29 -1.37 28.20
C PRO C 5 36.76 -2.82 28.01
N SER C 6 36.70 -3.61 29.09
CA SER C 6 37.18 -4.99 29.07
C SER C 6 36.64 -5.72 30.30
N GLY C 7 35.86 -6.76 30.05
CA GLY C 7 35.12 -7.45 31.08
C GLY C 7 33.64 -7.20 30.89
N THR C 8 32.84 -8.11 31.40
CA THR C 8 31.39 -8.03 31.25
C THR C 8 30.78 -8.18 32.62
N TYR C 9 29.86 -7.28 32.93
CA TYR C 9 29.02 -7.45 34.10
C TYR C 9 27.57 -7.20 33.70
N ALA C 10 26.70 -8.14 34.10
CA ALA C 10 25.29 -8.12 33.74
C ALA C 10 25.09 -7.88 32.25
N GLY C 11 25.87 -8.58 31.44
CA GLY C 11 25.72 -8.56 30.01
C GLY C 11 26.43 -7.39 29.37
N LEU C 12 26.93 -6.46 30.18
CA LEU C 12 27.38 -5.17 29.68
C LEU C 12 28.84 -4.90 29.99
N PRO C 13 29.50 -4.14 29.11
CA PRO C 13 30.94 -3.88 29.20
C PRO C 13 31.31 -3.17 30.51
N ILE C 14 32.34 -3.67 31.23
CA ILE C 14 32.92 -2.97 32.38
C ILE C 14 33.94 -1.98 31.86
N ALA C 15 33.82 -0.72 32.32
CA ALA C 15 34.73 0.36 31.89
C ALA C 15 35.74 0.77 32.96
N ASP C 16 35.43 0.52 34.23
CA ASP C 16 36.31 0.94 35.30
C ASP C 16 35.87 0.28 36.59
N TYR C 17 36.66 0.47 37.65
CA TYR C 17 36.27 0.02 38.98
C TYR C 17 35.19 0.93 39.54
N GLY C 18 34.27 0.35 40.29
CA GLY C 18 33.17 1.09 40.87
C GLY C 18 33.66 1.86 42.07
N ASP C 19 32.99 2.98 42.36
CA ASP C 19 33.22 3.71 43.61
C ASP C 19 31.94 3.76 44.48
N ALA C 20 30.84 3.19 43.99
CA ALA C 20 29.56 3.24 44.72
C ALA C 20 29.60 2.54 46.07
N PRO C 21 28.92 3.10 47.08
CA PRO C 21 28.79 2.39 48.37
C PRO C 21 27.84 1.21 48.21
N PRO C 22 27.74 0.34 49.21
CA PRO C 22 26.87 -0.80 48.93
C PRO C 22 25.42 -0.41 48.95
N LEU C 23 24.62 -1.04 48.11
CA LEU C 23 23.19 -0.83 48.09
C LEU C 23 22.57 -0.85 49.49
N SER C 24 21.66 0.07 49.75
CA SER C 24 21.00 0.19 51.04
C SER C 24 20.19 -1.04 51.34
N THR C 25 20.31 -1.55 52.55
CA THR C 25 19.52 -2.71 52.92
C THR C 25 18.37 -2.33 53.84
N LYS C 26 18.02 -1.03 53.85
CA LYS C 26 16.98 -0.53 54.72
C LYS C 26 15.81 0.16 53.98
N THR C 27 14.65 0.18 54.64
CA THR C 27 13.48 0.88 54.13
C THR C 27 13.15 2.09 55.02
N MET C 28 12.48 3.10 54.46
CA MET C 28 12.04 4.27 55.21
C MET C 28 10.61 4.14 55.74
N PHE C 29 9.97 3.02 55.46
CA PHE C 29 8.56 2.85 55.81
C PHE C 29 8.41 2.12 57.11
N TRP C 30 7.49 2.63 57.92
CA TRP C 30 7.16 1.98 59.17
C TRP C 30 5.66 1.75 59.24
N ARG C 31 5.28 0.60 59.81
CA ARG C 31 3.90 0.31 60.13
C ARG C 31 3.37 1.32 61.14
N THR C 32 2.08 1.64 61.04
CA THR C 32 1.47 2.61 61.93
C THR C 32 0.85 1.93 63.16
N SER C 33 0.80 0.61 63.10
CA SER C 33 0.10 -0.19 64.09
C SER C 33 0.72 -1.59 64.18
N PRO C 34 0.70 -2.19 65.38
CA PRO C 34 1.42 -3.45 65.55
C PRO C 34 0.66 -4.62 64.96
N GLU C 35 -0.64 -4.42 64.75
CA GLU C 35 -1.55 -5.49 64.40
C GLU C 35 -1.07 -6.26 63.17
N LYS C 36 -1.56 -7.49 63.03
CA LYS C 36 -1.19 -8.37 61.93
C LYS C 36 -1.69 -7.81 60.59
N LEU C 37 -0.87 -8.04 59.56
CA LEU C 37 -1.15 -7.65 58.19
C LEU C 37 -1.65 -8.88 57.40
N PRO C 38 -2.63 -8.68 56.50
CA PRO C 38 -2.94 -9.89 55.71
C PRO C 38 -1.87 -10.17 54.63
N PRO C 39 -1.83 -11.42 54.10
CA PRO C 39 -1.07 -11.55 52.84
C PRO C 39 -1.86 -10.83 51.75
N GLY C 40 -1.17 -10.30 50.75
CA GLY C 40 -1.89 -9.53 49.74
C GLY C 40 -1.85 -8.02 49.97
N ALA C 41 -1.67 -7.61 51.22
CA ALA C 41 -1.37 -6.21 51.56
C ALA C 41 0.00 -5.84 51.02
N TRP C 42 0.20 -4.59 50.62
CA TRP C 42 1.50 -4.17 50.06
C TRP C 42 2.51 -3.96 51.18
N GLU C 43 3.79 -4.16 50.87
CA GLU C 43 4.88 -3.95 51.81
C GLU C 43 6.05 -3.28 51.10
N PRO C 44 7.06 -2.82 51.87
CA PRO C 44 8.24 -2.29 51.20
C PRO C 44 8.98 -3.39 50.44
N ALA C 45 9.55 -2.99 49.32
CA ALA C 45 10.29 -3.88 48.45
C ALA C 45 11.38 -4.66 49.19
N TYR C 46 11.85 -5.75 48.59
CA TYR C 46 12.87 -6.62 49.17
C TYR C 46 14.12 -5.86 49.59
N LEU C 47 14.69 -6.24 50.74
CA LEU C 47 15.85 -5.56 51.36
C LEU C 47 17.16 -6.32 51.35
N GLY C 48 17.22 -7.46 50.66
CA GLY C 48 18.44 -8.25 50.57
C GLY C 48 18.54 -9.47 51.46
N SER C 49 19.70 -10.09 51.46
CA SER C 49 20.05 -11.20 52.35
C SER C 49 19.56 -11.01 53.77
N LYS C 50 19.62 -9.79 54.29
CA LYS C 50 19.21 -9.51 55.67
C LYS C 50 17.68 -9.40 55.85
N ASP C 51 16.94 -9.39 54.75
CA ASP C 51 15.50 -9.29 54.83
C ASP C 51 14.96 -10.52 55.58
N GLU C 52 14.44 -10.29 56.79
CA GLU C 52 13.79 -11.35 57.57
C GLU C 52 12.65 -12.04 56.81
N ARG C 53 11.79 -11.28 56.16
CA ARG C 53 10.52 -11.78 55.64
C ARG C 53 10.64 -13.03 54.76
N VAL C 54 11.72 -13.09 53.98
CA VAL C 54 11.91 -14.12 52.97
C VAL C 54 13.40 -14.31 52.65
N ASP C 55 13.77 -15.54 52.30
CA ASP C 55 15.11 -15.79 51.79
C ASP C 55 15.13 -15.53 50.31
N GLY C 56 16.02 -14.66 49.87
CA GLY C 56 16.07 -14.25 48.46
C GLY C 56 17.50 -14.08 48.01
N PRO C 57 17.71 -13.66 46.75
CA PRO C 57 19.05 -13.44 46.25
C PRO C 57 19.67 -12.18 46.86
N SER C 58 20.90 -11.88 46.48
CA SER C 58 21.53 -10.66 46.98
C SER C 58 20.86 -9.48 46.28
N LEU C 59 21.01 -8.28 46.86
CA LEU C 59 20.60 -7.07 46.17
C LEU C 59 21.30 -6.90 44.82
N GLN C 60 22.53 -7.37 44.68
CA GLN C 60 23.28 -7.13 43.46
C GLN C 60 22.66 -7.95 42.33
N GLN C 61 22.20 -9.16 42.68
CA GLN C 61 21.51 -10.07 41.77
C GLN C 61 20.21 -9.48 41.28
N VAL C 62 19.44 -8.92 42.21
CA VAL C 62 18.22 -8.16 41.86
C VAL C 62 18.55 -7.00 40.91
N MET C 63 19.66 -6.33 41.16
CA MET C 63 20.11 -5.26 40.31
C MET C 63 20.49 -5.79 38.94
N ARG C 64 21.17 -6.94 38.90
CA ARG C 64 21.49 -7.61 37.65
C ARG C 64 20.23 -7.87 36.78
N ASP C 65 19.20 -8.44 37.39
CA ASP C 65 17.94 -8.68 36.69
C ASP C 65 17.50 -7.38 35.99
N GLN C 66 17.34 -6.30 36.77
CA GLN C 66 17.08 -4.93 36.26
C GLN C 66 17.96 -4.44 35.11
N LEU C 67 19.22 -4.87 35.05
CA LEU C 67 20.04 -4.43 33.94
C LEU C 67 19.83 -5.18 32.61
N LYS C 68 19.11 -6.29 32.67
CA LYS C 68 18.96 -7.21 31.54
C LYS C 68 18.44 -6.51 30.28
N PRO C 69 17.34 -5.73 30.40
CA PRO C 69 16.73 -5.08 29.25
C PRO C 69 17.63 -4.06 28.55
N TYR C 70 18.62 -3.53 29.25
CA TYR C 70 19.53 -2.59 28.60
C TYR C 70 20.47 -3.24 27.58
N SER C 71 20.50 -4.58 27.55
CA SER C 71 21.26 -5.41 26.58
C SER C 71 20.40 -5.91 25.42
N GLU C 72 19.08 -6.01 25.62
CA GLU C 72 18.19 -6.47 24.55
C GLU C 72 18.33 -5.44 23.47
N PRO C 73 18.39 -5.89 22.19
CA PRO C 73 18.49 -4.97 21.06
C PRO C 73 17.30 -4.06 21.00
N ARG C 74 17.54 -2.86 20.48
CA ARG C 74 16.49 -1.88 20.29
C ARG C 74 15.43 -2.27 19.28
N GLY C 75 14.25 -1.71 19.45
CA GLY C 75 13.22 -1.71 18.42
C GLY C 75 13.63 -0.88 17.23
N LEU C 76 12.70 -0.74 16.28
CA LEU C 76 12.92 0.00 15.06
C LEU C 76 12.61 1.48 15.20
N LEU C 77 13.31 2.29 14.44
CA LEU C 77 13.05 3.70 14.40
C LEU C 77 11.76 3.89 13.65
N PRO C 78 10.94 4.90 14.00
CA PRO C 78 9.82 5.20 13.12
C PRO C 78 10.36 5.66 11.78
N PRO C 79 9.60 5.45 10.70
CA PRO C 79 10.01 5.82 9.37
C PRO C 79 10.54 7.22 9.40
N GLN C 80 11.65 7.45 8.71
CA GLN C 80 12.38 8.71 8.81
C GLN C 80 11.52 9.94 8.51
N GLU C 81 10.74 9.90 7.45
CA GLU C 81 9.96 11.07 7.04
C GLU C 81 8.94 11.49 8.08
N ILE C 82 8.41 10.50 8.80
CA ILE C 82 7.41 10.72 9.84
C ILE C 82 8.07 11.37 11.06
N LEU C 83 9.19 10.79 11.49
CA LEU C 83 9.95 11.28 12.62
C LEU C 83 10.42 12.74 12.45
N ASP C 84 10.92 13.13 11.28
CA ASP C 84 11.27 14.54 11.06
C ASP C 84 10.03 15.42 11.17
N ALA C 85 8.91 14.96 10.61
CA ALA C 85 7.67 15.73 10.61
C ALA C 85 7.11 15.88 12.05
N VAL C 86 7.17 14.80 12.81
CA VAL C 86 6.73 14.78 14.19
C VAL C 86 7.62 15.68 15.03
N CYS C 87 8.92 15.62 14.75
CA CYS C 87 9.91 16.41 15.49
C CYS C 87 9.72 17.90 15.19
N ASP C 88 9.54 18.25 13.93
CA ASP C 88 9.29 19.63 13.56
C ASP C 88 7.99 20.21 14.17
N ALA C 89 6.92 19.40 14.24
CA ALA C 89 5.62 19.87 14.76
C ALA C 89 5.72 20.15 16.23
N ILE C 90 6.40 19.26 16.92
CA ILE C 90 6.51 19.40 18.35
C ILE C 90 7.33 20.63 18.59
N GLU C 91 8.45 20.74 17.91
CA GLU C 91 9.28 21.89 18.12
C GLU C 91 8.48 23.15 17.80
N ASN C 92 7.72 23.07 16.70
CA ASN C 92 6.92 24.23 16.32
C ASN C 92 5.90 24.63 17.37
N ARG C 93 5.16 23.67 17.89
CA ARG C 93 4.19 23.94 18.93
C ARG C 93 4.82 24.61 20.14
N LEU C 94 6.01 24.17 20.49
CA LEU C 94 6.64 24.66 21.70
C LEU C 94 7.18 26.04 21.44
N GLU C 95 7.61 26.28 20.21
CA GLU C 95 8.00 27.63 19.79
C GLU C 95 6.83 28.63 19.88
N ASN C 96 5.62 28.16 19.59
CA ASN C 96 4.46 29.04 19.70
C ASN C 96 3.94 29.21 21.12
N THR C 97 4.39 28.38 22.06
CA THR C 97 3.78 28.40 23.37
C THR C 97 4.71 28.86 24.49
N LEU C 98 6.00 28.61 24.34
CA LEU C 98 6.92 28.90 25.42
C LEU C 98 7.38 30.36 25.45
N GLU C 99 7.25 31.00 26.62
CA GLU C 99 7.82 32.32 26.82
C GLU C 99 9.40 32.24 26.88
N PRO C 100 10.10 33.00 26.01
CA PRO C 100 11.57 33.05 26.08
C PRO C 100 12.08 33.32 27.50
N GLN C 101 13.09 32.54 27.93
CA GLN C 101 13.58 32.61 29.30
C GLN C 101 14.99 33.16 29.35
N LYS C 102 15.36 33.73 30.50
CA LYS C 102 16.74 34.19 30.71
C LYS C 102 17.60 32.98 31.03
N PRO C 103 18.91 33.04 30.71
CA PRO C 103 19.83 31.96 31.06
C PRO C 103 19.83 31.77 32.57
N TRP C 104 20.11 30.56 33.02
CA TRP C 104 20.21 30.31 34.44
C TRP C 104 21.63 30.60 34.92
N THR C 105 21.72 31.29 36.05
CA THR C 105 22.99 31.45 36.71
C THR C 105 23.40 30.17 37.40
N PHE C 106 24.69 30.14 37.70
CA PHE C 106 25.29 29.19 38.58
C PHE C 106 24.59 29.18 39.96
N LYS C 107 24.34 30.36 40.50
CA LYS C 107 23.59 30.45 41.75
C LYS C 107 22.23 29.77 41.57
N LYS C 108 21.51 30.16 40.51
CA LYS C 108 20.18 29.66 40.29
C LYS C 108 20.23 28.16 40.29
N ALA C 109 21.23 27.63 39.58
CA ALA C 109 21.32 26.20 39.36
C ALA C 109 21.62 25.43 40.64
N CYS C 110 22.47 25.99 41.49
CA CYS C 110 22.76 25.40 42.80
C CYS C 110 21.52 25.39 43.66
N GLU C 111 20.81 26.51 43.68
CA GLU C 111 19.56 26.66 44.40
C GLU C 111 18.56 25.56 44.05
N SER C 112 18.47 25.17 42.77
CA SER C 112 17.40 24.26 42.32
C SER C 112 17.64 22.80 42.67
N LEU C 113 18.86 22.46 43.05
CA LEU C 113 19.15 21.09 43.40
C LEU C 113 18.46 20.66 44.70
N ASP C 114 17.91 19.45 44.68
CA ASP C 114 17.32 18.85 45.85
C ASP C 114 18.45 18.62 46.84
N LYS C 115 18.34 19.22 48.00
CA LYS C 115 19.43 19.18 48.97
C LYS C 115 19.42 17.89 49.79
N ASN C 116 18.35 17.11 49.68
CA ASN C 116 18.19 15.94 50.52
C ASN C 116 18.57 14.63 49.84
N THR C 117 18.96 14.67 48.57
CA THR C 117 19.49 13.46 47.92
C THR C 117 21.03 13.50 47.81
N SER C 118 21.61 12.37 47.39
CA SER C 118 23.04 12.21 47.27
C SER C 118 23.70 13.05 46.14
N SER C 119 24.88 13.56 46.43
CA SER C 119 25.70 14.23 45.44
C SER C 119 26.22 13.28 44.37
N GLY C 120 26.06 11.98 44.60
CA GLY C 120 26.51 10.94 43.66
C GLY C 120 28.02 10.85 43.58
N TYR C 121 28.53 10.46 42.42
CA TYR C 121 29.95 10.38 42.21
C TYR C 121 30.56 11.77 42.37
N PRO C 122 31.77 11.87 42.98
CA PRO C 122 32.53 10.83 43.64
C PRO C 122 32.36 10.80 45.16
N TYR C 123 31.64 11.78 45.72
CA TYR C 123 31.66 11.95 47.17
C TYR C 123 30.57 11.19 47.93
N HIS C 124 29.45 10.94 47.27
CA HIS C 124 28.35 10.13 47.82
C HIS C 124 27.93 10.60 49.19
N LYS C 125 27.52 11.86 49.27
CA LYS C 125 27.13 12.47 50.54
C LYS C 125 25.92 13.32 50.25
N GLN C 126 25.07 13.51 51.27
CA GLN C 126 23.85 14.27 51.06
C GLN C 126 24.25 15.69 50.70
N LYS C 127 23.50 16.33 49.81
CA LYS C 127 23.93 17.63 49.30
C LYS C 127 23.94 18.72 50.37
N SER C 128 22.99 18.69 51.31
CA SER C 128 22.91 19.69 52.38
C SER C 128 24.20 19.81 53.14
N LYS C 129 24.97 18.74 53.10
CA LYS C 129 26.16 18.57 53.92
C LYS C 129 27.28 19.55 53.63
N ASP C 130 27.38 20.00 52.38
CA ASP C 130 28.30 21.07 52.02
C ASP C 130 27.57 22.31 51.55
N TRP C 131 26.28 22.40 51.91
CA TRP C 131 25.40 23.52 51.56
C TRP C 131 25.19 24.58 52.68
N THR C 132 25.64 25.81 52.42
CA THR C 132 25.56 26.93 53.37
C THR C 132 24.18 27.57 53.47
N GLY C 133 23.35 27.39 52.46
CA GLY C 133 22.07 28.08 52.39
C GLY C 133 22.05 28.85 51.09
N SER C 134 23.23 29.27 50.63
CA SER C 134 23.32 30.04 49.40
C SER C 134 24.21 29.35 48.39
N ALA C 135 25.23 28.62 48.88
CA ALA C 135 26.29 28.09 48.01
C ALA C 135 26.76 26.73 48.43
N PHE C 136 27.43 26.04 47.52
CA PHE C 136 28.22 24.88 47.91
C PHE C 136 29.63 25.25 48.32
N ILE C 137 30.03 24.78 49.50
CA ILE C 137 31.42 24.87 49.93
C ILE C 137 32.05 23.46 49.99
N GLY C 138 33.26 23.37 50.49
CA GLY C 138 33.91 22.08 50.71
C GLY C 138 34.17 21.23 49.49
N ASP C 139 33.94 19.93 49.65
CA ASP C 139 34.11 18.98 48.56
C ASP C 139 33.12 19.27 47.44
N LEU C 140 31.90 19.60 47.81
CA LEU C 140 30.86 19.87 46.83
C LEU C 140 31.07 21.23 46.17
N GLY C 141 31.58 22.17 46.95
CA GLY C 141 31.97 23.45 46.39
C GLY C 141 32.90 23.29 45.22
N ASP C 142 33.95 22.46 45.39
CA ASP C 142 34.98 22.27 44.37
C ASP C 142 34.35 21.65 43.11
N GLN C 143 33.57 20.60 43.31
CA GLN C 143 32.97 19.87 42.19
C GLN C 143 32.02 20.78 41.42
N ALA C 144 31.09 21.38 42.14
CA ALA C 144 30.14 22.31 41.57
C ALA C 144 30.88 23.39 40.78
N THR C 145 31.91 23.98 41.39
CA THR C 145 32.60 25.10 40.76
C THR C 145 33.29 24.69 39.47
N HIS C 146 33.91 23.51 39.50
CA HIS C 146 34.63 23.02 38.34
C HIS C 146 33.63 22.73 37.21
N ALA C 147 32.51 22.10 37.54
CA ALA C 147 31.55 21.74 36.51
C ALA C 147 30.98 22.97 35.83
N ASN C 148 30.73 24.01 36.63
CA ASN C 148 30.33 25.28 36.09
C ASN C 148 31.37 25.82 35.15
N ASN C 149 32.64 25.70 35.54
CA ASN C 149 33.68 26.22 34.68
C ASN C 149 33.64 25.55 33.32
N MET C 150 33.48 24.22 33.34
CA MET C 150 33.38 23.46 32.11
C MET C 150 32.15 23.87 31.29
N TYR C 151 31.07 24.21 31.97
CA TYR C 151 29.88 24.63 31.27
C TYR C 151 30.07 25.94 30.50
N GLU C 152 30.62 26.96 31.17
CA GLU C 152 30.77 28.25 30.56
C GLU C 152 31.73 28.17 29.37
N MET C 153 32.69 27.26 29.46
CA MET C 153 33.70 27.06 28.41
C MET C 153 33.24 26.07 27.33
N GLY C 154 32.03 25.55 27.47
CA GLY C 154 31.47 24.55 26.54
C GLY C 154 32.35 23.33 26.39
N LYS C 155 32.97 22.90 27.49
CA LYS C 155 33.76 21.69 27.50
C LYS C 155 32.98 20.48 28.02
N SER C 156 33.19 19.33 27.39
CA SER C 156 32.45 18.13 27.69
C SER C 156 32.97 17.47 28.95
N MET C 157 32.09 16.82 29.71
CA MET C 157 32.49 16.04 30.87
C MET C 157 31.62 14.82 30.79
N ARG C 158 32.16 13.68 31.20
CA ARG C 158 31.43 12.43 31.17
C ARG C 158 30.55 12.26 32.43
N PRO C 159 29.21 12.23 32.26
CA PRO C 159 28.39 11.96 33.47
C PRO C 159 28.77 10.60 34.05
N ILE C 160 28.63 10.45 35.37
CA ILE C 160 28.79 9.14 36.00
C ILE C 160 27.65 8.92 36.98
N TYR C 161 26.86 7.87 36.76
CA TYR C 161 25.68 7.60 37.59
C TYR C 161 25.96 6.50 38.63
N THR C 162 25.32 6.61 39.79
CA THR C 162 25.37 5.58 40.80
C THR C 162 24.05 4.85 40.81
N ALA C 163 24.10 3.53 40.76
CA ALA C 163 22.91 2.73 40.78
C ALA C 163 22.36 2.55 42.21
N ALA C 164 21.04 2.61 42.34
CA ALA C 164 20.34 2.31 43.58
C ALA C 164 19.10 1.49 43.20
N LEU C 165 18.44 0.95 44.22
CA LEU C 165 17.16 0.24 44.03
C LEU C 165 16.07 0.97 44.80
N LYS C 166 14.97 1.29 44.14
CA LYS C 166 13.96 2.14 44.77
C LYS C 166 13.35 1.50 46.04
N ASP C 167 13.35 2.26 47.13
CA ASP C 167 12.68 1.88 48.36
C ASP C 167 11.22 2.33 48.29
N GLU C 168 10.31 1.40 48.01
CA GLU C 168 8.91 1.76 47.89
C GLU C 168 8.01 0.60 48.27
N LEU C 169 6.74 0.90 48.52
CA LEU C 169 5.76 -0.10 48.80
C LEU C 169 5.40 -0.80 47.51
N VAL C 170 5.36 -2.12 47.55
CA VAL C 170 5.06 -2.91 46.36
C VAL C 170 4.08 -4.03 46.66
N LYS C 171 3.52 -4.62 45.59
CA LYS C 171 2.70 -5.82 45.71
C LYS C 171 3.45 -7.01 46.34
N PRO C 172 2.75 -7.79 47.17
CA PRO C 172 3.38 -8.87 47.95
C PRO C 172 4.19 -9.85 47.12
N ASP C 173 3.67 -10.25 45.97
CA ASP C 173 4.36 -11.21 45.12
C ASP C 173 5.74 -10.69 44.68
N LYS C 174 5.89 -9.37 44.55
CA LYS C 174 7.21 -8.78 44.26
C LYS C 174 8.24 -9.03 45.36
N ILE C 175 7.73 -9.37 46.54
CA ILE C 175 8.57 -9.77 47.66
C ILE C 175 8.58 -11.29 47.83
N TYR C 176 7.41 -11.91 47.84
CA TYR C 176 7.31 -13.32 48.23
C TYR C 176 7.33 -14.30 47.06
N GLY C 177 6.87 -13.84 45.90
CA GLY C 177 7.04 -14.58 44.64
C GLY C 177 8.39 -14.22 44.01
N LYS C 178 8.37 -13.89 42.72
CA LYS C 178 9.56 -13.49 41.99
C LYS C 178 9.94 -12.06 42.38
N ILE C 179 11.14 -11.92 42.95
CA ILE C 179 11.56 -10.67 43.56
C ILE C 179 12.06 -9.66 42.54
N LYS C 180 11.56 -8.44 42.68
CA LYS C 180 11.86 -7.36 41.77
C LYS C 180 12.00 -6.05 42.55
N LYS C 181 12.94 -5.21 42.14
CA LYS C 181 13.11 -3.90 42.70
C LYS C 181 13.67 -2.97 41.63
N ARG C 182 13.11 -1.78 41.52
CA ARG C 182 13.37 -0.84 40.44
C ARG C 182 14.72 -0.15 40.48
N LEU C 183 15.43 -0.22 39.37
CA LEU C 183 16.71 0.44 39.24
C LEU C 183 16.55 1.95 39.19
N LEU C 184 17.34 2.64 40.01
CA LEU C 184 17.49 4.07 39.93
C LEU C 184 18.89 4.45 39.49
N TRP C 185 18.96 5.56 38.77
CA TRP C 185 20.20 6.12 38.27
C TRP C 185 20.44 7.43 39.06
N GLY C 186 21.50 7.51 39.85
CA GLY C 186 21.74 8.75 40.56
C GLY C 186 22.87 9.53 39.89
N SER C 187 22.53 10.73 39.42
CA SER C 187 23.43 11.57 38.65
C SER C 187 24.54 12.11 39.53
N ASP C 188 25.67 12.45 38.92
CA ASP C 188 26.75 13.09 39.65
C ASP C 188 26.48 14.57 39.75
N LEU C 189 26.96 15.18 40.80
CA LEU C 189 26.70 16.60 41.04
C LEU C 189 27.06 17.55 39.89
N GLY C 190 28.19 17.30 39.24
CA GLY C 190 28.57 18.22 38.16
C GLY C 190 27.54 18.15 37.05
N THR C 191 27.17 16.92 36.68
CA THR C 191 26.13 16.72 35.72
C THR C 191 24.87 17.48 36.13
N MET C 192 24.49 17.40 37.41
CA MET C 192 23.27 18.09 37.84
C MET C 192 23.42 19.61 37.66
N ILE C 193 24.58 20.14 38.00
CA ILE C 193 24.80 21.57 37.81
C ILE C 193 24.70 21.93 36.33
N ARG C 194 25.33 21.11 35.50
CA ARG C 194 25.41 21.45 34.07
C ARG C 194 24.03 21.34 33.39
N ALA C 195 23.28 20.32 33.76
CA ALA C 195 21.93 20.13 33.24
C ALA C 195 21.03 21.23 33.75
N ALA C 196 21.17 21.59 35.03
CA ALA C 196 20.33 22.66 35.59
C ALA C 196 20.54 23.96 34.81
N ARG C 197 21.79 24.37 34.60
CA ARG C 197 22.04 25.61 33.87
C ARG C 197 21.58 25.51 32.45
N ALA C 198 21.80 24.36 31.82
CA ALA C 198 21.47 24.23 30.40
C ALA C 198 19.97 24.23 30.22
N PHE C 199 19.29 23.41 30.99
CA PHE C 199 17.93 23.09 30.68
C PHE C 199 16.93 23.63 31.67
N GLY C 200 17.39 24.19 32.78
CA GLY C 200 16.49 24.88 33.73
C GLY C 200 15.54 25.87 33.06
N PRO C 201 16.06 26.82 32.25
CA PRO C 201 15.15 27.74 31.60
C PRO C 201 14.08 27.01 30.81
N PHE C 202 14.50 26.07 29.96
CA PHE C 202 13.54 25.25 29.19
C PHE C 202 12.50 24.60 30.09
N CYS C 203 12.93 23.93 31.17
CA CYS C 203 12.01 23.27 32.09
C CYS C 203 11.04 24.26 32.74
N ASP C 204 11.51 25.48 32.98
CA ASP C 204 10.67 26.54 33.52
C ASP C 204 9.62 26.98 32.52
N ALA C 205 10.03 27.14 31.26
CA ALA C 205 9.14 27.66 30.23
C ALA C 205 8.00 26.67 30.03
N LEU C 206 8.37 25.40 30.08
CA LEU C 206 7.46 24.29 29.83
C LEU C 206 6.47 24.14 30.97
N LYS C 207 6.96 24.32 32.19
CA LYS C 207 6.21 24.19 33.42
C LYS C 207 5.05 25.18 33.43
N GLU C 208 5.33 26.45 33.10
CA GLU C 208 4.28 27.46 32.98
C GLU C 208 3.17 27.06 32.00
N THR C 209 3.51 26.25 31.01
CA THR C 209 2.54 25.88 29.99
C THR C 209 2.04 24.44 30.18
N CYS C 210 2.05 23.96 31.45
CA CYS C 210 1.62 22.61 31.85
CA CYS C 210 1.70 22.56 31.68
C CYS C 210 0.21 22.26 31.41
N ILE C 211 -0.58 23.28 31.10
CA ILE C 211 -1.99 23.06 30.75
C ILE C 211 -2.21 23.08 29.23
N PHE C 212 -1.60 24.06 28.57
CA PHE C 212 -1.74 24.21 27.15
C PHE C 212 -0.91 23.20 26.37
N ASN C 213 0.20 22.73 26.96
CA ASN C 213 1.04 21.64 26.37
C ASN C 213 0.91 20.27 27.06
N PRO C 214 1.21 19.18 26.33
CA PRO C 214 0.94 17.84 26.87
C PRO C 214 1.92 17.33 27.90
N ILE C 215 3.06 18.00 28.09
CA ILE C 215 3.94 17.56 29.17
C ILE C 215 3.49 18.14 30.51
N ARG C 216 2.88 17.28 31.31
CA ARG C 216 2.18 17.63 32.53
C ARG C 216 3.09 17.87 33.73
N VAL C 217 4.40 17.78 33.53
CA VAL C 217 5.31 17.94 34.67
C VAL C 217 5.16 19.36 35.22
N GLY C 218 4.93 19.45 36.53
CA GLY C 218 4.62 20.72 37.20
C GLY C 218 3.16 20.92 37.58
N MET C 219 2.30 19.96 37.24
CA MET C 219 0.86 20.13 37.46
C MET C 219 0.45 19.77 38.87
N SER C 220 -0.58 20.43 39.39
CA SER C 220 -1.23 19.97 40.62
C SER C 220 -2.48 19.18 40.23
N MET C 221 -2.65 18.00 40.83
CA MET C 221 -3.83 17.17 40.53
C MET C 221 -5.12 17.88 40.92
N ASN C 222 -5.11 18.51 42.09
CA ASN C 222 -6.29 19.19 42.61
C ASN C 222 -6.57 20.51 41.91
N GLU C 223 -5.50 21.29 41.69
CA GLU C 223 -5.61 22.59 41.02
C GLU C 223 -5.76 22.54 39.51
N ASP C 224 -5.02 21.67 38.85
CA ASP C 224 -4.98 21.68 37.39
C ASP C 224 -5.72 20.53 36.75
N GLY C 225 -5.81 19.42 37.50
CA GLY C 225 -6.53 18.21 37.06
C GLY C 225 -7.87 18.52 36.42
N PRO C 226 -8.74 19.22 37.16
CA PRO C 226 -10.06 19.52 36.58
C PRO C 226 -9.98 20.11 35.20
N PHE C 227 -9.03 21.01 34.97
CA PHE C 227 -8.94 21.71 33.68
C PHE C 227 -8.33 20.77 32.64
N ILE C 228 -7.24 20.12 33.01
CA ILE C 228 -6.56 19.20 32.12
C ILE C 228 -7.51 18.13 31.63
N PHE C 229 -8.24 17.51 32.56
CA PHE C 229 -9.22 16.49 32.17
C PHE C 229 -10.39 17.06 31.38
N ALA C 230 -10.91 18.21 31.79
CA ALA C 230 -11.93 18.83 30.96
C ALA C 230 -11.43 18.99 29.50
N ARG C 231 -10.17 19.38 29.30
CA ARG C 231 -9.63 19.51 27.94
C ARG C 231 -9.68 18.14 27.23
N HIS C 232 -9.14 17.09 27.87
CA HIS C 232 -9.22 15.73 27.35
C HIS C 232 -10.63 15.32 26.89
N ALA C 233 -11.65 15.65 27.69
CA ALA C 233 -13.05 15.27 27.40
C ALA C 233 -13.64 15.99 26.21
N ASN C 234 -12.93 16.97 25.67
CA ASN C 234 -13.38 17.58 24.43
C ASN C 234 -13.24 16.63 23.21
N PHE C 235 -12.66 15.46 23.43
CA PHE C 235 -12.27 14.55 22.35
C PHE C 235 -12.97 13.21 22.48
N ARG C 236 -13.26 12.60 21.34
CA ARG C 236 -14.16 11.47 21.22
C ARG C 236 -13.63 10.17 21.84
N TYR C 237 -12.35 9.86 21.64
CA TYR C 237 -11.81 8.56 22.11
C TYR C 237 -10.67 8.74 23.09
N HIS C 238 -10.60 7.87 24.10
CA HIS C 238 -9.55 7.99 25.15
C HIS C 238 -8.87 6.66 25.39
N MET C 239 -7.59 6.69 25.71
CA MET C 239 -6.82 5.45 25.88
C MET C 239 -5.55 5.68 26.67
N ASP C 240 -5.01 4.60 27.22
CA ASP C 240 -3.76 4.62 27.95
C ASP C 240 -2.97 3.35 27.70
N ALA C 241 -1.78 3.47 27.11
CA ALA C 241 -0.99 2.32 26.64
C ALA C 241 -0.34 1.52 27.77
N ASP C 242 -0.20 2.17 28.93
CA ASP C 242 0.38 1.58 30.12
C ASP C 242 1.62 0.70 29.82
N TYR C 243 2.76 1.35 29.61
CA TYR C 243 3.99 0.68 29.24
C TYR C 243 4.67 -0.04 30.41
N THR C 244 5.38 -1.12 30.06
CA THR C 244 6.25 -1.93 30.90
C THR C 244 7.68 -1.59 30.47
N ARG C 245 8.58 -1.45 31.41
CA ARG C 245 9.99 -1.18 31.14
C ARG C 245 10.18 -0.03 30.16
N TRP C 246 9.54 1.09 30.44
CA TRP C 246 9.64 2.25 29.57
C TRP C 246 11.07 2.69 29.39
N ASP C 247 11.75 2.90 30.50
CA ASP C 247 13.05 3.56 30.50
C ASP C 247 14.10 2.76 29.77
N SER C 248 14.04 1.44 29.98
CA SER C 248 15.06 0.52 29.49
C SER C 248 14.85 0.12 28.04
N THR C 249 13.68 0.46 27.50
CA THR C 249 13.43 0.19 26.07
C THR C 249 13.50 1.46 25.25
N GLN C 250 14.01 2.55 25.81
CA GLN C 250 14.12 3.78 24.99
C GLN C 250 15.25 3.67 24.00
N GLN C 251 15.16 4.40 22.90
CA GLN C 251 16.22 4.39 21.89
C GLN C 251 16.98 5.71 21.96
N ARG C 252 18.30 5.63 21.98
CA ARG C 252 19.12 6.85 21.96
C ARG C 252 18.92 7.72 20.74
N ALA C 253 18.57 7.14 19.60
CA ALA C 253 18.20 7.94 18.41
C ALA C 253 16.98 8.85 18.71
N ILE C 254 16.01 8.30 19.43
CA ILE C 254 14.80 9.01 19.81
C ILE C 254 15.10 10.06 20.88
N LEU C 255 15.80 9.65 21.94
CA LEU C 255 16.19 10.57 22.98
C LEU C 255 16.99 11.74 22.39
N LYS C 256 17.79 11.42 21.38
CA LYS C 256 18.61 12.40 20.69
C LYS C 256 17.72 13.52 20.15
N ARG C 257 16.64 13.11 19.50
CA ARG C 257 15.69 14.03 18.88
C ARG C 257 14.95 14.85 19.94
N ALA C 258 14.61 14.23 21.07
CA ALA C 258 14.01 14.97 22.15
C ALA C 258 15.03 16.02 22.59
N GLY C 259 16.29 15.61 22.67
CA GLY C 259 17.36 16.51 23.08
C GLY C 259 17.60 17.65 22.11
N ASP C 260 17.49 17.40 20.81
CA ASP C 260 17.56 18.49 19.81
C ASP C 260 16.51 19.59 20.10
N ILE C 261 15.28 19.17 20.34
CA ILE C 261 14.27 20.12 20.72
C ILE C 261 14.66 20.93 21.99
N MET C 262 15.14 20.25 23.05
CA MET C 262 15.46 21.00 24.26
C MET C 262 16.61 22.02 24.03
N VAL C 263 17.55 21.64 23.17
CA VAL C 263 18.67 22.47 22.88
C VAL C 263 18.25 23.74 22.15
N ARG C 264 17.45 23.59 21.10
CA ARG C 264 17.10 24.70 20.24
C ARG C 264 16.27 25.72 21.02
N LEU C 265 15.40 25.22 21.89
CA LEU C 265 14.56 26.03 22.77
C LEU C 265 15.24 26.34 24.14
N SER C 266 16.52 26.69 24.10
CA SER C 266 17.26 27.05 25.31
C SER C 266 17.99 28.36 25.07
N PRO C 267 18.10 29.21 26.11
CA PRO C 267 18.77 30.48 25.85
C PRO C 267 20.26 30.37 25.52
N GLU C 268 20.94 29.30 25.97
CA GLU C 268 22.36 29.09 25.64
C GLU C 268 22.55 27.78 24.83
N PRO C 269 21.99 27.77 23.60
CA PRO C 269 21.96 26.55 22.80
C PRO C 269 23.32 25.90 22.56
N ASP C 270 24.38 26.69 22.33
CA ASP C 270 25.70 26.07 22.13
C ASP C 270 26.24 25.45 23.42
N LEU C 271 25.99 26.11 24.54
CA LEU C 271 26.40 25.59 25.83
C LEU C 271 25.56 24.40 26.20
N ALA C 272 24.34 24.35 25.69
CA ALA C 272 23.44 23.32 26.10
C ALA C 272 23.69 22.08 25.27
N ARG C 273 24.21 22.28 24.06
CA ARG C 273 24.41 21.17 23.13
C ARG C 273 25.46 20.27 23.75
N VAL C 274 26.51 20.89 24.26
CA VAL C 274 27.58 20.15 24.92
C VAL C 274 27.00 19.22 25.99
N VAL C 275 26.18 19.77 26.89
CA VAL C 275 25.61 19.03 27.98
C VAL C 275 24.75 17.82 27.51
N MET C 276 24.02 18.02 26.41
CA MET C 276 23.06 17.03 25.96
C MET C 276 23.87 15.91 25.36
N ASP C 277 24.84 16.28 24.54
CA ASP C 277 25.75 15.30 23.98
C ASP C 277 26.35 14.44 25.09
N ASP C 278 26.80 15.05 26.19
CA ASP C 278 27.29 14.29 27.35
C ASP C 278 26.23 13.41 27.99
N LEU C 279 25.02 13.89 28.05
CA LEU C 279 23.92 13.13 28.62
C LEU C 279 23.59 11.91 27.76
N LEU C 280 23.88 11.98 26.47
CA LEU C 280 23.34 11.01 25.53
C LEU C 280 24.36 10.00 25.03
N ALA C 281 25.62 10.30 25.28
CA ALA C 281 26.69 9.41 24.96
C ALA C 281 26.55 8.19 25.87
N PRO C 282 27.03 7.03 25.39
CA PRO C 282 27.06 5.80 26.18
C PRO C 282 27.23 6.13 27.65
N SER C 283 26.31 5.64 28.49
CA SER C 283 26.28 5.99 29.91
C SER C 283 27.12 5.10 30.80
N LEU C 284 27.82 5.76 31.73
CA LEU C 284 28.69 5.11 32.68
C LEU C 284 27.95 4.99 33.99
N LEU C 285 27.74 3.75 34.43
CA LEU C 285 26.89 3.48 35.57
C LEU C 285 27.66 2.67 36.62
N ASP C 286 27.76 3.22 37.84
CA ASP C 286 28.47 2.62 38.95
C ASP C 286 27.54 1.69 39.74
N VAL C 287 27.67 0.40 39.50
CA VAL C 287 26.90 -0.63 40.20
C VAL C 287 27.58 -1.15 41.50
N GLY C 288 28.68 -0.53 41.94
CA GLY C 288 29.39 -0.95 43.18
C GLY C 288 30.79 -1.41 42.88
N ASP C 289 30.93 -2.66 42.43
CA ASP C 289 32.22 -3.21 42.00
C ASP C 289 32.76 -2.57 40.73
N TYR C 290 31.86 -2.15 39.84
CA TYR C 290 32.23 -1.66 38.51
C TYR C 290 31.41 -0.48 38.05
N LYS C 291 31.99 0.25 37.10
CA LYS C 291 31.27 1.18 36.29
C LYS C 291 31.13 0.45 34.97
N ILE C 292 29.87 0.19 34.59
CA ILE C 292 29.57 -0.44 33.31
C ILE C 292 29.15 0.59 32.28
N VAL C 293 29.38 0.29 31.01
CA VAL C 293 28.99 1.18 29.92
C VAL C 293 27.58 0.79 29.51
N VAL C 294 26.62 1.68 29.67
CA VAL C 294 25.30 1.42 29.11
C VAL C 294 24.90 2.38 28.00
N GLU C 295 24.74 1.80 26.82
CA GLU C 295 24.79 2.48 25.55
C GLU C 295 23.41 2.96 25.10
N GLU C 296 22.40 2.21 25.50
CA GLU C 296 21.05 2.39 25.07
C GLU C 296 20.11 2.54 26.28
N GLY C 297 18.86 2.90 25.99
CA GLY C 297 17.89 3.18 27.04
C GLY C 297 18.02 4.59 27.60
N LEU C 298 17.13 4.91 28.50
CA LEU C 298 17.17 6.17 29.19
C LEU C 298 17.92 6.07 30.52
N PRO C 299 18.89 6.95 30.72
CA PRO C 299 19.55 7.14 32.00
C PRO C 299 18.70 8.07 32.84
N SER C 300 18.00 7.51 33.81
CA SER C 300 17.03 8.23 34.65
C SER C 300 17.60 9.30 35.63
N GLY C 301 18.85 9.73 35.39
CA GLY C 301 19.54 10.75 36.21
C GLY C 301 18.74 11.47 37.28
N CYS C 302 18.70 12.80 37.27
CA CYS C 302 19.41 13.68 36.34
C CYS C 302 18.45 14.74 35.80
N CYS C 304 15.54 15.97 35.65
CA CYS C 304 15.61 16.83 34.48
C CYS C 304 15.39 16.00 33.21
N THR C 305 15.73 14.72 33.31
CA THR C 305 15.40 13.77 32.28
C THR C 305 13.89 13.50 32.21
N THR C 306 13.14 13.89 33.23
CA THR C 306 11.68 13.68 33.21
C THR C 306 11.06 14.37 31.99
N GLN C 307 11.60 15.54 31.64
CA GLN C 307 11.12 16.26 30.48
C GLN C 307 11.58 15.55 29.23
N LEU C 308 12.88 15.28 29.17
CA LEU C 308 13.48 14.52 28.07
C LEU C 308 12.70 13.26 27.78
N ASN C 309 12.29 12.57 28.83
CA ASN C 309 11.58 11.33 28.69
C ASN C 309 10.15 11.57 28.21
N SER C 310 9.52 12.59 28.80
CA SER C 310 8.17 13.06 28.39
C SER C 310 8.13 13.47 26.93
N LEU C 311 9.17 14.16 26.49
CA LEU C 311 9.25 14.56 25.11
C LEU C 311 9.41 13.36 24.16
N ALA C 312 10.30 12.42 24.50
CA ALA C 312 10.44 11.16 23.74
C ALA C 312 9.09 10.48 23.62
N HIS C 313 8.40 10.39 24.74
CA HIS C 313 7.09 9.77 24.77
C HIS C 313 6.19 10.44 23.74
N TRP C 314 6.35 11.76 23.62
CA TRP C 314 5.46 12.58 22.81
C TRP C 314 5.79 12.33 21.34
N ILE C 315 7.07 12.23 21.05
CA ILE C 315 7.52 11.85 19.72
C ILE C 315 7.01 10.44 19.29
N LEU C 316 7.07 9.48 20.20
CA LEU C 316 6.67 8.11 19.84
C LEU C 316 5.18 7.98 19.54
N THR C 317 4.37 8.53 20.42
CA THR C 317 2.92 8.50 20.32
C THR C 317 2.52 9.22 19.03
N LEU C 318 3.07 10.41 18.82
CA LEU C 318 2.77 11.15 17.60
C LEU C 318 3.18 10.34 16.34
N CYS C 319 4.33 9.67 16.39
CA CYS C 319 4.81 8.85 15.28
C CYS C 319 3.90 7.64 15.01
N ALA C 320 3.54 6.91 16.07
CA ALA C 320 2.64 5.77 15.91
C ALA C 320 1.32 6.22 15.33
N MET C 321 0.79 7.33 15.86
CA MET C 321 -0.50 7.85 15.45
C MET C 321 -0.46 8.29 14.00
N VAL C 322 0.61 9.00 13.63
CA VAL C 322 0.79 9.50 12.29
C VAL C 322 0.98 8.34 11.31
N GLU C 323 1.62 7.25 11.74
CA GLU C 323 1.91 6.10 10.90
C GLU C 323 0.61 5.39 10.57
N VAL C 324 -0.22 5.19 11.60
CA VAL C 324 -1.43 4.43 11.44
C VAL C 324 -2.49 5.27 10.73
N THR C 325 -2.68 6.52 11.13
CA THR C 325 -3.76 7.33 10.58
C THR C 325 -3.42 8.06 9.27
N ARG C 326 -2.14 8.21 8.97
CA ARG C 326 -1.70 8.93 7.78
C ARG C 326 -1.96 10.44 7.88
N VAL C 327 -2.51 10.89 9.00
CA VAL C 327 -2.75 12.32 9.25
C VAL C 327 -1.44 13.06 9.62
N ASP C 328 -1.27 14.29 9.14
CA ASP C 328 -0.17 15.15 9.59
C ASP C 328 -0.06 15.33 11.13
N PRO C 329 1.19 15.39 11.65
CA PRO C 329 1.36 15.49 13.10
C PRO C 329 0.70 16.76 13.63
N ASP C 330 0.91 17.90 12.95
CA ASP C 330 0.18 19.12 13.25
CA ASP C 330 0.18 19.14 13.25
C ASP C 330 -1.33 18.87 13.35
N ILE C 331 -1.90 18.22 12.32
CA ILE C 331 -3.32 17.96 12.33
C ILE C 331 -3.75 16.96 13.43
N VAL C 332 -2.97 15.91 13.67
CA VAL C 332 -3.27 15.00 14.77
C VAL C 332 -3.37 15.82 16.05
N MET C 333 -2.47 16.81 16.19
CA MET C 333 -2.45 17.64 17.36
C MET C 333 -3.62 18.59 17.47
N GLN C 334 -4.19 19.00 16.34
CA GLN C 334 -5.44 19.77 16.37
C GLN C 334 -6.61 18.89 16.75
N GLU C 335 -6.43 17.58 16.70
CA GLU C 335 -7.52 16.62 16.86
C GLU C 335 -7.36 15.73 18.09
N SER C 336 -6.34 16.04 18.91
CA SER C 336 -6.08 15.23 20.09
C SER C 336 -5.70 16.08 21.30
N GLU C 337 -5.80 15.48 22.48
CA GLU C 337 -5.21 16.06 23.68
C GLU C 337 -4.38 14.96 24.26
N PHE C 338 -3.14 15.28 24.60
CA PHE C 338 -2.20 14.31 25.17
C PHE C 338 -1.79 14.70 26.59
N SER C 339 -1.51 13.70 27.42
CA SER C 339 -0.90 14.00 28.72
C SER C 339 0.24 13.04 28.95
N PHE C 340 1.43 13.59 29.16
CA PHE C 340 2.60 12.76 29.42
C PHE C 340 3.29 13.18 30.67
N TYR C 341 3.75 12.20 31.42
CA TYR C 341 4.67 12.45 32.54
C TYR C 341 5.58 11.24 32.56
N GLY C 342 6.75 11.35 31.95
CA GLY C 342 7.63 10.17 31.82
C GLY C 342 6.92 9.12 30.98
N ASP C 343 6.81 7.91 31.51
CA ASP C 343 6.09 6.83 30.84
C ASP C 343 4.55 6.88 30.97
N ASP C 344 4.04 7.81 31.79
CA ASP C 344 2.62 7.93 32.06
C ASP C 344 1.95 8.77 30.99
N GLU C 345 0.82 8.27 30.50
CA GLU C 345 0.10 8.95 29.44
C GLU C 345 -1.41 8.86 29.57
N VAL C 346 -2.08 9.91 29.11
CA VAL C 346 -3.45 9.80 28.60
C VAL C 346 -3.46 10.35 27.17
N VAL C 347 -4.06 9.60 26.27
CA VAL C 347 -4.15 10.04 24.90
C VAL C 347 -5.61 10.07 24.49
N SER C 348 -6.08 11.26 24.13
CA SER C 348 -7.43 11.49 23.73
C SER C 348 -7.45 12.01 22.32
N THR C 349 -8.36 11.51 21.49
CA THR C 349 -8.36 11.88 20.08
C THR C 349 -9.73 11.76 19.40
N ASN C 350 -9.86 12.45 18.28
CA ASN C 350 -11.09 12.39 17.54
C ASN C 350 -10.96 11.44 16.39
N LEU C 351 -9.73 11.14 16.04
CA LEU C 351 -9.41 10.31 14.87
C LEU C 351 -9.79 8.84 15.08
N GLU C 352 -10.20 8.18 14.00
CA GLU C 352 -10.39 6.74 14.02
C GLU C 352 -9.02 6.04 14.01
N LEU C 353 -8.47 5.76 15.19
CA LEU C 353 -7.19 5.04 15.32
C LEU C 353 -7.47 3.54 15.24
N ASP C 354 -6.81 2.85 14.32
CA ASP C 354 -6.83 1.41 14.33
C ASP C 354 -5.96 0.91 15.48
N MET C 355 -6.59 0.38 16.53
CA MET C 355 -5.88 -0.05 17.74
C MET C 355 -4.92 -1.26 17.56
N VAL C 356 -5.30 -2.21 16.70
CA VAL C 356 -4.41 -3.29 16.26
C VAL C 356 -3.17 -2.68 15.60
N LYS C 357 -3.36 -1.82 14.60
CA LYS C 357 -2.21 -1.20 13.93
C LYS C 357 -1.38 -0.28 14.84
N TYR C 358 -2.05 0.39 15.78
CA TYR C 358 -1.38 1.30 16.72
C TYR C 358 -0.51 0.56 17.71
N THR C 359 -1.10 -0.45 18.34
CA THR C 359 -0.35 -1.34 19.23
C THR C 359 0.81 -2.01 18.48
N MET C 360 0.56 -2.47 17.26
CA MET C 360 1.68 -3.03 16.48
C MET C 360 2.78 -2.01 16.24
N ALA C 361 2.45 -0.75 15.90
CA ALA C 361 3.48 0.22 15.56
C ALA C 361 4.40 0.49 16.74
N LEU C 362 3.80 0.52 17.93
CA LEU C 362 4.55 0.75 19.16
C LEU C 362 5.55 -0.38 19.46
N ARG C 363 5.06 -1.61 19.45
CA ARG C 363 5.93 -2.79 19.66
C ARG C 363 7.11 -2.80 18.68
N ARG C 364 6.85 -2.39 17.44
CA ARG C 364 7.89 -2.25 16.45
C ARG C 364 8.95 -1.24 16.91
N TYR C 365 8.54 -0.18 17.60
CA TYR C 365 9.50 0.76 18.15
C TYR C 365 10.27 0.20 19.37
N GLY C 366 9.92 -1.01 19.78
CA GLY C 366 10.52 -1.61 20.97
C GLY C 366 9.81 -1.30 22.27
N LEU C 367 8.63 -0.66 22.21
CA LEU C 367 7.89 -0.37 23.45
C LEU C 367 7.01 -1.55 23.84
N LEU C 368 6.52 -1.54 25.07
CA LEU C 368 5.83 -2.70 25.60
C LEU C 368 4.54 -2.23 26.20
N PRO C 369 3.57 -1.89 25.34
CA PRO C 369 2.27 -1.48 25.87
C PRO C 369 1.51 -2.67 26.45
N THR C 370 0.69 -2.46 27.44
CA THR C 370 -0.05 -3.57 28.03
C THR C 370 -1.54 -3.25 28.14
N ARG C 371 -2.36 -4.26 27.83
CA ARG C 371 -3.83 -4.18 27.98
C ARG C 371 -4.18 -4.11 29.46
N ALA C 372 -5.28 -3.45 29.78
CA ALA C 372 -5.78 -3.43 31.16
C ALA C 372 -6.04 -4.86 31.67
N ASP C 373 -6.74 -5.67 30.88
CA ASP C 373 -6.97 -7.07 31.21
C ASP C 373 -5.67 -7.90 31.28
N LYS C 374 -4.59 -7.35 30.71
CA LYS C 374 -3.26 -7.98 30.68
C LYS C 374 -3.22 -9.15 29.70
N GLU C 375 -4.23 -9.23 28.83
CA GLU C 375 -4.24 -10.23 27.78
C GLU C 375 -3.35 -9.83 26.63
N GLU C 376 -3.14 -10.79 25.73
CA GLU C 376 -2.41 -10.60 24.49
C GLU C 376 -3.34 -9.83 23.53
N GLY C 377 -2.75 -9.23 22.51
CA GLY C 377 -3.54 -8.48 21.54
C GLY C 377 -3.55 -6.98 21.82
N PRO C 378 -4.42 -6.23 21.11
CA PRO C 378 -4.29 -4.79 21.00
C PRO C 378 -4.79 -3.99 22.19
N LEU C 379 -4.27 -2.77 22.35
CA LEU C 379 -4.79 -1.79 23.30
C LEU C 379 -6.23 -1.39 23.02
N GLU C 380 -6.93 -0.89 24.04
CA GLU C 380 -8.34 -0.54 23.89
C GLU C 380 -8.61 0.97 23.86
N ARG C 381 -9.67 1.38 23.18
CA ARG C 381 -10.08 2.76 23.24
C ARG C 381 -11.50 2.83 23.75
N ARG C 382 -11.80 3.82 24.58
CA ARG C 382 -13.16 4.02 25.05
C ARG C 382 -13.67 5.38 24.58
N GLN C 383 -14.99 5.54 24.51
CA GLN C 383 -15.60 6.81 24.14
C GLN C 383 -15.93 7.64 25.35
N THR C 384 -15.48 7.18 26.51
CA THR C 384 -15.48 8.00 27.71
C THR C 384 -14.13 8.03 28.41
N LEU C 385 -13.92 9.11 29.14
CA LEU C 385 -12.68 9.34 29.85
C LEU C 385 -12.68 8.68 31.23
N GLN C 386 -13.87 8.46 31.78
CA GLN C 386 -14.05 7.85 33.12
C GLN C 386 -13.30 6.54 33.15
N GLY C 387 -12.58 6.29 34.25
CA GLY C 387 -11.86 5.03 34.47
C GLY C 387 -10.40 5.02 34.01
N ILE C 388 -10.03 5.92 33.11
CA ILE C 388 -8.63 6.07 32.76
C ILE C 388 -7.92 6.67 33.98
N SER C 389 -6.66 6.30 34.17
CA SER C 389 -5.87 6.81 35.28
C SER C 389 -4.75 7.71 34.76
N PHE C 390 -4.26 8.58 35.61
CA PHE C 390 -3.08 9.34 35.27
C PHE C 390 -2.50 9.81 36.59
N LEU C 391 -1.18 9.73 36.71
CA LEU C 391 -0.46 10.07 37.95
C LEU C 391 -0.98 9.35 39.22
N ARG C 392 -1.42 8.09 39.06
CA ARG C 392 -1.92 7.26 40.19
C ARG C 392 -3.33 7.59 40.70
N ARG C 393 -4.05 8.46 39.99
CA ARG C 393 -5.43 8.73 40.33
C ARG C 393 -6.36 8.26 39.23
N ALA C 394 -7.54 7.77 39.62
CA ALA C 394 -8.62 7.54 38.66
C ALA C 394 -9.22 8.89 38.25
N ILE C 395 -9.58 9.01 36.97
CA ILE C 395 -10.25 10.22 36.51
C ILE C 395 -11.74 9.97 36.61
N VAL C 396 -12.44 10.94 37.19
CA VAL C 396 -13.85 10.83 37.51
C VAL C 396 -14.50 12.14 37.10
N GLY C 397 -15.75 12.07 36.69
CA GLY C 397 -16.48 13.26 36.30
C GLY C 397 -17.86 13.24 36.91
N ASP C 398 -18.28 14.37 37.50
CA ASP C 398 -19.65 14.52 37.99
C ASP C 398 -20.24 15.87 37.60
N GLN C 399 -21.22 16.34 38.38
CA GLN C 399 -21.95 17.59 38.12
C GLN C 399 -21.04 18.83 38.08
N PHE C 400 -19.86 18.71 38.68
CA PHE C 400 -19.02 19.87 38.90
C PHE C 400 -17.84 19.89 37.98
N GLY C 401 -17.51 18.73 37.45
CA GLY C 401 -16.37 18.61 36.53
C GLY C 401 -15.58 17.35 36.76
N TRP C 402 -14.43 17.28 36.11
CA TRP C 402 -13.54 16.15 36.23
C TRP C 402 -12.56 16.39 37.36
N TYR C 403 -12.05 15.31 37.93
CA TYR C 403 -10.99 15.41 38.90
C TYR C 403 -10.29 14.06 38.97
N GLY C 404 -9.09 14.05 39.56
CA GLY C 404 -8.35 12.82 39.83
C GLY C 404 -8.64 12.25 41.22
N ARG C 405 -9.10 11.01 41.28
CA ARG C 405 -9.42 10.37 42.54
C ARG C 405 -8.46 9.23 42.83
N LEU C 406 -7.81 9.31 43.99
CA LEU C 406 -6.95 8.25 44.48
C LEU C 406 -7.75 6.99 44.87
N ASP C 407 -7.32 5.82 44.40
CA ASP C 407 -8.01 4.55 44.70
C ASP C 407 -8.02 4.19 46.18
N ARG C 408 -9.01 3.38 46.56
CA ARG C 408 -9.23 2.96 47.95
C ARG C 408 -7.98 2.31 48.56
N ALA C 409 -7.35 1.42 47.79
CA ALA C 409 -6.13 0.75 48.21
C ALA C 409 -4.97 1.73 48.45
N SER C 410 -4.83 2.74 47.58
CA SER C 410 -3.77 3.74 47.77
C SER C 410 -3.97 4.55 49.04
N ILE C 411 -5.23 4.80 49.40
CA ILE C 411 -5.56 5.49 50.65
C ILE C 411 -5.36 4.56 51.85
N ASP C 412 -5.79 3.29 51.70
CA ASP C 412 -5.59 2.28 52.74
C ASP C 412 -4.10 2.15 53.09
N ARG C 413 -3.25 2.07 52.06
CA ARG C 413 -1.78 2.01 52.25
C ARG C 413 -1.24 3.14 53.11
N GLN C 414 -1.72 4.36 52.89
CA GLN C 414 -1.24 5.48 53.68
C GLN C 414 -1.72 5.49 55.12
N LEU C 415 -2.64 4.58 55.45
CA LEU C 415 -3.06 4.36 56.83
C LEU C 415 -2.13 3.35 57.48
N LEU C 416 -1.72 2.36 56.69
CA LEU C 416 -0.90 1.23 57.17
C LEU C 416 0.60 1.52 57.36
N TRP C 417 1.11 2.55 56.69
CA TRP C 417 2.55 2.80 56.60
C TRP C 417 2.89 4.26 56.64
N THR C 418 3.95 4.60 57.35
CA THR C 418 4.42 5.97 57.36
C THR C 418 5.93 6.05 57.11
N LYS C 419 6.44 7.26 56.88
CA LYS C 419 7.85 7.45 56.64
C LYS C 419 8.54 7.93 57.91
N GLY C 420 9.75 7.42 58.13
CA GLY C 420 10.60 7.71 59.29
C GLY C 420 12.03 7.41 58.87
N PRO C 421 12.96 7.29 59.83
CA PRO C 421 14.34 7.01 59.38
C PRO C 421 14.50 5.58 58.87
N ASN C 422 15.58 5.33 58.12
CA ASN C 422 15.86 3.99 57.62
C ASN C 422 16.00 2.98 58.73
N HIS C 423 15.38 1.81 58.55
CA HIS C 423 15.51 0.68 59.46
C HIS C 423 15.40 -0.65 58.72
N GLN C 424 15.69 -1.74 59.42
CA GLN C 424 15.78 -3.03 58.77
C GLN C 424 14.46 -3.81 58.74
N ASN C 425 13.64 -3.66 59.80
CA ASN C 425 12.37 -4.40 59.89
C ASN C 425 11.13 -3.51 59.65
N PRO C 426 10.53 -3.62 58.46
CA PRO C 426 9.36 -2.83 58.03
C PRO C 426 8.13 -2.95 58.96
N PHE C 427 7.95 -4.08 59.63
CA PHE C 427 6.79 -4.25 60.51
C PHE C 427 6.94 -3.59 61.86
N GLU C 428 8.12 -3.01 62.11
CA GLU C 428 8.38 -2.20 63.30
C GLU C 428 7.52 -0.96 63.17
N THR C 429 6.95 -0.57 64.30
CA THR C 429 6.17 0.63 64.36
C THR C 429 7.04 1.73 64.94
N LEU C 430 6.89 2.93 64.41
CA LEU C 430 7.58 4.14 64.88
C LEU C 430 7.15 4.43 66.32
N PRO C 431 8.10 4.49 67.27
CA PRO C 431 7.72 4.53 68.69
C PRO C 431 7.05 5.82 69.17
N GLY C 432 7.12 6.90 68.37
CA GLY C 432 6.42 8.17 68.66
C GLY C 432 4.96 8.10 69.10
N ARG C 436 2.09 12.63 62.74
CA ARG C 436 2.32 12.85 61.31
C ARG C 436 1.17 13.64 60.66
N PRO C 437 1.00 14.92 61.03
CA PRO C 437 -0.22 15.68 60.68
C PRO C 437 -0.40 16.06 59.20
N SER C 438 0.70 16.36 58.50
CA SER C 438 0.64 16.78 57.09
C SER C 438 0.15 15.69 56.12
N GLN C 439 -0.06 14.48 56.65
CA GLN C 439 -0.45 13.33 55.84
C GLN C 439 -1.94 13.03 56.04
N LEU C 440 -2.41 13.09 57.28
CA LEU C 440 -3.84 13.03 57.58
C LEU C 440 -4.61 14.13 56.83
N MET C 441 -3.96 15.29 56.68
CA MET C 441 -4.50 16.42 55.93
C MET C 441 -5.00 15.97 54.55
N ALA C 442 -4.10 15.36 53.79
CA ALA C 442 -4.39 14.92 52.44
C ALA C 442 -5.22 13.63 52.42
N LEU C 443 -5.10 12.84 53.48
CA LEU C 443 -5.68 11.51 53.47
C LEU C 443 -7.17 11.58 53.66
N LEU C 444 -7.57 12.41 54.61
CA LEU C 444 -8.97 12.64 54.92
C LEU C 444 -9.63 13.18 53.65
N GLY C 445 -8.94 14.10 52.97
CA GLY C 445 -9.40 14.69 51.73
C GLY C 445 -9.59 13.66 50.64
N GLU C 446 -8.55 12.87 50.41
CA GLU C 446 -8.58 11.81 49.39
C GLU C 446 -9.73 10.81 49.59
N ALA C 447 -10.03 10.47 50.85
CA ALA C 447 -11.12 9.55 51.18
C ALA C 447 -12.48 10.18 50.94
N ALA C 448 -12.59 11.49 51.18
CA ALA C 448 -13.84 12.24 51.05
C ALA C 448 -14.48 12.18 49.66
N MET C 449 -13.68 11.87 48.66
CA MET C 449 -14.13 11.79 47.26
C MET C 449 -14.67 10.40 46.90
N HIS C 450 -14.80 9.54 47.90
CA HIS C 450 -15.34 8.20 47.71
C HIS C 450 -16.74 8.10 48.30
N GLY C 451 -17.19 9.17 48.94
CA GLY C 451 -18.54 9.23 49.48
C GLY C 451 -18.73 8.55 50.83
N GLU C 452 -19.93 8.77 51.39
CA GLU C 452 -20.35 8.37 52.75
C GLU C 452 -19.67 7.15 53.42
N LYS C 453 -19.85 5.96 52.82
CA LYS C 453 -19.46 4.72 53.48
C LYS C 453 -17.96 4.74 53.79
N TYR C 454 -17.16 4.97 52.75
CA TYR C 454 -15.71 4.87 52.87
C TYR C 454 -15.07 5.95 53.74
N TYR C 455 -15.56 7.18 53.62
CA TYR C 455 -14.94 8.30 54.31
C TYR C 455 -15.04 8.15 55.82
N ARG C 456 -16.21 7.73 56.30
CA ARG C 456 -16.43 7.51 57.73
C ARG C 456 -15.60 6.35 58.27
N THR C 457 -15.43 5.30 57.48
CA THR C 457 -14.54 4.21 57.89
C THR C 457 -13.09 4.73 58.04
N VAL C 458 -12.63 5.49 57.05
CA VAL C 458 -11.30 6.09 57.11
C VAL C 458 -11.22 7.08 58.28
N ALA C 459 -12.20 7.95 58.38
CA ALA C 459 -12.27 8.96 59.45
C ALA C 459 -12.32 8.33 60.85
N SER C 460 -12.97 7.17 60.95
CA SER C 460 -12.98 6.35 62.19
C SER C 460 -11.57 5.91 62.54
N ARG C 461 -10.89 5.24 61.60
CA ARG C 461 -9.54 4.71 61.81
C ARG C 461 -8.52 5.84 61.99
N VAL C 462 -8.75 6.98 61.32
CA VAL C 462 -7.96 8.18 61.52
C VAL C 462 -8.21 8.75 62.93
N SER C 463 -9.44 8.58 63.42
CA SER C 463 -9.85 9.12 64.71
C SER C 463 -9.12 8.50 65.92
N LYS C 464 -8.62 7.27 65.77
CA LYS C 464 -7.87 6.62 66.85
C LYS C 464 -6.39 7.03 66.87
N GLU C 465 -5.81 7.21 65.69
CA GLU C 465 -4.40 7.60 65.54
C GLU C 465 -4.09 8.99 66.12
N ALA C 466 -5.12 9.82 66.27
CA ALA C 466 -4.98 11.17 66.83
C ALA C 466 -4.91 11.19 68.37
N ALA C 467 -5.05 10.03 69.00
CA ALA C 467 -5.00 9.91 70.46
C ALA C 467 -3.66 9.33 70.95
N VAL C 475 -11.86 16.78 63.72
CA VAL C 475 -12.12 16.00 62.50
C VAL C 475 -13.40 16.48 61.78
N PRO C 476 -13.27 16.88 60.49
CA PRO C 476 -14.36 17.46 59.68
C PRO C 476 -15.51 16.51 59.27
N ARG C 477 -16.65 17.11 58.94
CA ARG C 477 -17.81 16.41 58.38
C ARG C 477 -17.63 16.21 56.86
N HIS C 478 -18.31 15.21 56.31
CA HIS C 478 -18.08 14.77 54.93
C HIS C 478 -18.20 15.88 53.87
N ARG C 479 -19.38 16.45 53.68
CA ARG C 479 -19.59 17.45 52.62
C ARG C 479 -18.71 18.69 52.80
N SER C 480 -18.25 18.91 54.03
CA SER C 480 -17.36 20.03 54.38
C SER C 480 -15.93 19.85 53.82
N VAL C 481 -15.33 18.70 54.11
CA VAL C 481 -14.02 18.39 53.57
C VAL C 481 -14.12 18.13 52.06
N LEU C 482 -15.21 17.47 51.64
CA LEU C 482 -15.47 17.21 50.22
C LEU C 482 -15.39 18.50 49.39
N ARG C 483 -16.01 19.55 49.94
CA ARG C 483 -16.06 20.85 49.33
C ARG C 483 -14.67 21.48 49.32
N TRP C 484 -14.02 21.49 50.48
CA TRP C 484 -12.65 21.99 50.59
C TRP C 484 -11.73 21.40 49.53
N VAL C 485 -11.76 20.08 49.35
CA VAL C 485 -10.77 19.43 48.47
C VAL C 485 -11.06 19.60 46.96
N ARG C 486 -12.34 19.76 46.61
CA ARG C 486 -12.76 19.97 45.21
C ARG C 486 -12.63 21.42 44.74
N PHE C 487 -13.07 22.36 45.59
CA PHE C 487 -13.18 23.77 45.23
C PHE C 487 -12.54 24.67 46.29
N GLY C 488 -11.23 24.90 46.17
CA GLY C 488 -10.47 25.69 47.15
C GLY C 488 -10.98 27.09 47.40
S SO4 D . -33.00 -0.03 -11.54
O1 SO4 D . -32.29 0.88 -10.63
O2 SO4 D . -33.38 0.77 -12.71
O3 SO4 D . -34.17 -0.58 -10.87
O4 SO4 D . -32.14 -1.13 -11.97
S SO4 E . -35.81 3.85 -13.91
O1 SO4 E . -36.89 3.35 -14.75
O2 SO4 E . -35.47 5.22 -14.30
O3 SO4 E . -34.62 3.01 -14.09
O4 SO4 E . -36.24 3.84 -12.51
S SO4 F . -38.01 -6.35 -17.87
O1 SO4 F . -37.12 -5.47 -17.12
O2 SO4 F . -38.65 -5.59 -18.94
O3 SO4 F . -39.01 -6.89 -16.95
O4 SO4 F . -37.24 -7.46 -18.46
C58 SVR G . 32.88 -1.96 -3.36
C61 SVR G . 31.84 -3.08 -3.55
O64 SVR G . 31.95 -4.13 -2.92
N63 SVR G . 30.88 -2.82 -4.47
C65 SVR G . 29.84 -3.60 -4.82
C67 SVR G . 29.19 -4.29 -3.78
C70 SVR G . 28.10 -5.11 -4.04
C71 SVR G . 27.62 -5.26 -5.33
S75 SVR G . 26.22 -6.32 -5.60
O80 SVR G . 25.61 -6.70 -4.27
O81 SVR G . 25.18 -5.62 -6.43
O82 SVR G . 26.67 -7.51 -6.26
C66 SVR G . 29.34 -3.74 -6.15
C68 SVR G . 28.24 -4.58 -6.40
C72 SVR G . 27.75 -4.74 -7.70
C69 SVR G . 29.91 -3.09 -7.27
S73 SVR G . 31.25 -2.04 -7.24
O77 SVR G . 31.36 -1.43 -8.54
O78 SVR G . 31.07 -0.99 -6.21
O79 SVR G . 32.47 -2.87 -6.97
C74 SVR G . 29.40 -3.25 -8.55
C76 SVR G . 28.32 -4.08 -8.79
S83 SVR G . 27.76 -4.21 -10.45
O85 SVR G . 28.79 -4.75 -11.29
O86 SVR G . 27.38 -2.84 -10.91
O84 SVR G . 26.56 -5.11 -10.49
S SO4 H . 25.10 -14.46 -10.08
O1 SO4 H . 23.99 -13.50 -10.11
O2 SO4 H . 26.31 -13.87 -10.61
O3 SO4 H . 24.75 -15.61 -10.91
O4 SO4 H . 25.32 -14.90 -8.71
C58 SVR I . -7.38 -10.52 51.33
C61 SVR I . -6.90 -9.85 50.03
O64 SVR I . -6.89 -10.48 48.97
N63 SVR I . -6.51 -8.57 50.17
C65 SVR I . -6.09 -7.71 49.21
C67 SVR I . -6.34 -8.03 47.87
C70 SVR I . -5.97 -7.18 46.84
C71 SVR I . -5.33 -5.98 47.14
S75 SVR I . -4.87 -4.94 45.80
O80 SVR I . -5.47 -5.52 44.53
O81 SVR I . -5.41 -3.55 46.05
O82 SVR I . -3.45 -4.95 45.67
C66 SVR I . -5.46 -6.49 49.51
C68 SVR I . -5.07 -5.63 48.47
C72 SVR I . -4.43 -4.42 48.75
C69 SVR I . -5.17 -6.09 50.84
S73 SVR I . -5.59 -7.06 52.22
O77 SVR I . -5.21 -6.41 53.43
O78 SVR I . -7.07 -7.26 52.20
O79 SVR I . -4.86 -8.38 52.13
C74 SVR I . -4.54 -4.88 51.08
C76 SVR I . -4.15 -4.04 50.05
S83 SVR I . -3.35 -2.51 50.41
O85 SVR I . -2.40 -2.66 51.47
O86 SVR I . -4.43 -1.55 50.85
O84 SVR I . -2.66 -2.00 49.18
O35 SVR J . -1.35 -1.84 39.07
S31 SVR J . -1.37 -1.20 40.46
O36 SVR J . -2.03 0.18 40.43
O34 SVR J . -2.17 -2.09 41.44
C22 SVR J . 0.32 -0.98 40.97
C18 SVR J . 1.24 -2.01 41.03
C11 SVR J . 2.57 -1.79 41.43
S17 SVR J . 3.61 -3.27 41.47
O23 SVR J . 2.68 -4.48 41.56
O24 SVR J . 4.46 -3.40 40.21
O25 SVR J . 4.46 -3.27 42.75
C16 SVR J . 0.74 0.30 41.31
C10 SVR J . 2.04 0.56 41.72
C15 SVR J . 2.36 1.88 42.06
S21 SVR J . 1.14 3.19 41.97
O28 SVR J . 0.96 3.68 40.53
O29 SVR J . 1.60 4.34 42.89
O30 SVR J . -0.21 2.65 42.48
C12 SVR J . 3.66 2.21 42.46
C7 SVR J . 4.60 1.20 42.54
C6 SVR J . 2.99 -0.49 41.79
C3 SVR J . 4.28 -0.13 42.24
N1 SVR J . 5.25 -1.03 42.24
C2 SVR J . 6.08 -0.87 41.15
O4 SVR J . 5.93 0.03 40.33
C5 SVR J . 7.14 -1.75 40.96
C8 SVR J . 7.37 -2.35 39.69
C9 SVR J . 7.98 -1.99 42.03
C14 SVR J . 9.05 -2.86 41.88
C20 SVR J . 9.26 -3.46 40.66
C27 SVR J . 10.34 -4.29 40.57
C13 SVR J . 8.47 -3.21 39.54
N19 SVR J . 8.76 -3.89 38.40
C26 SVR J . 9.99 -3.84 37.77
O32 SVR J . 10.94 -3.17 38.14
C33 SVR J . 10.15 -4.67 36.64
C37 SVR J . 11.25 -5.55 36.60
C38 SVR J . 9.25 -4.65 35.57
C40 SVR J . 9.44 -5.49 34.46
C42 SVR J . 10.54 -6.35 34.44
C39 SVR J . 11.47 -6.38 35.50
N41 SVR J . 12.53 -7.21 35.57
C43 SVR J . 13.00 -8.02 34.58
O45 SVR J . 13.96 -8.74 34.84
N44 SVR J . 12.45 -8.03 33.34
C46 SVR J . 12.95 -8.82 32.37
C47 SVR J . 13.32 -10.15 32.59
C48 SVR J . 13.11 -8.28 31.09
C50 SVR J . 13.63 -9.05 30.06
C52 SVR J . 13.99 -10.37 30.30
C49 SVR J . 13.84 -10.94 31.57
C51 SVR J . 14.22 -12.27 31.81
O54 SVR J . 14.04 -12.86 33.21
N53 SVR J . 14.77 -13.01 30.84
S SO4 K . 22.59 -7.85 50.26
O1 SO4 K . 21.93 -6.83 51.06
O2 SO4 K . 23.13 -7.32 48.99
O3 SO4 K . 23.74 -8.34 51.04
O4 SO4 K . 21.60 -8.90 49.98
S SO4 L . 28.04 -11.64 35.25
O1 SO4 L . 26.79 -11.17 35.88
O2 SO4 L . 28.04 -11.39 33.78
O3 SO4 L . 28.18 -13.08 35.48
O4 SO4 L . 29.17 -10.96 35.84
S SO4 M . 7.66 -1.43 34.75
O1 SO4 M . 8.61 -0.57 35.45
O2 SO4 M . 6.79 -0.59 33.93
O3 SO4 M . 6.85 -2.17 35.71
O4 SO4 M . 8.39 -2.37 33.89
#